data_8QZ8
#
_entry.id   8QZ8
#
_cell.length_a   1.00
_cell.length_b   1.00
_cell.length_c   1.00
_cell.angle_alpha   90.00
_cell.angle_beta   90.00
_cell.angle_gamma   90.00
#
_symmetry.space_group_name_H-M   'P 1'
#
loop_
_entity.id
_entity.type
_entity.pdbx_description
1 polymer 'Polymerase acidic protein (PA-like)'
2 polymer 'Putative PB1'
3 polymer 'RNA-dependent RNA polymerase'
4 polymer 'Template vRNA_S loop (40-mer)'
5 polymer 'Transcription-like product'
6 non-polymer 'ZINC ION'
7 non-polymer 'PHOSPHOMETHYLPHOSPHONIC ACID GUANYLATE ESTER'
8 non-polymer 'MAGNESIUM ION'
#
loop_
_entity_poly.entity_id
_entity_poly.type
_entity_poly.pdbx_seq_one_letter_code
_entity_poly.pdbx_strand_id
1 'polypeptide(L)'
;MDSRFAQLTGVFCDDFTYSEGSRRFLSSYSTVERRPGVPVEGDCYDCLKNKWIAFELEGQPRKFPKATVRCILNNDATYV
CSEQEYQQICKVQFKDYLEIDGVVKVGHKASYDAELRERLLELPHPKSGPKPRIEWVAPPRLADISKETAELKRQYGFFE
CSKFLACGEECGLDQEARELILNEYARDREFEFRNGGWIQRYTVASHKPATQKILPLPASAPLARELLMLIARSTTQAGK
VLHSDNTSILAVPVMRDSGKHSKRRPTASTHHLVVGLSKPGCEHDFEFDGYRAAVHVMHLDPKQSANIGEQDFVSTREIY
KLDMLELPPISRKGDLDRASGLETRWDVILLLECLDSTRVSQAVAQHFNRHRLALSVCKDEFRKGYQLASEIRGTIPLSS
LYYSLCAVRLRMTVHPFAR
;
A
2 'polypeptide(L)'
;MWAFQEGVCKGNLLSGPTSMKAPDSAARESIDRASEIMTGKSYNAVHTGDLSKLPNQGESPLRIVDSDLYSERSCCWVIE
KEGRVVCKSTTLTRGMTSLLNTTKCSSPSELICKVLTVESLSEKIGDTSVEELLSHGRYFKCALRDQERGKPKSRAIFLS
HPFFRLLSSVVETHARSVLSKVSAVYTATASAEQRAMMAAQVVESRKHVLNGDCTKYNEAIDADTLLKVWDAIGMGSIGV
MLAYMVRRKCVLIKDTLVECPGGMLMGMFNATATLALQGTTDRFLSFSDDFITSFNSPAELREIEDLLFASCHNLSLKKS
YISVASLEINSCTLTRDGDLATGLGCTAGVPFRGPLVTLKQTAAMLSGAVDSGVMPFHSAERLFQIKQQECAYRYNNPTY
TTRNEDFLPTCLGGKTVISFQSLLTWDCHPFWYQVHPDGPDTIDQKVLSVLASKTRRRRTRLEALSDLDPLVPHRLLVSE
SDVSKIRAARQAHLKSLGLEQPTNFNYAIYKAVQPTAGC
;
B
3 'polypeptide(L)'
;MSQFGKSFKGRTEVTITEYRSHTVKDVHRSLLTADKSLRKSFCFRNALNQFLDKDLPLLPIRPKLESRVAVKKSKLRSQL
SFRPGLTQEEAIDLYNKGYDGDSVSGALQDRVVNEPVAYSSADNDKFHRGLAALGYTLADRAFDTCESGFVRAIPTTPCG
FICCGPGSFKDSLGFVIKIGEFWHMYDGFQHFVAVEDAKFLASKSPSFWLAKRLAKRLNLVPKEDPSVAAAECPCKKVWE
ASFARAPTALDPFGGRAFCDQGWVYHRDVGYATANHISQETLFQQALSVRNLGPQGSANVSGSIHTALDRLRAAYSRGTP
ASRSILQGLANLITPVGENFECDLDKRKLNIKALRSPERYITIEGLVVNLDDVVRGFYLDKAKVTVLSRSKWMGYEDLPQ
KPPNGTFYCRKRKAMLLISCSPGTYAKKRKVAVQEDRFKDMRVENFREVAENMDLNQGSGSENLYFQGHHHHHHHHHH
;
C
4 'polyribonucleotide' GCAAAUCUUUCUCACGUCCUGAUUUGUGAGUAAAAUUUGG V
5 'polyribonucleotide' AGAAUAUAAUACCAAAUUUUACUCACAAAUCA P
#
# COMPACT_ATOMS: atom_id res chain seq x y z
N MET A 1 -29.71 -6.98 9.28
CA MET A 1 -29.51 -6.07 10.44
C MET A 1 -29.28 -4.64 9.97
N ASP A 2 -30.30 -3.80 10.10
CA ASP A 2 -30.25 -2.41 9.66
C ASP A 2 -30.41 -1.51 10.87
N SER A 3 -29.54 -0.50 10.98
CA SER A 3 -29.62 0.44 12.10
C SER A 3 -30.89 1.27 12.07
N ARG A 4 -31.57 1.33 10.93
CA ARG A 4 -32.80 2.14 10.84
C ARG A 4 -33.79 1.74 11.91
N PHE A 5 -33.89 0.44 12.21
CA PHE A 5 -34.86 -0.07 13.17
C PHE A 5 -34.33 -0.07 14.60
N ALA A 6 -33.07 0.32 14.81
CA ALA A 6 -32.49 0.29 16.15
C ALA A 6 -33.43 0.97 17.15
N GLN A 7 -33.68 2.27 16.95
CA GLN A 7 -34.58 2.99 17.83
C GLN A 7 -35.90 2.24 17.99
N LEU A 8 -36.46 1.78 16.87
CA LEU A 8 -37.72 1.04 16.92
C LEU A 8 -37.61 -0.14 17.89
N THR A 9 -36.55 -0.94 17.75
CA THR A 9 -36.39 -2.08 18.64
C THR A 9 -36.31 -1.63 20.09
N GLY A 10 -35.68 -0.48 20.34
CA GLY A 10 -35.61 0.02 21.70
C GLY A 10 -36.99 0.24 22.29
N VAL A 11 -37.94 0.69 21.47
CA VAL A 11 -39.31 0.86 21.95
C VAL A 11 -39.94 -0.49 22.25
N PHE A 12 -39.63 -1.51 21.43
CA PHE A 12 -40.21 -2.83 21.64
C PHE A 12 -39.82 -3.39 23.00
N CYS A 13 -38.52 -3.42 23.30
CA CYS A 13 -38.03 -3.94 24.57
C CYS A 13 -38.13 -2.85 25.64
N ASP A 14 -39.37 -2.61 26.06
CA ASP A 14 -39.68 -1.56 27.02
C ASP A 14 -39.95 -2.21 28.37
N ASP A 15 -38.88 -2.42 29.14
CA ASP A 15 -38.97 -2.93 30.51
C ASP A 15 -39.80 -4.21 30.56
N PHE A 16 -39.54 -5.11 29.62
CA PHE A 16 -40.17 -6.43 29.61
C PHE A 16 -39.25 -7.42 30.31
N THR A 17 -39.81 -8.17 31.26
CA THR A 17 -39.04 -9.07 32.09
C THR A 17 -39.65 -10.47 32.06
N TYR A 18 -38.81 -11.46 32.35
CA TYR A 18 -39.23 -12.85 32.42
C TYR A 18 -38.38 -13.55 33.47
N SER A 19 -38.88 -14.69 33.94
CA SER A 19 -38.20 -15.47 34.97
C SER A 19 -37.97 -14.64 36.22
N GLU A 20 -38.94 -13.78 36.54
CA GLU A 20 -38.92 -12.98 37.78
C GLU A 20 -37.66 -12.12 37.86
N GLY A 21 -37.54 -11.17 36.93
CA GLY A 21 -36.49 -10.18 36.98
C GLY A 21 -35.64 -10.09 35.73
N SER A 22 -35.34 -11.22 35.12
CA SER A 22 -34.50 -11.23 33.92
C SER A 22 -35.22 -10.51 32.78
N ARG A 23 -34.45 -9.73 32.02
CA ARG A 23 -35.02 -9.04 30.87
C ARG A 23 -35.43 -10.05 29.81
N ARG A 24 -36.60 -9.83 29.21
CA ARG A 24 -37.13 -10.80 28.26
C ARG A 24 -36.57 -10.57 26.87
N PHE A 25 -36.78 -9.38 26.31
CA PHE A 25 -36.37 -9.07 24.95
C PHE A 25 -35.02 -8.37 24.98
N LEU A 26 -34.04 -8.97 24.31
CA LEU A 26 -32.69 -8.41 24.20
C LEU A 26 -32.53 -7.83 22.81
N SER A 27 -32.29 -6.52 22.73
CA SER A 27 -32.12 -5.86 21.44
C SER A 27 -30.78 -6.21 20.83
N SER A 28 -30.80 -6.53 19.52
CA SER A 28 -29.56 -6.84 18.83
C SER A 28 -28.72 -5.61 18.57
N TYR A 29 -29.30 -4.42 18.66
CA TYR A 29 -28.59 -3.17 18.43
C TYR A 29 -28.04 -2.55 19.71
N SER A 30 -28.22 -3.20 20.86
CA SER A 30 -27.72 -2.71 22.13
C SER A 30 -26.56 -3.59 22.58
N THR A 31 -25.42 -2.95 22.89
CA THR A 31 -24.22 -3.71 23.24
C THR A 31 -24.40 -4.43 24.57
N VAL A 32 -24.99 -3.75 25.57
CA VAL A 32 -25.16 -4.39 26.87
C VAL A 32 -26.21 -5.50 26.80
N GLU A 33 -27.29 -5.27 26.06
CA GLU A 33 -28.32 -6.29 25.94
C GLU A 33 -27.86 -7.46 25.09
N ARG A 34 -26.98 -7.22 24.12
CA ARG A 34 -26.49 -8.28 23.25
C ARG A 34 -25.86 -9.40 24.07
N ARG A 35 -26.14 -10.64 23.69
CA ARG A 35 -25.52 -11.79 24.31
C ARG A 35 -24.21 -12.11 23.60
N PRO A 36 -23.07 -12.05 24.27
CA PRO A 36 -21.79 -12.28 23.56
C PRO A 36 -21.70 -13.68 22.99
N GLY A 37 -21.02 -13.79 21.85
CA GLY A 37 -20.74 -15.08 21.26
C GLY A 37 -21.90 -15.76 20.60
N VAL A 38 -22.98 -15.05 20.29
CA VAL A 38 -24.16 -15.60 19.64
C VAL A 38 -24.39 -14.83 18.35
N PRO A 39 -24.56 -15.48 17.20
CA PRO A 39 -24.84 -14.73 15.98
C PRO A 39 -26.23 -14.10 16.04
N VAL A 40 -26.38 -13.02 15.28
CA VAL A 40 -27.63 -12.27 15.23
C VAL A 40 -28.46 -12.77 14.06
N GLU A 41 -29.67 -13.23 14.35
CA GLU A 41 -30.61 -13.67 13.33
C GLU A 41 -31.89 -12.86 13.33
N GLY A 42 -31.93 -11.74 14.04
CA GLY A 42 -33.12 -10.91 14.09
C GLY A 42 -32.84 -9.61 14.80
N ASP A 43 -33.85 -8.73 14.79
CA ASP A 43 -33.70 -7.43 15.42
C ASP A 43 -33.63 -7.56 16.94
N CYS A 44 -34.28 -8.56 17.52
CA CYS A 44 -34.20 -8.79 18.96
C CYS A 44 -34.40 -10.27 19.23
N TYR A 45 -34.05 -10.68 20.44
CA TYR A 45 -34.14 -12.06 20.87
C TYR A 45 -35.07 -12.17 22.07
N ASP A 46 -35.99 -13.12 22.02
CA ASP A 46 -36.92 -13.39 23.11
C ASP A 46 -36.51 -14.68 23.80
N CYS A 47 -36.09 -14.57 25.06
CA CYS A 47 -35.62 -15.73 25.80
C CYS A 47 -36.78 -16.64 26.20
N LEU A 48 -37.93 -16.05 26.55
CA LEU A 48 -39.06 -16.86 27.00
C LEU A 48 -39.48 -17.87 25.93
N LYS A 49 -39.61 -17.41 24.70
CA LYS A 49 -39.93 -18.29 23.57
C LYS A 49 -38.69 -18.69 22.78
N ASN A 50 -37.52 -18.17 23.15
CA ASN A 50 -36.27 -18.48 22.44
C ASN A 50 -36.50 -18.30 20.94
N LYS A 51 -36.82 -17.08 20.55
CA LYS A 51 -37.15 -16.76 19.16
C LYS A 51 -36.55 -15.42 18.76
N TRP A 52 -36.09 -15.34 17.52
CA TRP A 52 -35.59 -14.09 16.96
C TRP A 52 -36.74 -13.35 16.29
N ILE A 53 -36.81 -12.04 16.53
CA ILE A 53 -37.85 -11.18 15.99
C ILE A 53 -37.21 -10.12 15.12
N ALA A 54 -37.74 -9.96 13.91
CA ALA A 54 -37.30 -8.94 12.97
C ALA A 54 -38.49 -8.11 12.53
N PHE A 55 -38.24 -6.86 12.21
CA PHE A 55 -39.27 -5.93 11.78
C PHE A 55 -39.07 -5.59 10.30
N GLU A 56 -40.19 -5.52 9.57
CA GLU A 56 -40.16 -5.24 8.15
C GLU A 56 -41.30 -4.31 7.80
N LEU A 57 -41.31 -3.86 6.56
CA LEU A 57 -42.37 -3.04 5.99
C LEU A 57 -43.04 -3.79 4.86
N GLU A 58 -44.03 -3.14 4.23
CA GLU A 58 -44.75 -3.76 3.13
C GLU A 58 -43.83 -3.88 1.91
N GLY A 59 -43.69 -5.10 1.41
CA GLY A 59 -42.88 -5.32 0.22
C GLY A 59 -41.43 -4.94 0.37
N GLN A 60 -40.89 -5.04 1.58
CA GLN A 60 -39.47 -4.77 1.85
C GLN A 60 -38.91 -5.92 2.69
N PRO A 61 -38.74 -7.09 2.09
CA PRO A 61 -38.20 -8.22 2.84
C PRO A 61 -36.76 -7.97 3.27
N ARG A 62 -36.41 -8.54 4.42
CA ARG A 62 -35.09 -8.36 5.01
C ARG A 62 -34.35 -9.68 5.03
N LYS A 63 -33.03 -9.62 4.88
CA LYS A 63 -32.21 -10.82 4.82
C LYS A 63 -32.07 -11.41 6.22
N PHE A 64 -32.98 -12.31 6.58
CA PHE A 64 -32.97 -12.98 7.87
C PHE A 64 -33.44 -14.41 7.68
N PRO A 65 -33.06 -15.31 8.58
CA PRO A 65 -33.51 -16.70 8.45
C PRO A 65 -35.03 -16.82 8.56
N LYS A 66 -35.58 -17.83 7.89
CA LYS A 66 -37.02 -18.04 7.93
C LYS A 66 -37.52 -18.25 9.35
N ALA A 67 -36.69 -18.78 10.23
CA ALA A 67 -37.09 -19.02 11.61
C ALA A 67 -37.34 -17.72 12.36
N THR A 68 -36.87 -16.59 11.84
CA THR A 68 -37.06 -15.30 12.49
C THR A 68 -38.47 -14.79 12.19
N VAL A 69 -39.29 -14.64 13.23
CA VAL A 69 -40.65 -14.15 13.05
C VAL A 69 -40.60 -12.67 12.66
N ARG A 70 -41.35 -12.31 11.63
CA ARG A 70 -41.36 -10.95 11.10
C ARG A 70 -42.60 -10.22 11.59
N CYS A 71 -42.40 -9.05 12.21
CA CYS A 71 -43.50 -8.19 12.63
C CYS A 71 -43.72 -7.17 11.51
N ILE A 72 -44.40 -7.60 10.45
CA ILE A 72 -44.60 -6.75 9.29
C ILE A 72 -45.42 -5.54 9.69
N LEU A 73 -44.88 -4.35 9.41
CA LEU A 73 -45.57 -3.10 9.67
C LEU A 73 -46.30 -2.68 8.40
N ASN A 74 -47.63 -2.80 8.42
CA ASN A 74 -48.42 -2.48 7.25
C ASN A 74 -48.38 -0.96 6.99
N ASN A 75 -48.69 -0.61 5.74
CA ASN A 75 -48.77 0.82 5.40
C ASN A 75 -49.75 1.54 6.31
N ASP A 76 -50.87 0.90 6.63
CA ASP A 76 -51.82 1.45 7.57
C ASP A 76 -51.26 1.33 8.99
N ALA A 77 -51.92 2.01 9.93
CA ALA A 77 -51.53 1.98 11.34
C ALA A 77 -51.95 0.66 11.96
N THR A 78 -51.35 -0.42 11.46
CA THR A 78 -51.64 -1.77 11.95
C THR A 78 -50.37 -2.60 11.85
N TYR A 79 -50.19 -3.50 12.81
CA TYR A 79 -49.04 -4.39 12.87
C TYR A 79 -49.54 -5.82 12.84
N VAL A 80 -48.99 -6.61 11.92
CA VAL A 80 -49.40 -8.00 11.74
C VAL A 80 -48.17 -8.88 11.92
N CYS A 81 -48.33 -9.94 12.72
CA CYS A 81 -47.25 -10.89 12.97
C CYS A 81 -47.83 -12.28 13.10
N SER A 82 -46.98 -13.28 12.84
CA SER A 82 -47.43 -14.67 12.96
C SER A 82 -47.84 -14.99 14.39
N GLU A 83 -47.06 -14.53 15.36
CA GLU A 83 -47.35 -14.80 16.76
C GLU A 83 -48.30 -13.74 17.31
N GLN A 84 -49.36 -14.18 17.98
CA GLN A 84 -50.35 -13.25 18.49
C GLN A 84 -49.74 -12.33 19.55
N GLU A 85 -48.90 -12.88 20.43
CA GLU A 85 -48.35 -12.07 21.51
C GLU A 85 -47.46 -10.96 20.97
N TYR A 86 -46.63 -11.27 19.98
CA TYR A 86 -45.76 -10.24 19.41
C TYR A 86 -46.57 -9.17 18.70
N GLN A 87 -47.64 -9.56 18.00
CA GLN A 87 -48.52 -8.57 17.38
C GLN A 87 -49.16 -7.67 18.43
N GLN A 88 -49.61 -8.26 19.55
CA GLN A 88 -50.20 -7.47 20.62
C GLN A 88 -49.19 -6.50 21.21
N ILE A 89 -47.94 -6.96 21.41
CA ILE A 89 -46.91 -6.07 21.93
C ILE A 89 -46.61 -4.95 20.95
N CYS A 90 -46.62 -5.26 19.65
CA CYS A 90 -46.43 -4.22 18.65
C CYS A 90 -47.54 -3.18 18.74
N LYS A 91 -48.79 -3.62 18.86
CA LYS A 91 -49.90 -2.69 18.96
C LYS A 91 -49.79 -1.84 20.22
N VAL A 92 -49.36 -2.44 21.33
CA VAL A 92 -49.33 -1.73 22.60
C VAL A 92 -48.17 -0.73 22.64
N GLN A 93 -46.94 -1.23 22.46
CA GLN A 93 -45.77 -0.38 22.63
C GLN A 93 -45.73 0.74 21.60
N PHE A 94 -46.07 0.44 20.35
CA PHE A 94 -46.02 1.46 19.30
C PHE A 94 -47.26 2.34 19.35
N LYS A 95 -47.56 2.91 20.52
CA LYS A 95 -48.72 3.79 20.63
C LYS A 95 -48.49 5.10 19.90
N ASP A 96 -47.32 5.71 20.09
CA ASP A 96 -46.95 6.90 19.34
C ASP A 96 -46.41 6.48 17.98
N TYR A 97 -46.96 7.07 16.91
CA TYR A 97 -46.58 6.69 15.56
C TYR A 97 -45.07 6.87 15.35
N LEU A 98 -44.37 5.77 15.16
CA LEU A 98 -42.92 5.79 14.92
C LEU A 98 -42.70 5.56 13.43
N GLU A 99 -42.54 6.64 12.69
CA GLU A 99 -42.28 6.57 11.26
C GLU A 99 -40.79 6.36 11.04
N ILE A 100 -40.44 5.19 10.50
CA ILE A 100 -39.03 4.87 10.26
C ILE A 100 -38.51 5.77 9.16
N ASP A 101 -37.38 6.42 9.42
CA ASP A 101 -36.80 7.32 8.43
C ASP A 101 -36.39 6.55 7.18
N GLY A 102 -36.76 7.09 6.02
CA GLY A 102 -36.43 6.43 4.77
C GLY A 102 -34.93 6.46 4.51
N VAL A 103 -34.47 5.44 3.78
CA VAL A 103 -33.05 5.35 3.47
C VAL A 103 -32.65 6.51 2.56
N VAL A 104 -31.53 7.14 2.89
CA VAL A 104 -31.03 8.29 2.15
C VAL A 104 -30.06 7.78 1.08
N LYS A 105 -30.32 8.15 -0.17
CA LYS A 105 -29.48 7.74 -1.28
C LYS A 105 -28.29 8.68 -1.44
N VAL A 106 -27.26 8.19 -2.15
CA VAL A 106 -26.08 9.01 -2.39
C VAL A 106 -26.42 10.20 -3.29
N GLY A 107 -27.37 10.03 -4.19
CA GLY A 107 -27.71 11.09 -5.13
C GLY A 107 -28.76 12.05 -4.59
N HIS A 108 -28.97 12.02 -3.28
CA HIS A 108 -29.97 12.89 -2.67
C HIS A 108 -29.73 14.34 -3.07
N LYS A 109 -30.78 14.98 -3.58
CA LYS A 109 -30.72 16.38 -4.01
C LYS A 109 -31.33 17.22 -2.90
N ALA A 110 -30.46 17.85 -2.10
CA ALA A 110 -30.93 18.63 -0.97
C ALA A 110 -31.65 19.89 -1.46
N SER A 111 -32.37 20.52 -0.53
CA SER A 111 -33.12 21.73 -0.86
C SER A 111 -32.22 22.87 -1.31
N TYR A 112 -30.94 22.84 -0.93
CA TYR A 112 -30.00 23.90 -1.25
C TYR A 112 -29.14 23.58 -2.47
N ASP A 113 -29.45 22.49 -3.18
CA ASP A 113 -28.62 22.10 -4.31
C ASP A 113 -28.59 23.18 -5.38
N ALA A 114 -29.75 23.75 -5.71
CA ALA A 114 -29.79 24.80 -6.72
C ALA A 114 -29.04 26.04 -6.25
N GLU A 115 -29.19 26.40 -4.98
CA GLU A 115 -28.49 27.58 -4.46
C GLU A 115 -26.98 27.38 -4.51
N LEU A 116 -26.49 26.21 -4.10
CA LEU A 116 -25.06 25.95 -4.15
C LEU A 116 -24.55 25.93 -5.58
N ARG A 117 -25.34 25.35 -6.50
CA ARG A 117 -24.94 25.34 -7.90
C ARG A 117 -24.84 26.76 -8.46
N GLU A 118 -25.81 27.61 -8.11
CA GLU A 118 -25.74 29.00 -8.53
C GLU A 118 -24.51 29.69 -7.96
N ARG A 119 -24.23 29.48 -6.67
CA ARG A 119 -23.05 30.09 -6.07
C ARG A 119 -21.79 29.64 -6.78
N LEU A 120 -21.67 28.35 -7.07
CA LEU A 120 -20.50 27.86 -7.78
C LEU A 120 -20.41 28.47 -9.18
N LEU A 121 -21.55 28.63 -9.85
CA LEU A 121 -21.56 29.22 -11.18
C LEU A 121 -21.05 30.65 -11.14
N GLU A 122 -21.45 31.43 -10.13
CA GLU A 122 -21.00 32.81 -10.02
C GLU A 122 -19.52 32.91 -9.66
N LEU A 123 -18.88 31.82 -9.25
CA LEU A 123 -17.48 31.85 -8.86
C LEU A 123 -16.58 31.71 -10.08
N PRO A 124 -15.30 32.05 -9.95
CA PRO A 124 -14.40 32.01 -11.11
C PRO A 124 -14.25 30.60 -11.67
N HIS A 125 -14.01 30.53 -12.97
CA HIS A 125 -13.75 29.29 -13.69
C HIS A 125 -12.47 29.44 -14.49
N PRO A 126 -11.82 28.33 -14.83
CA PRO A 126 -10.55 28.42 -15.55
C PRO A 126 -10.75 28.69 -17.04
N LYS A 127 -9.65 29.04 -17.69
CA LYS A 127 -9.63 29.23 -19.13
C LYS A 127 -9.01 28.00 -19.80
N SER A 128 -9.28 27.87 -21.10
CA SER A 128 -8.95 26.62 -21.79
C SER A 128 -7.46 26.31 -21.71
N GLY A 129 -6.62 27.29 -21.99
CA GLY A 129 -5.18 27.08 -22.03
C GLY A 129 -4.75 26.57 -23.40
N PRO A 130 -3.44 26.54 -23.64
CA PRO A 130 -2.94 26.15 -24.96
C PRO A 130 -2.67 24.67 -25.08
N LYS A 131 -2.81 24.18 -26.31
CA LYS A 131 -2.47 22.79 -26.61
C LYS A 131 -0.99 22.69 -26.94
N PRO A 132 -0.19 21.98 -26.15
CA PRO A 132 1.25 21.95 -26.41
C PRO A 132 1.57 21.25 -27.72
N ARG A 133 2.62 21.73 -28.38
CA ARG A 133 3.15 21.10 -29.58
C ARG A 133 4.35 20.25 -29.17
N ILE A 134 4.17 18.93 -29.21
CA ILE A 134 5.18 17.98 -28.74
C ILE A 134 5.92 17.44 -29.96
N GLU A 135 7.24 17.58 -29.96
CA GLU A 135 8.09 17.01 -30.98
C GLU A 135 8.94 15.92 -30.34
N TRP A 136 8.80 14.70 -30.83
CA TRP A 136 9.49 13.55 -30.26
C TRP A 136 10.81 13.36 -30.98
N VAL A 137 11.91 13.53 -30.26
CA VAL A 137 13.26 13.44 -30.80
C VAL A 137 14.06 12.47 -29.96
N ALA A 138 15.27 12.16 -30.43
CA ALA A 138 16.13 11.25 -29.70
C ALA A 138 16.54 11.86 -28.36
N PRO A 139 16.88 11.03 -27.37
CA PRO A 139 17.25 11.55 -26.06
C PRO A 139 18.48 12.44 -26.16
N PRO A 140 18.82 13.16 -25.09
CA PRO A 140 20.00 14.02 -25.13
C PRO A 140 21.26 13.22 -25.40
N ARG A 141 22.18 13.82 -26.15
CA ARG A 141 23.45 13.19 -26.48
C ARG A 141 24.53 13.68 -25.51
N LEU A 142 25.72 13.10 -25.64
CA LEU A 142 26.82 13.46 -24.76
C LEU A 142 27.09 14.96 -24.76
N ALA A 143 26.86 15.62 -25.89
CA ALA A 143 27.10 17.04 -25.98
C ALA A 143 26.22 17.81 -25.00
N ASP A 144 24.98 17.37 -24.81
CA ASP A 144 24.07 18.07 -23.91
C ASP A 144 24.55 17.99 -22.46
N ILE A 145 24.97 16.80 -22.02
CA ILE A 145 25.45 16.67 -20.66
C ILE A 145 26.74 17.44 -20.48
N SER A 146 27.60 17.44 -21.50
CA SER A 146 28.82 18.23 -21.44
C SER A 146 28.48 19.72 -21.31
N LYS A 147 27.47 20.18 -22.04
CA LYS A 147 27.05 21.57 -21.92
C LYS A 147 26.54 21.87 -20.52
N GLU A 148 25.78 20.95 -19.94
CA GLU A 148 25.28 21.15 -18.58
C GLU A 148 26.43 21.29 -17.59
N THR A 149 27.41 20.39 -17.66
CA THR A 149 28.53 20.46 -16.74
C THR A 149 29.34 21.73 -16.96
N ALA A 150 29.56 22.11 -18.22
CA ALA A 150 30.30 23.33 -18.50
C ALA A 150 29.58 24.56 -17.97
N GLU A 151 28.24 24.58 -18.10
CA GLU A 151 27.47 25.69 -17.56
C GLU A 151 27.60 25.75 -16.04
N LEU A 152 27.54 24.60 -15.37
CA LEU A 152 27.71 24.59 -13.93
C LEU A 152 29.08 25.13 -13.54
N LYS A 153 30.13 24.66 -14.20
CA LYS A 153 31.48 25.12 -13.90
C LYS A 153 31.59 26.63 -14.10
N ARG A 154 31.09 27.12 -15.23
CA ARG A 154 31.18 28.55 -15.53
C ARG A 154 30.43 29.38 -14.51
N GLN A 155 29.23 28.94 -14.13
CA GLN A 155 28.42 29.74 -13.23
C GLN A 155 29.00 29.76 -11.82
N TYR A 156 29.50 28.62 -11.34
CA TYR A 156 29.96 28.51 -9.96
C TYR A 156 31.45 28.30 -9.81
N GLY A 157 32.09 27.58 -10.72
CA GLY A 157 33.51 27.34 -10.61
C GLY A 157 33.83 26.23 -9.63
N PHE A 158 35.05 26.31 -9.07
CA PHE A 158 35.54 25.31 -8.15
C PHE A 158 36.19 25.97 -6.95
N PHE A 159 36.21 25.26 -5.82
CA PHE A 159 36.93 25.71 -4.65
C PHE A 159 38.41 25.35 -4.76
N GLU A 160 39.22 26.00 -3.92
CA GLU A 160 40.65 25.72 -3.93
C GLU A 160 40.96 24.38 -3.25
N CYS A 161 40.22 24.05 -2.20
CA CYS A 161 40.41 22.80 -1.46
C CYS A 161 39.08 22.07 -1.34
N SER A 162 39.17 20.78 -1.00
CA SER A 162 37.98 19.93 -0.93
C SER A 162 37.09 20.25 0.26
N LYS A 163 37.54 21.08 1.19
CA LYS A 163 36.74 21.45 2.37
C LYS A 163 36.42 20.17 3.12
N PHE A 164 35.20 20.00 3.63
CA PHE A 164 34.92 18.86 4.51
C PHE A 164 35.12 17.53 3.81
N LEU A 165 35.05 17.49 2.47
CA LEU A 165 35.29 16.23 1.77
C LEU A 165 36.69 15.71 2.06
N ALA A 166 37.66 16.63 2.21
CA ALA A 166 39.02 16.23 2.55
C ALA A 166 39.08 15.48 3.88
N CYS A 167 38.08 15.66 4.75
CA CYS A 167 38.05 14.94 6.01
C CYS A 167 37.84 13.45 5.82
N GLY A 168 37.48 13.01 4.62
CA GLY A 168 37.36 11.59 4.34
C GLY A 168 38.68 10.85 4.25
N GLU A 169 39.80 11.56 4.40
CA GLU A 169 41.12 10.96 4.40
C GLU A 169 41.85 11.29 5.70
N GLU A 170 42.81 10.44 6.05
CA GLU A 170 43.55 10.62 7.29
C GLU A 170 44.26 11.97 7.28
N CYS A 171 44.27 12.63 8.44
CA CYS A 171 44.93 13.93 8.60
C CYS A 171 46.39 13.79 9.03
N GLY A 172 46.87 12.58 9.27
CA GLY A 172 48.26 12.39 9.64
C GLY A 172 48.62 12.82 11.05
N LEU A 173 47.64 12.86 11.96
CA LEU A 173 47.88 13.25 13.34
C LEU A 173 47.31 12.19 14.27
N ASP A 174 48.00 11.94 15.37
CA ASP A 174 47.55 10.99 16.36
C ASP A 174 46.40 11.57 17.17
N GLN A 175 45.81 10.73 18.01
CA GLN A 175 44.61 11.14 18.75
C GLN A 175 44.87 12.37 19.60
N GLU A 176 45.98 12.37 20.34
CA GLU A 176 46.28 13.51 21.21
C GLU A 176 46.48 14.77 20.39
N ALA A 177 47.22 14.68 19.29
CA ALA A 177 47.43 15.85 18.44
C ALA A 177 46.12 16.35 17.86
N ARG A 178 45.26 15.43 17.42
CA ARG A 178 43.97 15.83 16.86
C ARG A 178 43.12 16.55 17.91
N GLU A 179 43.06 16.01 19.12
CA GLU A 179 42.28 16.64 20.18
C GLU A 179 42.84 18.02 20.51
N LEU A 180 44.16 18.13 20.63
CA LEU A 180 44.76 19.43 20.92
C LEU A 180 44.46 20.44 19.82
N ILE A 181 44.59 20.02 18.56
CA ILE A 181 44.35 20.92 17.44
C ILE A 181 42.90 21.38 17.44
N LEU A 182 41.96 20.47 17.63
CA LEU A 182 40.55 20.85 17.61
C LEU A 182 40.22 21.80 18.76
N ASN A 183 40.69 21.49 19.96
CA ASN A 183 40.39 22.33 21.10
C ASN A 183 41.00 23.72 20.95
N GLU A 184 42.25 23.78 20.45
CA GLU A 184 42.89 25.08 20.27
C GLU A 184 42.26 25.86 19.13
N TYR A 185 41.78 25.18 18.09
CA TYR A 185 41.04 25.87 17.04
C TYR A 185 39.75 26.48 17.59
N ALA A 186 39.05 25.72 18.42
CA ALA A 186 37.84 26.26 19.04
C ALA A 186 38.17 27.46 19.93
N ARG A 187 39.23 27.34 20.72
CA ARG A 187 39.61 28.44 21.62
C ARG A 187 40.00 29.68 20.83
N ASP A 188 40.75 29.51 19.74
CA ASP A 188 41.18 30.66 18.95
C ASP A 188 39.98 31.38 18.35
N ARG A 189 38.98 30.63 17.89
CA ARG A 189 37.78 31.21 17.31
C ARG A 189 36.87 31.84 18.34
N GLU A 190 37.31 31.96 19.59
CA GLU A 190 36.54 32.61 20.65
C GLU A 190 35.25 31.86 20.95
N PHE A 191 35.24 30.55 20.74
CA PHE A 191 34.09 29.74 21.15
C PHE A 191 33.96 29.76 22.67
N GLU A 192 32.72 29.90 23.13
CA GLU A 192 32.45 29.91 24.56
C GLU A 192 32.74 28.54 25.14
N PHE A 193 33.32 28.52 26.34
CA PHE A 193 33.62 27.29 27.06
C PHE A 193 32.71 27.20 28.27
N ARG A 194 31.92 26.13 28.34
CA ARG A 194 30.97 25.96 29.43
C ARG A 194 30.81 24.47 29.73
N ASN A 195 30.95 24.12 31.00
CA ASN A 195 30.80 22.74 31.46
C ASN A 195 31.72 21.80 30.68
N GLY A 196 32.94 22.28 30.40
CA GLY A 196 33.90 21.46 29.69
C GLY A 196 33.60 21.27 28.22
N GLY A 197 32.66 22.02 27.65
CA GLY A 197 32.29 21.86 26.27
C GLY A 197 32.31 23.19 25.54
N TRP A 198 32.41 23.10 24.22
CA TRP A 198 32.43 24.28 23.37
C TRP A 198 31.03 24.62 22.90
N ILE A 199 30.73 25.91 22.86
CA ILE A 199 29.47 26.43 22.32
C ILE A 199 29.80 27.61 21.42
N GLN A 200 29.25 27.61 20.22
CA GLN A 200 29.45 28.71 19.29
C GLN A 200 28.34 29.74 19.47
N ARG A 201 28.72 31.00 19.64
CA ARG A 201 27.79 32.08 19.94
C ARG A 201 27.64 32.97 18.72
N TYR A 202 26.40 33.32 18.38
CA TYR A 202 26.11 34.22 17.28
C TYR A 202 25.11 35.27 17.75
N THR A 203 25.22 36.46 17.17
CA THR A 203 24.36 37.59 17.52
C THR A 203 23.45 38.01 16.37
N VAL A 204 24.01 38.29 15.20
CA VAL A 204 23.26 38.75 14.05
C VAL A 204 23.63 37.90 12.85
N ALA A 205 22.71 37.83 11.89
CA ALA A 205 22.88 37.02 10.69
C ALA A 205 22.70 37.88 9.45
N SER A 206 23.56 37.64 8.45
CA SER A 206 23.46 38.38 7.20
C SER A 206 22.22 38.01 6.41
N HIS A 207 21.60 36.86 6.70
CA HIS A 207 20.39 36.43 6.01
C HIS A 207 20.61 36.33 4.51
N LYS A 208 21.80 35.88 4.11
CA LYS A 208 22.10 35.63 2.71
C LYS A 208 22.81 34.29 2.58
N PRO A 209 22.63 33.60 1.46
CA PRO A 209 23.25 32.27 1.31
C PRO A 209 24.77 32.37 1.32
N ALA A 210 25.40 31.29 1.78
CA ALA A 210 26.85 31.21 1.74
C ALA A 210 27.33 30.96 0.31
N THR A 211 28.61 31.25 0.09
CA THR A 211 29.18 31.09 -1.25
C THR A 211 29.08 29.63 -1.70
N GLN A 212 28.70 29.44 -2.95
CA GLN A 212 28.53 28.12 -3.54
C GLN A 212 29.60 27.89 -4.59
N LYS A 213 30.32 26.77 -4.46
CA LYS A 213 31.30 26.34 -5.45
C LYS A 213 31.41 24.84 -5.36
N ILE A 214 32.01 24.25 -6.39
CA ILE A 214 32.15 22.81 -6.49
C ILE A 214 33.41 22.37 -5.76
N LEU A 215 33.30 21.31 -4.97
CA LEU A 215 34.43 20.81 -4.21
C LEU A 215 35.24 19.83 -5.07
N PRO A 216 36.52 20.08 -5.32
CA PRO A 216 37.32 19.11 -6.07
C PRO A 216 37.47 17.81 -5.30
N LEU A 217 37.57 16.72 -6.04
CA LEU A 217 37.55 15.39 -5.43
C LEU A 217 38.91 15.06 -4.82
N PRO A 218 38.97 14.70 -3.54
CA PRO A 218 40.21 14.13 -2.98
C PRO A 218 40.57 12.83 -3.69
N ALA A 219 41.75 12.32 -3.36
CA ALA A 219 42.23 11.11 -4.00
C ALA A 219 41.33 9.92 -3.69
N SER A 220 40.91 9.79 -2.43
CA SER A 220 40.12 8.64 -1.99
C SER A 220 39.40 9.02 -0.71
N ALA A 221 38.57 8.10 -0.23
CA ALA A 221 37.80 8.27 1.01
C ALA A 221 37.93 7.03 1.86
N PRO A 222 39.12 6.76 2.41
CA PRO A 222 39.27 5.59 3.29
C PRO A 222 38.40 5.65 4.53
N LEU A 223 38.15 6.84 5.08
CA LEU A 223 37.43 7.00 6.33
C LEU A 223 35.97 7.40 6.13
N ALA A 224 35.36 6.96 5.03
CA ALA A 224 33.95 7.29 4.79
C ALA A 224 33.08 6.73 5.91
N ARG A 225 33.23 5.43 6.19
CA ARG A 225 32.45 4.82 7.26
C ARG A 225 32.76 5.46 8.60
N GLU A 226 34.03 5.69 8.90
CA GLU A 226 34.39 6.29 10.18
C GLU A 226 33.83 7.70 10.30
N LEU A 227 33.93 8.49 9.23
CA LEU A 227 33.42 9.85 9.28
C LEU A 227 31.90 9.87 9.47
N LEU A 228 31.18 9.00 8.75
CA LEU A 228 29.73 8.95 8.91
C LEU A 228 29.36 8.47 10.31
N MET A 229 30.10 7.50 10.86
CA MET A 229 29.83 7.05 12.21
C MET A 229 30.06 8.18 13.21
N LEU A 230 31.13 8.97 13.02
CA LEU A 230 31.38 10.10 13.89
C LEU A 230 30.25 11.12 13.80
N ILE A 231 29.77 11.38 12.59
CA ILE A 231 28.66 12.32 12.43
C ILE A 231 27.42 11.79 13.14
N ALA A 232 27.16 10.49 13.02
CA ALA A 232 26.02 9.90 13.73
C ALA A 232 26.17 10.07 15.23
N ARG A 233 27.37 9.82 15.76
CA ARG A 233 27.60 9.97 17.19
C ARG A 233 27.40 11.40 17.63
N SER A 234 27.83 12.36 16.82
CA SER A 234 27.80 13.77 17.20
C SER A 234 26.40 14.36 17.23
N THR A 235 25.36 13.57 16.96
CA THR A 235 24.00 14.11 16.99
C THR A 235 23.66 14.61 18.39
N THR A 236 24.02 13.85 19.42
CA THR A 236 23.77 14.23 20.80
C THR A 236 25.02 14.63 21.56
N GLN A 237 26.16 14.00 21.27
CA GLN A 237 27.43 14.37 21.89
C GLN A 237 27.99 15.57 21.13
N ALA A 238 27.75 16.76 21.66
CA ALA A 238 28.18 18.00 21.03
C ALA A 238 28.98 18.83 22.02
N GLY A 239 29.93 19.59 21.48
CA GLY A 239 30.78 20.44 22.27
C GLY A 239 32.06 19.79 22.78
N LYS A 240 32.26 18.51 22.49
CA LYS A 240 33.45 17.79 22.92
C LYS A 240 34.01 17.00 21.75
N VAL A 241 35.32 16.77 21.77
CA VAL A 241 35.99 16.12 20.66
C VAL A 241 35.66 14.64 20.67
N LEU A 242 35.09 14.14 19.57
CA LEU A 242 34.75 12.74 19.41
C LEU A 242 35.81 12.06 18.57
N HIS A 243 36.35 10.97 19.07
CA HIS A 243 37.47 10.26 18.47
C HIS A 243 37.01 9.00 17.77
N SER A 244 37.84 8.54 16.84
CA SER A 244 37.62 7.30 16.12
C SER A 244 38.94 6.58 15.99
N ASP A 245 38.95 5.51 15.18
CA ASP A 245 40.19 4.76 14.98
C ASP A 245 41.25 5.60 14.31
N ASN A 246 40.87 6.40 13.30
CA ASN A 246 41.83 7.13 12.49
C ASN A 246 41.51 8.60 12.31
N THR A 247 40.46 9.12 12.93
CA THR A 247 40.12 10.53 12.78
C THR A 247 39.24 10.95 13.95
N SER A 248 39.00 12.25 14.04
CA SER A 248 38.19 12.82 15.11
C SER A 248 37.51 14.07 14.59
N ILE A 249 36.38 14.41 15.23
CA ILE A 249 35.62 15.60 14.88
C ILE A 249 35.21 16.32 16.16
N LEU A 250 34.60 17.48 15.99
CA LEU A 250 34.12 18.28 17.12
C LEU A 250 32.85 18.99 16.68
N ALA A 251 31.72 18.63 17.27
CA ALA A 251 30.43 19.22 16.91
C ALA A 251 30.10 20.30 17.94
N VAL A 252 30.30 21.56 17.56
CA VAL A 252 30.08 22.69 18.46
C VAL A 252 28.63 23.15 18.27
N PRO A 253 27.79 23.10 19.31
CA PRO A 253 26.45 23.67 19.17
C PRO A 253 26.51 25.15 18.87
N VAL A 254 25.59 25.61 18.03
CA VAL A 254 25.46 27.02 17.68
C VAL A 254 24.21 27.54 18.37
N MET A 255 24.38 28.44 19.33
CA MET A 255 23.30 28.93 20.16
C MET A 255 23.35 30.45 20.24
N ARG A 256 22.18 31.06 20.37
CA ARG A 256 22.09 32.52 20.40
C ARG A 256 22.78 33.08 21.63
N ASP A 257 23.28 34.30 21.50
CA ASP A 257 23.98 35.01 22.57
C ASP A 257 23.09 36.14 23.06
N SER A 258 22.40 35.92 24.18
CA SER A 258 21.61 36.99 24.80
C SER A 258 22.50 37.98 25.54
N GLY A 259 23.58 37.49 26.13
CA GLY A 259 24.56 38.34 26.78
C GLY A 259 24.70 38.08 28.27
N LYS A 260 23.58 37.96 28.98
CA LYS A 260 23.59 37.57 30.39
C LYS A 260 22.85 36.28 30.64
N HIS A 261 21.57 36.21 30.26
CA HIS A 261 20.78 34.99 30.38
C HIS A 261 20.68 34.34 29.00
N SER A 262 21.77 33.69 28.60
CA SER A 262 21.87 33.06 27.30
C SER A 262 21.63 31.55 27.42
N LYS A 263 21.18 30.95 26.32
CA LYS A 263 20.98 29.52 26.30
C LYS A 263 22.25 28.79 26.71
N ARG A 264 22.12 27.90 27.70
CA ARG A 264 23.26 27.14 28.21
C ARG A 264 23.30 25.72 27.68
N ARG A 265 22.14 25.06 27.57
CA ARG A 265 22.08 23.69 27.09
C ARG A 265 21.40 23.63 25.73
N PRO A 266 21.96 22.92 24.75
CA PRO A 266 21.29 22.82 23.45
C PRO A 266 19.94 22.15 23.58
N THR A 267 19.02 22.55 22.72
CA THR A 267 17.68 21.97 22.65
C THR A 267 17.53 21.17 21.36
N ALA A 268 16.31 20.69 21.12
CA ALA A 268 16.07 19.75 20.04
C ALA A 268 16.51 20.29 18.68
N SER A 269 16.35 21.60 18.45
CA SER A 269 16.59 22.19 17.15
C SER A 269 17.88 22.99 17.08
N THR A 270 18.81 22.79 18.02
CA THR A 270 20.09 23.48 17.96
C THR A 270 20.94 22.90 16.83
N HIS A 271 21.55 23.79 16.04
CA HIS A 271 22.41 23.38 14.94
C HIS A 271 23.82 23.09 15.45
N HIS A 272 24.56 22.33 14.65
CA HIS A 272 25.91 21.90 14.99
C HIS A 272 26.88 22.35 13.92
N LEU A 273 27.97 23.00 14.34
CA LEU A 273 29.11 23.23 13.47
C LEU A 273 30.06 22.05 13.67
N VAL A 274 30.06 21.13 12.71
CA VAL A 274 30.94 19.98 12.75
C VAL A 274 32.30 20.40 12.22
N VAL A 275 33.35 20.15 13.00
CA VAL A 275 34.71 20.55 12.67
C VAL A 275 35.54 19.29 12.51
N GLY A 276 36.23 19.19 11.37
CA GLY A 276 37.03 18.03 11.09
C GLY A 276 38.42 18.43 10.60
N LEU A 277 39.32 17.47 10.62
CA LEU A 277 40.72 17.69 10.29
C LEU A 277 41.10 16.92 9.03
N SER A 278 41.95 17.53 8.22
CA SER A 278 42.48 16.89 7.02
C SER A 278 43.91 17.35 6.83
N LYS A 279 44.57 16.79 5.81
CA LYS A 279 45.96 17.13 5.57
C LYS A 279 46.07 18.61 5.25
N PRO A 280 47.14 19.28 5.68
CA PRO A 280 47.28 20.71 5.40
C PRO A 280 47.62 20.95 3.94
N GLY A 281 47.53 22.22 3.55
CA GLY A 281 47.78 22.60 2.18
C GLY A 281 46.67 23.44 1.58
N CYS A 282 45.84 24.04 2.43
CA CYS A 282 44.77 24.92 2.00
C CYS A 282 44.74 26.14 2.89
N GLU A 283 43.85 27.09 2.58
CA GLU A 283 43.76 28.32 3.33
C GLU A 283 43.24 28.12 4.75
N HIS A 284 42.70 26.94 5.06
CA HIS A 284 42.13 26.67 6.38
C HIS A 284 43.13 26.02 7.33
N ASP A 285 44.42 26.09 7.01
CA ASP A 285 45.42 25.46 7.87
C ASP A 285 45.41 26.10 9.25
N PHE A 286 45.64 25.27 10.27
CA PHE A 286 45.77 25.71 11.64
C PHE A 286 46.97 25.00 12.25
N GLU A 287 47.77 25.75 13.01
CA GLU A 287 49.00 25.23 13.60
C GLU A 287 49.01 25.50 15.09
N PHE A 288 49.51 24.53 15.85
CA PHE A 288 49.66 24.68 17.29
C PHE A 288 50.69 23.68 17.78
N ASP A 289 51.71 24.17 18.48
CA ASP A 289 52.74 23.31 19.08
C ASP A 289 53.37 22.41 18.03
N GLY A 290 53.57 22.94 16.83
CA GLY A 290 54.21 22.20 15.77
C GLY A 290 53.29 21.23 15.04
N TYR A 291 52.02 21.14 15.41
CA TYR A 291 51.05 20.31 14.74
C TYR A 291 50.25 21.17 13.78
N ARG A 292 50.27 20.82 12.49
CA ARG A 292 49.58 21.58 11.46
C ARG A 292 48.54 20.69 10.79
N ALA A 293 47.33 21.22 10.63
CA ALA A 293 46.27 20.46 9.98
C ALA A 293 45.22 21.41 9.45
N ALA A 294 44.57 21.02 8.35
CA ALA A 294 43.52 21.83 7.77
C ALA A 294 42.21 21.54 8.49
N VAL A 295 41.58 22.59 9.02
CA VAL A 295 40.35 22.47 9.81
C VAL A 295 39.19 22.94 8.94
N HIS A 296 38.22 22.05 8.72
CA HIS A 296 37.08 22.32 7.86
C HIS A 296 35.79 22.19 8.66
N VAL A 297 34.89 23.15 8.48
CA VAL A 297 33.65 23.21 9.25
C VAL A 297 32.46 22.96 8.33
N MET A 298 31.36 22.52 8.93
CA MET A 298 30.13 22.22 8.20
C MET A 298 28.96 22.47 9.13
N HIS A 299 28.03 23.33 8.73
CA HIS A 299 26.88 23.66 9.56
C HIS A 299 25.71 22.75 9.22
N LEU A 300 25.22 22.02 10.22
CA LEU A 300 24.18 21.02 10.01
C LEU A 300 23.07 21.21 11.04
N ASP A 301 21.83 21.24 10.57
CA ASP A 301 20.69 21.14 11.47
C ASP A 301 20.50 19.68 11.89
N PRO A 302 19.76 19.44 12.97
CA PRO A 302 19.70 18.06 13.50
C PRO A 302 19.27 17.03 12.48
N LYS A 303 18.32 17.36 11.60
CA LYS A 303 17.84 16.39 10.62
C LYS A 303 18.95 16.02 9.64
N GLN A 304 19.73 17.00 9.20
CA GLN A 304 20.84 16.70 8.30
C GLN A 304 21.85 15.79 8.98
N SER A 305 22.19 16.06 10.24
CA SER A 305 23.14 15.23 10.95
C SER A 305 22.64 13.79 11.07
N ALA A 306 21.37 13.64 11.46
CA ALA A 306 20.81 12.29 11.59
C ALA A 306 20.80 11.56 10.25
N ASN A 307 20.38 12.24 9.20
CA ASN A 307 20.32 11.61 7.88
C ASN A 307 21.70 11.18 7.41
N ILE A 308 22.70 12.05 7.59
CA ILE A 308 24.05 11.72 7.16
C ILE A 308 24.60 10.56 7.97
N GLY A 309 24.34 10.57 9.29
CA GLY A 309 24.88 9.51 10.13
C GLY A 309 24.28 8.16 9.82
N GLU A 310 22.96 8.09 9.59
CA GLU A 310 22.29 6.81 9.44
C GLU A 310 22.74 6.04 8.19
N GLN A 311 23.32 6.72 7.21
CA GLN A 311 23.64 6.06 5.95
C GLN A 311 24.72 5.00 6.14
N ASP A 312 24.62 3.94 5.35
CA ASP A 312 25.59 2.85 5.33
C ASP A 312 26.40 2.98 4.05
N PHE A 313 27.72 2.97 4.20
CA PHE A 313 28.62 3.19 3.06
C PHE A 313 29.01 1.89 2.37
N VAL A 314 29.47 0.90 3.14
CA VAL A 314 29.99 -0.32 2.53
C VAL A 314 28.89 -1.07 1.81
N SER A 315 27.71 -1.19 2.45
CA SER A 315 26.62 -1.96 1.84
C SER A 315 26.17 -1.33 0.53
N THR A 316 26.05 0.00 0.49
CA THR A 316 25.68 0.67 -0.74
C THR A 316 26.72 0.43 -1.83
N ARG A 317 28.00 0.51 -1.47
CA ARG A 317 29.06 0.27 -2.44
C ARG A 317 28.96 -1.14 -3.02
N GLU A 318 28.76 -2.13 -2.16
CA GLU A 318 28.67 -3.51 -2.64
C GLU A 318 27.44 -3.71 -3.51
N ILE A 319 26.31 -3.13 -3.12
CA ILE A 319 25.08 -3.29 -3.90
C ILE A 319 25.27 -2.67 -5.28
N TYR A 320 25.86 -1.48 -5.34
CA TYR A 320 26.15 -0.87 -6.64
C TYR A 320 27.09 -1.75 -7.45
N LYS A 321 28.15 -2.26 -6.82
CA LYS A 321 29.12 -3.09 -7.52
C LYS A 321 28.52 -4.37 -8.06
N LEU A 322 27.42 -4.85 -7.46
CA LEU A 322 26.84 -6.11 -7.90
C LEU A 322 26.62 -6.14 -9.41
N ASP A 323 26.15 -5.04 -9.98
CA ASP A 323 25.84 -4.95 -11.41
C ASP A 323 26.38 -3.65 -11.99
N MET A 324 27.63 -3.33 -11.69
CA MET A 324 28.27 -2.12 -12.17
C MET A 324 29.21 -2.44 -13.32
N LEU A 325 29.32 -1.50 -14.25
CA LEU A 325 30.32 -1.58 -15.30
C LEU A 325 31.64 -1.01 -14.80
N GLU A 326 32.71 -1.28 -15.55
CA GLU A 326 34.04 -0.85 -15.14
C GLU A 326 34.08 0.66 -14.97
N LEU A 327 34.25 1.11 -13.73
CA LEU A 327 34.33 2.54 -13.47
C LEU A 327 35.65 3.08 -14.02
N PRO A 328 35.64 4.18 -14.78
CA PRO A 328 36.88 4.69 -15.36
C PRO A 328 37.60 5.60 -14.39
N PRO A 329 38.90 5.82 -14.57
CA PRO A 329 39.59 6.82 -13.76
C PRO A 329 39.06 8.21 -14.05
N ILE A 330 39.05 9.05 -13.01
CA ILE A 330 38.60 10.42 -13.12
C ILE A 330 39.61 11.32 -12.43
N SER A 331 39.67 12.57 -12.89
CA SER A 331 40.65 13.53 -12.38
C SER A 331 40.08 14.22 -11.14
N ARG A 332 40.78 15.26 -10.67
CA ARG A 332 40.35 15.96 -9.47
C ARG A 332 38.98 16.61 -9.63
N LYS A 333 38.59 16.93 -10.86
CA LYS A 333 37.33 17.62 -11.12
C LYS A 333 36.33 16.73 -11.85
N GLY A 334 36.40 15.42 -11.62
CA GLY A 334 35.46 14.49 -12.23
C GLY A 334 35.53 14.47 -13.74
N ASP A 335 36.73 14.47 -14.30
CA ASP A 335 36.94 14.42 -15.74
C ASP A 335 37.77 13.19 -16.09
N LEU A 336 37.37 12.50 -17.14
CA LEU A 336 38.06 11.27 -17.55
C LEU A 336 39.55 11.56 -17.76
N ASP A 337 40.40 10.90 -16.98
CA ASP A 337 41.85 11.05 -17.09
C ASP A 337 42.46 9.64 -17.01
N ARG A 338 42.63 9.01 -18.17
CA ARG A 338 43.21 7.67 -18.18
C ARG A 338 44.64 7.69 -17.65
N ALA A 339 45.42 8.70 -18.03
CA ALA A 339 46.83 8.73 -17.66
C ALA A 339 47.01 8.88 -16.15
N SER A 340 46.34 9.86 -15.54
CA SER A 340 46.57 10.21 -14.15
C SER A 340 45.27 10.25 -13.34
N GLY A 341 44.24 9.52 -13.76
CA GLY A 341 43.03 9.44 -12.98
C GLY A 341 43.13 8.42 -11.86
N LEU A 342 42.20 8.53 -10.91
CA LEU A 342 42.12 7.62 -9.78
C LEU A 342 40.72 7.05 -9.69
N GLU A 343 40.61 5.72 -9.74
CA GLU A 343 39.30 5.09 -9.60
C GLU A 343 38.73 5.30 -8.20
N THR A 344 39.59 5.37 -7.18
CA THR A 344 39.11 5.54 -5.82
C THR A 344 38.31 6.82 -5.66
N ARG A 345 38.50 7.80 -6.54
CA ARG A 345 37.71 9.02 -6.46
C ARG A 345 36.22 8.71 -6.50
N TRP A 346 35.84 7.63 -7.17
CA TRP A 346 34.42 7.25 -7.20
C TRP A 346 33.89 7.03 -5.80
N ASP A 347 34.66 6.34 -4.96
CA ASP A 347 34.27 6.22 -3.55
C ASP A 347 33.97 7.59 -2.96
N VAL A 348 34.85 8.55 -3.21
CA VAL A 348 34.64 9.90 -2.69
C VAL A 348 33.28 10.42 -3.16
N ILE A 349 32.98 10.24 -4.45
CA ILE A 349 31.68 10.69 -4.97
C ILE A 349 30.57 10.07 -4.14
N LEU A 350 30.65 8.76 -3.89
CA LEU A 350 29.64 8.12 -3.05
C LEU A 350 29.55 8.79 -1.70
N LEU A 351 30.71 9.05 -1.06
CA LEU A 351 30.70 9.75 0.20
C LEU A 351 29.99 11.09 0.07
N LEU A 352 30.24 11.80 -1.03
CA LEU A 352 29.55 13.07 -1.24
C LEU A 352 28.04 12.87 -1.27
N GLU A 353 27.59 11.84 -1.99
CA GLU A 353 26.16 11.55 -2.02
C GLU A 353 25.62 11.29 -0.62
N CYS A 354 26.44 10.72 0.26
CA CYS A 354 26.01 10.51 1.64
C CYS A 354 25.96 11.82 2.40
N LEU A 355 26.92 12.72 2.14
CA LEU A 355 26.94 14.00 2.86
C LEU A 355 25.88 14.96 2.35
N ASP A 356 25.47 14.83 1.09
CA ASP A 356 24.46 15.70 0.49
C ASP A 356 23.10 15.26 0.99
N SER A 357 22.58 15.96 2.00
CA SER A 357 21.30 15.58 2.57
C SER A 357 20.13 15.83 1.62
N THR A 358 20.30 16.74 0.66
CA THR A 358 19.24 16.99 -0.33
C THR A 358 19.14 15.88 -1.36
N ARG A 359 20.19 15.08 -1.53
CA ARG A 359 20.18 13.90 -2.40
C ARG A 359 19.67 14.24 -3.79
N VAL A 360 20.20 15.33 -4.36
CA VAL A 360 19.89 15.66 -5.75
C VAL A 360 20.41 14.56 -6.67
N SER A 361 21.44 13.84 -6.23
CA SER A 361 21.94 12.71 -7.02
C SER A 361 20.84 11.70 -7.31
N GLN A 362 19.87 11.57 -6.40
CA GLN A 362 18.75 10.66 -6.66
C GLN A 362 17.90 11.14 -7.84
N ALA A 363 17.64 12.44 -7.90
CA ALA A 363 16.89 12.98 -9.03
C ALA A 363 17.66 12.78 -10.33
N VAL A 364 18.97 13.04 -10.31
CA VAL A 364 19.77 12.85 -11.51
C VAL A 364 19.77 11.37 -11.91
N ALA A 365 19.82 10.46 -10.93
CA ALA A 365 19.81 9.04 -11.23
C ALA A 365 18.50 8.62 -11.86
N GLN A 366 17.37 9.11 -11.34
CA GLN A 366 16.08 8.79 -11.94
C GLN A 366 16.00 9.30 -13.37
N HIS A 367 16.44 10.53 -13.60
CA HIS A 367 16.38 11.08 -14.95
C HIS A 367 17.28 10.31 -15.89
N PHE A 368 18.46 9.90 -15.43
CA PHE A 368 19.35 9.13 -16.29
C PHE A 368 18.79 7.74 -16.56
N ASN A 369 18.09 7.15 -15.60
CA ASN A 369 17.42 5.88 -15.86
C ASN A 369 16.38 6.04 -16.96
N ARG A 370 15.58 7.10 -16.88
CA ARG A 370 14.63 7.37 -17.95
C ARG A 370 15.33 7.57 -19.28
N HIS A 371 16.44 8.33 -19.27
CA HIS A 371 17.20 8.57 -20.50
C HIS A 371 17.68 7.26 -21.11
N ARG A 372 18.25 6.37 -20.29
CA ARG A 372 18.74 5.10 -20.81
C ARG A 372 17.61 4.25 -21.35
N LEU A 373 16.46 4.25 -20.66
CA LEU A 373 15.33 3.46 -21.13
C LEU A 373 14.64 4.06 -22.34
N ALA A 374 14.67 5.38 -22.49
CA ALA A 374 13.88 6.05 -23.50
C ALA A 374 14.42 5.79 -24.91
N LEU A 375 13.51 5.83 -25.88
CA LEU A 375 13.83 5.80 -27.30
C LEU A 375 13.60 7.14 -27.98
N SER A 376 12.58 7.88 -27.55
CA SER A 376 12.29 9.22 -28.06
C SER A 376 11.72 10.04 -26.92
N VAL A 377 12.11 11.31 -26.85
CA VAL A 377 11.69 12.20 -25.78
C VAL A 377 11.28 13.54 -26.37
N CYS A 378 10.52 14.31 -25.59
CA CYS A 378 10.07 15.61 -26.04
C CYS A 378 11.26 16.53 -26.28
N LYS A 379 11.24 17.23 -27.40
CA LYS A 379 12.35 18.09 -27.78
C LYS A 379 12.49 19.24 -26.78
N ASP A 380 13.73 19.49 -26.37
CA ASP A 380 14.09 20.67 -25.56
C ASP A 380 13.51 20.58 -24.15
N GLU A 381 12.73 19.55 -23.86
CA GLU A 381 12.10 19.40 -22.55
C GLU A 381 12.72 18.29 -21.71
N PHE A 382 13.01 17.13 -22.30
CA PHE A 382 13.68 16.09 -21.55
C PHE A 382 15.07 16.54 -21.12
N ARG A 383 15.80 17.22 -22.01
CA ARG A 383 17.10 17.76 -21.66
C ARG A 383 17.00 18.70 -20.46
N LYS A 384 15.87 19.38 -20.30
CA LYS A 384 15.68 20.30 -19.19
C LYS A 384 15.19 19.53 -17.97
N GLY A 385 15.86 18.44 -17.63
CA GLY A 385 15.57 17.68 -16.43
C GLY A 385 16.81 17.52 -15.59
N TYR A 386 17.98 17.71 -16.23
CA TYR A 386 19.24 17.71 -15.52
C TYR A 386 19.57 19.07 -14.91
N GLN A 387 18.79 20.11 -15.24
CA GLN A 387 19.05 21.45 -14.72
C GLN A 387 18.37 21.60 -13.36
N LEU A 388 18.96 20.92 -12.38
CA LEU A 388 18.46 20.92 -11.01
C LEU A 388 19.19 21.92 -10.13
N ALA A 389 20.07 22.73 -10.70
CA ALA A 389 20.84 23.68 -9.90
C ALA A 389 19.95 24.66 -9.16
N SER A 390 18.74 24.90 -9.64
CA SER A 390 17.81 25.80 -8.97
C SER A 390 17.07 25.14 -7.82
N GLU A 391 17.10 23.81 -7.71
CA GLU A 391 16.41 23.09 -6.67
C GLU A 391 17.22 22.97 -5.38
N ILE A 392 18.51 23.29 -5.41
CA ILE A 392 19.40 23.07 -4.29
C ILE A 392 20.20 24.32 -4.02
N ARG A 393 20.70 24.42 -2.79
CA ARG A 393 21.53 25.54 -2.38
C ARG A 393 22.55 25.04 -1.36
N GLY A 394 23.82 25.32 -1.62
CA GLY A 394 24.89 24.92 -0.73
C GLY A 394 26.03 24.31 -1.50
N THR A 395 27.22 24.34 -0.90
CA THR A 395 28.40 23.78 -1.55
C THR A 395 28.26 22.27 -1.73
N ILE A 396 27.83 21.57 -0.68
CA ILE A 396 27.74 20.12 -0.76
C ILE A 396 26.71 19.66 -1.78
N PRO A 397 25.46 20.13 -1.75
CA PRO A 397 24.50 19.72 -2.79
C PRO A 397 24.93 20.12 -4.20
N LEU A 398 25.54 21.30 -4.35
CA LEU A 398 25.99 21.72 -5.66
C LEU A 398 27.05 20.78 -6.19
N SER A 399 28.02 20.41 -5.35
CA SER A 399 29.04 19.47 -5.76
C SER A 399 28.44 18.11 -6.09
N SER A 400 27.48 17.67 -5.27
CA SER A 400 26.84 16.38 -5.53
C SER A 400 26.14 16.37 -6.89
N LEU A 401 25.40 17.44 -7.20
CA LEU A 401 24.74 17.52 -8.49
C LEU A 401 25.76 17.56 -9.63
N TYR A 402 26.83 18.34 -9.47
CA TYR A 402 27.82 18.44 -10.53
C TYR A 402 28.46 17.08 -10.79
N TYR A 403 28.77 16.33 -9.74
CA TYR A 403 29.42 15.04 -9.92
C TYR A 403 28.44 13.98 -10.39
N SER A 404 27.15 14.12 -10.08
CA SER A 404 26.15 13.25 -10.72
C SER A 404 26.13 13.48 -12.21
N LEU A 405 26.13 14.75 -12.64
CA LEU A 405 26.18 15.03 -14.07
C LEU A 405 27.47 14.53 -14.69
N CYS A 406 28.59 14.66 -13.98
CA CYS A 406 29.86 14.13 -14.47
C CYS A 406 29.81 12.62 -14.64
N ALA A 407 29.19 11.92 -13.68
CA ALA A 407 29.05 10.48 -13.80
C ALA A 407 28.18 10.10 -14.99
N VAL A 408 27.10 10.84 -15.21
CA VAL A 408 26.26 10.58 -16.39
C VAL A 408 27.07 10.75 -17.66
N ARG A 409 27.82 11.85 -17.75
CA ARG A 409 28.62 12.12 -18.94
C ARG A 409 29.67 11.04 -19.14
N LEU A 410 30.32 10.60 -18.07
CA LEU A 410 31.32 9.55 -18.18
C LEU A 410 30.68 8.25 -18.66
N ARG A 411 29.49 7.93 -18.18
CA ARG A 411 28.79 6.73 -18.64
C ARG A 411 28.51 6.82 -20.13
N MET A 412 28.02 7.97 -20.59
CA MET A 412 27.77 8.14 -22.03
C MET A 412 29.08 8.09 -22.83
N THR A 413 30.20 8.47 -22.21
CA THR A 413 31.45 8.54 -22.93
C THR A 413 32.10 7.17 -23.08
N VAL A 414 32.36 6.49 -21.95
CA VAL A 414 33.12 5.25 -21.99
C VAL A 414 32.25 4.04 -22.32
N HIS A 415 30.98 4.04 -21.91
CA HIS A 415 30.07 2.91 -22.13
C HIS A 415 28.80 3.44 -22.78
N PRO A 416 28.85 3.72 -24.09
CA PRO A 416 27.66 4.25 -24.76
C PRO A 416 26.50 3.26 -24.73
N PHE A 417 25.29 3.79 -24.66
CA PHE A 417 24.09 2.97 -24.68
C PHE A 417 23.16 3.38 -25.82
N MET B 1 27.72 6.09 -9.23
CA MET B 1 27.76 4.61 -9.44
C MET B 1 26.46 4.12 -10.05
N TRP B 2 25.36 4.79 -9.71
CA TRP B 2 24.08 4.48 -10.33
C TRP B 2 24.12 4.72 -11.84
N ALA B 3 25.06 5.54 -12.32
CA ALA B 3 25.15 5.81 -13.75
C ALA B 3 25.73 4.63 -14.51
N PHE B 4 26.58 3.83 -13.86
CA PHE B 4 27.29 2.75 -14.53
C PHE B 4 26.61 1.40 -14.35
N GLN B 5 25.41 1.37 -13.79
CA GLN B 5 24.66 0.11 -13.73
C GLN B 5 24.35 -0.36 -15.14
N GLU B 6 24.59 -1.64 -15.40
CA GLU B 6 24.28 -2.19 -16.72
C GLU B 6 22.78 -2.20 -16.97
N GLY B 7 21.99 -2.50 -15.94
CA GLY B 7 20.54 -2.55 -16.05
C GLY B 7 19.90 -1.26 -15.57
N VAL B 8 18.64 -1.39 -15.16
CA VAL B 8 17.87 -0.25 -14.70
C VAL B 8 18.15 -0.03 -13.21
N CYS B 9 18.30 1.23 -12.82
CA CYS B 9 18.55 1.58 -11.43
C CYS B 9 17.96 2.95 -11.15
N LYS B 10 17.14 3.04 -10.10
CA LYS B 10 16.52 4.29 -9.69
C LYS B 10 17.37 5.09 -8.72
N GLY B 11 18.53 4.57 -8.32
CA GLY B 11 19.36 5.27 -7.34
C GLY B 11 18.67 5.40 -6.00
N ASN B 12 17.98 4.35 -5.55
CA ASN B 12 17.23 4.37 -4.31
C ASN B 12 18.04 3.95 -3.10
N LEU B 13 19.34 3.71 -3.27
CA LEU B 13 20.12 3.11 -2.18
C LEU B 13 20.15 4.01 -0.96
N LEU B 14 20.41 5.30 -1.14
CA LEU B 14 20.53 6.20 -0.01
C LEU B 14 19.15 6.66 0.46
N SER B 15 19.09 7.16 1.70
CA SER B 15 17.85 7.61 2.27
C SER B 15 17.33 8.85 1.54
N GLY B 16 16.04 9.11 1.70
CA GLY B 16 15.44 10.27 1.10
C GLY B 16 15.92 11.55 1.75
N PRO B 17 15.82 12.66 1.03
CA PRO B 17 16.30 13.93 1.59
C PRO B 17 15.46 14.40 2.76
N THR B 18 16.10 15.17 3.64
CA THR B 18 15.44 15.77 4.79
C THR B 18 15.59 17.28 4.74
N SER B 19 14.57 17.98 5.21
CA SER B 19 14.56 19.44 5.18
C SER B 19 13.79 19.97 6.37
N MET B 20 14.35 20.94 7.06
CA MET B 20 13.69 21.62 8.17
C MET B 20 13.13 22.97 7.76
N LYS B 21 13.06 23.25 6.46
CA LYS B 21 12.51 24.50 5.98
C LYS B 21 11.01 24.58 6.32
N ALA B 22 10.54 25.80 6.53
CA ALA B 22 9.13 26.00 6.76
C ALA B 22 8.33 25.67 5.50
N PRO B 23 7.11 25.15 5.66
CA PRO B 23 6.32 24.77 4.49
C PRO B 23 5.71 25.95 3.73
N ASP B 24 5.98 27.18 4.15
CA ASP B 24 5.37 28.33 3.49
C ASP B 24 5.80 28.43 2.04
N SER B 25 7.09 28.22 1.76
CA SER B 25 7.59 28.43 0.40
C SER B 25 6.94 27.46 -0.58
N ALA B 26 6.97 26.17 -0.27
CA ALA B 26 6.44 25.17 -1.20
C ALA B 26 4.95 25.35 -1.39
N ALA B 27 4.20 25.62 -0.31
CA ALA B 27 2.78 25.84 -0.43
C ALA B 27 2.49 27.06 -1.29
N ARG B 28 3.27 28.14 -1.11
CA ARG B 28 3.06 29.33 -1.92
C ARG B 28 3.34 29.05 -3.39
N GLU B 29 4.41 28.30 -3.68
CA GLU B 29 4.68 27.94 -5.07
C GLU B 29 3.54 27.12 -5.66
N SER B 30 3.02 26.16 -4.90
CA SER B 30 1.92 25.35 -5.41
C SER B 30 0.67 26.19 -5.67
N ILE B 31 0.35 27.10 -4.76
CA ILE B 31 -0.83 27.95 -4.94
C ILE B 31 -0.64 28.87 -6.14
N ASP B 32 0.57 29.43 -6.30
CA ASP B 32 0.84 30.28 -7.44
C ASP B 32 0.72 29.50 -8.75
N ARG B 33 1.21 28.26 -8.76
CA ARG B 33 1.08 27.42 -9.95
C ARG B 33 -0.38 27.17 -10.27
N ALA B 34 -1.19 26.86 -9.24
CA ALA B 34 -2.61 26.62 -9.48
C ALA B 34 -3.30 27.87 -10.02
N SER B 35 -3.01 29.03 -9.44
CA SER B 35 -3.62 30.27 -9.91
C SER B 35 -3.20 30.57 -11.35
N GLU B 36 -1.92 30.35 -11.67
CA GLU B 36 -1.45 30.58 -13.03
C GLU B 36 -2.15 29.64 -14.00
N ILE B 37 -2.35 28.39 -13.62
CA ILE B 37 -3.08 27.45 -14.47
C ILE B 37 -4.51 27.93 -14.67
N MET B 38 -5.12 28.50 -13.62
CA MET B 38 -6.49 28.98 -13.74
C MET B 38 -6.61 30.04 -14.83
N THR B 39 -5.56 30.83 -15.04
CA THR B 39 -5.58 31.84 -16.10
C THR B 39 -5.49 31.22 -17.48
N GLY B 40 -5.21 29.92 -17.58
CA GLY B 40 -5.10 29.28 -18.88
C GLY B 40 -3.93 29.78 -19.70
N LYS B 41 -2.76 29.95 -19.08
CA LYS B 41 -1.57 30.44 -19.76
C LYS B 41 -0.53 29.35 -20.01
N SER B 42 -0.37 28.41 -19.09
CA SER B 42 0.63 27.35 -19.21
C SER B 42 0.02 25.98 -19.43
N TYR B 43 -0.86 25.53 -18.55
CA TYR B 43 -1.47 24.22 -18.64
C TYR B 43 -2.98 24.37 -18.78
N ASN B 44 -3.65 23.24 -19.03
CA ASN B 44 -5.09 23.21 -19.26
C ASN B 44 -5.77 22.65 -18.02
N ALA B 45 -6.80 23.34 -17.56
CA ALA B 45 -7.62 22.89 -16.44
C ALA B 45 -9.09 22.74 -16.82
N VAL B 46 -9.42 22.88 -18.11
CA VAL B 46 -10.79 22.78 -18.59
C VAL B 46 -10.98 21.40 -19.21
N HIS B 47 -12.00 20.68 -18.72
CA HIS B 47 -12.29 19.35 -19.23
C HIS B 47 -13.10 19.46 -20.52
N THR B 48 -12.87 18.51 -21.43
CA THR B 48 -13.55 18.49 -22.72
C THR B 48 -14.06 17.11 -23.13
N GLY B 49 -13.61 16.04 -22.48
CA GLY B 49 -14.02 14.72 -22.86
C GLY B 49 -15.48 14.46 -22.56
N ASP B 50 -15.99 13.36 -23.10
CA ASP B 50 -17.39 12.97 -22.98
C ASP B 50 -17.50 11.91 -21.89
N LEU B 51 -18.00 12.32 -20.72
CA LEU B 51 -18.21 11.40 -19.60
C LEU B 51 -19.67 10.97 -19.49
N SER B 52 -20.44 11.10 -20.56
CA SER B 52 -21.86 10.76 -20.50
C SER B 52 -22.11 9.26 -20.35
N LYS B 53 -21.10 8.42 -20.60
CA LYS B 53 -21.28 6.98 -20.57
C LYS B 53 -20.96 6.37 -19.20
N LEU B 54 -20.56 7.18 -18.23
CA LEU B 54 -20.30 6.64 -16.90
C LEU B 54 -21.61 6.17 -16.27
N PRO B 55 -21.62 5.01 -15.60
CA PRO B 55 -22.84 4.56 -14.95
C PRO B 55 -23.24 5.49 -13.82
N ASN B 56 -24.55 5.55 -13.56
CA ASN B 56 -25.09 6.41 -12.52
C ASN B 56 -25.25 5.62 -11.23
N GLN B 57 -24.55 6.04 -10.18
CA GLN B 57 -24.63 5.40 -8.88
C GLN B 57 -25.53 6.16 -7.91
N GLY B 58 -26.29 7.14 -8.39
CA GLY B 58 -27.10 7.96 -7.52
C GLY B 58 -28.15 7.19 -6.74
N GLU B 59 -28.51 5.99 -7.20
CA GLU B 59 -29.51 5.18 -6.53
C GLU B 59 -28.93 4.35 -5.39
N SER B 60 -27.62 4.27 -5.26
CA SER B 60 -27.03 3.46 -4.21
C SER B 60 -27.29 4.10 -2.84
N PRO B 61 -27.52 3.29 -1.81
CA PRO B 61 -27.69 3.87 -0.46
C PRO B 61 -26.43 4.60 -0.02
N LEU B 62 -26.63 5.68 0.73
CA LEU B 62 -25.52 6.47 1.24
C LEU B 62 -24.91 5.74 2.43
N ARG B 63 -23.80 5.06 2.20
CA ARG B 63 -23.11 4.29 3.24
C ARG B 63 -21.74 4.90 3.48
N ILE B 64 -21.42 5.12 4.76
CA ILE B 64 -20.17 5.75 5.17
C ILE B 64 -19.37 4.75 5.98
N VAL B 65 -18.10 4.58 5.61
CA VAL B 65 -17.19 3.70 6.34
C VAL B 65 -16.60 4.51 7.49
N ASP B 66 -17.06 4.24 8.71
CA ASP B 66 -16.62 5.03 9.86
C ASP B 66 -15.13 4.89 10.10
N SER B 67 -14.57 3.70 9.84
CA SER B 67 -13.16 3.47 10.14
C SER B 67 -12.27 4.47 9.41
N ASP B 68 -12.66 4.91 8.23
CA ASP B 68 -11.85 5.84 7.44
C ASP B 68 -11.92 7.27 7.94
N LEU B 69 -12.87 7.59 8.83
CA LEU B 69 -13.02 8.95 9.33
C LEU B 69 -12.29 9.18 10.65
N TYR B 70 -11.63 8.16 11.20
CA TYR B 70 -10.89 8.29 12.45
C TYR B 70 -9.48 7.74 12.24
N SER B 71 -8.49 8.53 12.64
CA SER B 71 -7.09 8.12 12.55
C SER B 71 -6.28 9.13 13.34
N GLU B 72 -5.01 8.80 13.56
CA GLU B 72 -4.10 9.66 14.29
C GLU B 72 -3.42 10.69 13.39
N ARG B 73 -3.71 10.67 12.10
CA ARG B 73 -3.13 11.64 11.18
C ARG B 73 -3.67 13.03 11.47
N SER B 74 -2.87 14.04 11.15
CA SER B 74 -3.23 15.41 11.46
C SER B 74 -4.33 15.92 10.53
N CYS B 75 -5.08 16.90 11.03
CA CYS B 75 -6.15 17.53 10.28
C CYS B 75 -6.36 18.92 10.83
N CYS B 76 -6.99 19.76 10.03
CA CYS B 76 -7.22 21.16 10.39
C CYS B 76 -8.59 21.29 11.04
N TRP B 77 -8.60 21.64 12.32
CA TRP B 77 -9.82 21.97 13.04
C TRP B 77 -9.95 23.48 13.10
N VAL B 78 -11.12 24.00 12.73
CA VAL B 78 -11.36 25.43 12.57
C VAL B 78 -12.28 25.90 13.69
N ILE B 79 -11.91 27.01 14.31
CA ILE B 79 -12.71 27.61 15.39
C ILE B 79 -12.95 29.07 15.03
N GLU B 80 -14.18 29.53 15.21
CA GLU B 80 -14.56 30.93 14.97
C GLU B 80 -14.88 31.55 16.32
N LYS B 81 -13.86 32.14 16.96
CA LYS B 81 -14.03 32.65 18.31
C LYS B 81 -14.78 33.99 18.32
N GLU B 82 -14.20 35.01 17.71
CA GLU B 82 -14.72 36.37 17.76
C GLU B 82 -14.74 36.98 16.36
N GLY B 83 -15.23 36.21 15.39
CA GLY B 83 -15.22 36.61 14.01
C GLY B 83 -13.94 36.29 13.28
N ARG B 84 -12.94 35.74 13.96
CA ARG B 84 -11.68 35.35 13.35
C ARG B 84 -11.60 33.84 13.27
N VAL B 85 -10.98 33.34 12.21
CA VAL B 85 -10.81 31.92 11.99
C VAL B 85 -9.46 31.49 12.54
N VAL B 86 -9.48 30.49 13.41
CA VAL B 86 -8.27 29.90 13.98
C VAL B 86 -8.22 28.44 13.55
N CYS B 87 -7.16 28.09 12.84
CA CYS B 87 -6.97 26.72 12.34
C CYS B 87 -5.88 26.05 13.16
N LYS B 88 -6.18 24.89 13.71
CA LYS B 88 -5.25 24.14 14.55
C LYS B 88 -5.08 22.74 14.00
N SER B 89 -3.89 22.19 14.18
CA SER B 89 -3.60 20.83 13.75
C SER B 89 -3.90 19.87 14.89
N THR B 90 -4.83 18.95 14.66
CA THR B 90 -5.20 17.96 15.66
C THR B 90 -5.42 16.63 14.97
N THR B 91 -5.28 15.55 15.74
CA THR B 91 -5.48 14.23 15.18
C THR B 91 -6.86 14.14 14.54
N LEU B 92 -6.93 13.45 13.40
CA LEU B 92 -8.21 13.35 12.70
C LEU B 92 -9.31 12.83 13.61
N THR B 93 -8.95 11.95 14.56
CA THR B 93 -9.94 11.48 15.52
C THR B 93 -10.47 12.63 16.37
N ARG B 94 -9.58 13.49 16.87
CA ARG B 94 -10.03 14.62 17.68
C ARG B 94 -10.84 15.60 16.84
N GLY B 95 -10.44 15.83 15.59
CA GLY B 95 -11.21 16.73 14.74
C GLY B 95 -12.60 16.20 14.48
N MET B 96 -12.72 14.91 14.16
CA MET B 96 -14.03 14.32 13.92
C MET B 96 -14.89 14.36 15.18
N THR B 97 -14.30 14.05 16.33
CA THR B 97 -15.07 14.09 17.57
C THR B 97 -15.54 15.52 17.88
N SER B 98 -14.66 16.51 17.67
CA SER B 98 -15.06 17.89 17.91
C SER B 98 -16.18 18.31 16.97
N LEU B 99 -16.09 17.89 15.70
CA LEU B 99 -17.16 18.21 14.76
C LEU B 99 -18.47 17.59 15.22
N LEU B 100 -18.44 16.31 15.62
CA LEU B 100 -19.66 15.65 16.05
C LEU B 100 -20.20 16.24 17.34
N ASN B 101 -19.34 16.81 18.18
CA ASN B 101 -19.80 17.45 19.40
C ASN B 101 -20.43 18.81 19.10
N THR B 102 -19.86 19.56 18.17
CA THR B 102 -20.41 20.87 17.82
C THR B 102 -21.82 20.73 17.28
N THR B 103 -22.03 19.78 16.37
CA THR B 103 -23.35 19.43 15.86
C THR B 103 -23.73 18.07 16.42
N LYS B 104 -24.78 18.03 17.25
CA LYS B 104 -25.07 16.83 18.01
C LYS B 104 -25.36 15.67 17.07
N CYS B 105 -24.43 14.73 16.98
CA CYS B 105 -24.58 13.59 16.09
C CYS B 105 -23.84 12.40 16.67
N SER B 106 -24.53 11.27 16.81
CA SER B 106 -23.90 10.09 17.38
C SER B 106 -22.78 9.57 16.48
N SER B 107 -23.00 9.58 15.18
CA SER B 107 -22.06 9.02 14.22
C SER B 107 -21.97 9.93 13.01
N PRO B 108 -20.89 9.81 12.22
CA PRO B 108 -20.81 10.61 10.99
C PRO B 108 -21.96 10.37 10.03
N SER B 109 -22.47 9.13 9.95
CA SER B 109 -23.59 8.86 9.05
C SER B 109 -24.81 9.68 9.45
N GLU B 110 -25.10 9.77 10.75
CA GLU B 110 -26.20 10.59 11.20
C GLU B 110 -25.97 12.05 10.83
N LEU B 111 -24.72 12.52 10.96
CA LEU B 111 -24.42 13.91 10.62
C LEU B 111 -24.68 14.18 9.15
N ILE B 112 -24.23 13.28 8.27
CA ILE B 112 -24.43 13.51 6.85
C ILE B 112 -25.91 13.40 6.48
N CYS B 113 -26.64 12.48 7.13
CA CYS B 113 -28.06 12.37 6.86
C CYS B 113 -28.79 13.64 7.29
N LYS B 114 -28.43 14.21 8.44
CA LYS B 114 -29.03 15.47 8.87
C LYS B 114 -28.67 16.60 7.93
N VAL B 115 -27.42 16.65 7.46
CA VAL B 115 -26.99 17.71 6.57
C VAL B 115 -27.74 17.65 5.25
N LEU B 116 -27.90 16.45 4.70
CA LEU B 116 -28.57 16.31 3.41
C LEU B 116 -30.07 16.63 3.50
N THR B 117 -30.66 16.58 4.68
CA THR B 117 -32.10 16.71 4.85
C THR B 117 -32.45 17.95 5.67
N VAL B 118 -31.80 19.07 5.38
CA VAL B 118 -32.16 20.35 5.96
C VAL B 118 -32.91 21.16 4.91
N GLU B 119 -33.82 22.00 5.37
CA GLU B 119 -34.62 22.82 4.47
C GLU B 119 -33.98 24.18 4.20
N SER B 120 -32.86 24.50 4.85
CA SER B 120 -32.18 25.76 4.62
C SER B 120 -30.73 25.61 5.02
N LEU B 121 -29.87 26.43 4.42
CA LEU B 121 -28.45 26.41 4.77
C LEU B 121 -28.20 27.01 6.14
N SER B 122 -29.11 27.84 6.65
CA SER B 122 -28.97 28.42 7.98
C SER B 122 -29.62 27.59 9.07
N GLU B 123 -30.32 26.52 8.72
CA GLU B 123 -30.96 25.68 9.73
C GLU B 123 -29.92 25.10 10.67
N LYS B 124 -30.17 25.17 11.96
CA LYS B 124 -29.22 24.70 12.96
C LYS B 124 -29.19 23.18 13.02
N ILE B 125 -27.99 22.63 13.09
CA ILE B 125 -27.77 21.21 13.28
C ILE B 125 -27.07 21.02 14.62
N GLY B 126 -27.38 21.89 15.57
CA GLY B 126 -26.68 21.95 16.83
C GLY B 126 -26.12 23.33 17.05
N ASP B 127 -24.85 23.43 17.40
CA ASP B 127 -24.18 24.73 17.45
C ASP B 127 -23.47 25.02 16.13
N THR B 128 -24.20 24.87 15.03
CA THR B 128 -23.66 25.12 13.70
C THR B 128 -24.75 24.98 12.65
N SER B 129 -24.41 25.22 11.38
CA SER B 129 -25.35 25.07 10.29
C SER B 129 -24.57 24.62 9.05
N VAL B 130 -25.31 24.21 8.03
CA VAL B 130 -24.66 23.71 6.81
C VAL B 130 -23.82 24.82 6.18
N GLU B 131 -24.29 26.06 6.22
CA GLU B 131 -23.50 27.16 5.68
C GLU B 131 -22.20 27.32 6.45
N GLU B 132 -22.27 27.26 7.78
CA GLU B 132 -21.05 27.36 8.59
C GLU B 132 -20.13 26.17 8.33
N LEU B 133 -20.70 24.98 8.17
CA LEU B 133 -19.87 23.81 7.90
C LEU B 133 -19.17 23.94 6.56
N LEU B 134 -19.86 24.45 5.54
CA LEU B 134 -19.23 24.68 4.25
C LEU B 134 -18.14 25.75 4.35
N SER B 135 -18.40 26.82 5.09
CA SER B 135 -17.41 27.87 5.24
C SER B 135 -16.15 27.34 5.92
N HIS B 136 -16.32 26.53 6.98
CA HIS B 136 -15.18 26.02 7.71
C HIS B 136 -14.45 24.89 7.00
N GLY B 137 -15.17 24.09 6.22
CA GLY B 137 -14.58 22.92 5.60
C GLY B 137 -13.64 23.23 4.46
N ARG B 138 -13.59 24.47 4.01
CA ARG B 138 -12.72 24.86 2.91
C ARG B 138 -11.33 25.25 3.37
N TYR B 139 -11.11 25.37 4.68
CA TYR B 139 -9.81 25.79 5.20
C TYR B 139 -8.84 24.62 5.24
N PHE B 140 -7.60 24.89 4.86
CA PHE B 140 -6.55 23.88 4.84
C PHE B 140 -5.32 24.42 5.59
N LYS B 141 -4.50 23.50 6.08
CA LYS B 141 -3.27 23.86 6.78
C LYS B 141 -2.09 23.27 6.03
N CYS B 142 -1.05 24.08 5.82
CA CYS B 142 0.11 23.64 5.05
C CYS B 142 1.12 22.93 5.94
N ALA B 143 1.85 22.00 5.33
CA ALA B 143 2.93 21.30 6.01
C ALA B 143 3.90 20.79 4.95
N LEU B 144 5.08 20.40 5.39
CA LEU B 144 6.16 19.97 4.49
C LEU B 144 6.35 18.47 4.61
N ARG B 145 6.36 17.79 3.46
CA ARG B 145 6.61 16.36 3.39
C ARG B 145 7.96 16.14 2.72
N ASP B 146 8.85 15.44 3.43
CA ASP B 146 10.22 15.23 2.95
C ASP B 146 10.53 13.74 2.94
N GLN B 147 11.80 13.38 2.77
CA GLN B 147 12.22 11.99 2.69
C GLN B 147 11.61 11.29 1.48
N GLU B 148 11.39 12.06 0.41
CA GLU B 148 10.93 11.52 -0.87
C GLU B 148 12.10 11.57 -1.83
N ARG B 149 12.63 10.40 -2.17
CA ARG B 149 13.80 10.34 -3.02
C ARG B 149 13.54 11.04 -4.35
N GLY B 150 14.52 11.81 -4.81
CA GLY B 150 14.42 12.50 -6.07
C GLY B 150 13.72 13.83 -6.03
N LYS B 151 13.42 14.35 -4.83
CA LYS B 151 12.73 15.63 -4.68
C LYS B 151 13.53 16.47 -3.68
N PRO B 152 14.61 17.11 -4.13
CA PRO B 152 15.43 17.91 -3.20
C PRO B 152 14.63 18.95 -2.44
N LYS B 153 13.66 19.59 -3.10
CA LYS B 153 12.74 20.50 -2.43
C LYS B 153 11.56 19.70 -1.93
N SER B 154 11.44 19.58 -0.61
CA SER B 154 10.38 18.75 -0.03
C SER B 154 9.02 19.24 -0.49
N ARG B 155 8.14 18.29 -0.79
CA ARG B 155 6.82 18.64 -1.31
C ARG B 155 5.97 19.29 -0.22
N ALA B 156 4.86 19.88 -0.65
CA ALA B 156 3.90 20.51 0.27
C ALA B 156 2.67 19.63 0.39
N ILE B 157 2.29 19.32 1.62
CA ILE B 157 1.10 18.55 1.93
C ILE B 157 0.13 19.45 2.68
N PHE B 158 -1.15 19.07 2.66
CA PHE B 158 -2.20 19.91 3.19
C PHE B 158 -3.13 19.10 4.07
N LEU B 159 -3.49 19.66 5.21
CA LEU B 159 -4.39 19.06 6.19
C LEU B 159 -5.77 19.68 5.98
N SER B 160 -6.78 18.83 5.89
CA SER B 160 -8.14 19.23 5.54
C SER B 160 -9.06 19.14 6.75
N HIS B 161 -10.17 19.88 6.68
CA HIS B 161 -11.14 19.89 7.74
C HIS B 161 -11.85 18.54 7.85
N PRO B 162 -12.27 18.13 9.05
CA PRO B 162 -13.00 16.86 9.17
C PRO B 162 -14.23 16.77 8.27
N PHE B 163 -14.96 17.87 8.10
CA PHE B 163 -16.14 17.84 7.24
C PHE B 163 -15.75 17.54 5.80
N PHE B 164 -14.67 18.15 5.31
CA PHE B 164 -14.21 17.89 3.96
C PHE B 164 -13.85 16.41 3.78
N ARG B 165 -13.14 15.84 4.76
CA ARG B 165 -12.80 14.43 4.69
C ARG B 165 -14.04 13.55 4.70
N LEU B 166 -15.01 13.89 5.56
CA LEU B 166 -16.23 13.10 5.65
C LEU B 166 -16.98 13.11 4.32
N LEU B 167 -17.09 14.28 3.70
CA LEU B 167 -17.80 14.35 2.42
C LEU B 167 -17.02 13.68 1.31
N SER B 168 -15.68 13.76 1.34
CA SER B 168 -14.89 13.22 0.25
C SER B 168 -14.78 11.70 0.31
N SER B 169 -14.91 11.10 1.49
CA SER B 169 -14.84 9.65 1.57
C SER B 169 -15.93 8.99 0.71
N VAL B 170 -17.15 9.51 0.79
CA VAL B 170 -18.26 8.92 0.03
C VAL B 170 -17.97 8.99 -1.46
N VAL B 171 -17.61 10.17 -1.95
CA VAL B 171 -17.40 10.34 -3.39
C VAL B 171 -16.22 9.50 -3.86
N GLU B 172 -15.18 9.38 -3.03
CA GLU B 172 -14.03 8.58 -3.44
C GLU B 172 -14.39 7.10 -3.53
N THR B 173 -15.15 6.59 -2.55
CA THR B 173 -15.55 5.19 -2.61
C THR B 173 -16.41 4.92 -3.84
N HIS B 174 -17.36 5.80 -4.11
CA HIS B 174 -18.23 5.58 -5.27
C HIS B 174 -17.48 5.74 -6.58
N ALA B 175 -16.51 6.65 -6.63
CA ALA B 175 -15.70 6.80 -7.84
C ALA B 175 -14.84 5.56 -8.08
N ARG B 176 -14.31 4.98 -7.01
CA ARG B 176 -13.57 3.73 -7.15
C ARG B 176 -14.49 2.61 -7.65
N SER B 177 -15.71 2.56 -7.13
CA SER B 177 -16.67 1.57 -7.63
C SER B 177 -16.95 1.76 -9.11
N VAL B 178 -17.15 3.01 -9.54
CA VAL B 178 -17.41 3.28 -10.95
C VAL B 178 -16.21 2.91 -11.80
N LEU B 179 -15.00 3.16 -11.27
CA LEU B 179 -13.78 2.75 -11.98
C LEU B 179 -13.75 1.26 -12.17
N SER B 180 -14.12 0.50 -11.13
CA SER B 180 -14.18 -0.95 -11.26
C SER B 180 -15.18 -1.37 -12.31
N LYS B 181 -16.35 -0.70 -12.35
CA LYS B 181 -17.39 -1.09 -13.29
C LYS B 181 -17.10 -0.68 -14.72
N VAL B 182 -16.25 0.34 -14.94
CA VAL B 182 -16.09 0.94 -16.25
C VAL B 182 -14.70 0.69 -16.82
N SER B 183 -13.66 0.70 -15.99
CA SER B 183 -12.30 0.59 -16.49
C SER B 183 -12.11 -0.69 -17.29
N ALA B 184 -11.42 -0.57 -18.43
CA ALA B 184 -11.13 -1.75 -19.23
C ALA B 184 -10.24 -2.72 -18.47
N VAL B 185 -9.22 -2.21 -17.79
CA VAL B 185 -8.34 -3.01 -16.94
C VAL B 185 -8.27 -2.30 -15.59
N TYR B 186 -8.93 -2.88 -14.59
CA TYR B 186 -9.01 -2.24 -13.29
C TYR B 186 -7.64 -2.19 -12.63
N THR B 187 -7.27 -1.01 -12.14
CA THR B 187 -5.97 -0.85 -11.48
C THR B 187 -6.03 0.07 -10.26
N ALA B 188 -7.22 0.52 -9.84
CA ALA B 188 -7.30 1.43 -8.70
C ALA B 188 -6.79 0.78 -7.43
N THR B 189 -6.77 -0.55 -7.35
CA THR B 189 -6.28 -1.26 -6.18
C THR B 189 -5.02 -2.08 -6.46
N ALA B 190 -4.74 -2.40 -7.72
CA ALA B 190 -3.57 -3.19 -8.04
C ALA B 190 -2.30 -2.47 -7.63
N SER B 191 -1.29 -3.24 -7.23
CA SER B 191 -0.01 -2.67 -6.82
C SER B 191 0.80 -2.29 -8.06
N ALA B 192 1.99 -1.71 -7.82
CA ALA B 192 2.82 -1.26 -8.93
C ALA B 192 3.22 -2.41 -9.82
N GLU B 193 3.62 -3.54 -9.23
CA GLU B 193 4.03 -4.69 -10.04
C GLU B 193 2.87 -5.26 -10.83
N GLN B 194 1.69 -5.35 -10.21
CA GLN B 194 0.52 -5.85 -10.92
C GLN B 194 0.16 -4.93 -12.07
N ARG B 195 0.22 -3.61 -11.86
CA ARG B 195 -0.02 -2.67 -12.94
C ARG B 195 0.99 -2.86 -14.06
N ALA B 196 2.26 -3.08 -13.71
CA ALA B 196 3.28 -3.29 -14.73
C ALA B 196 2.99 -4.55 -15.55
N MET B 197 2.59 -5.64 -14.89
CA MET B 197 2.28 -6.87 -15.62
C MET B 197 1.07 -6.67 -16.53
N MET B 198 0.03 -6.00 -16.02
CA MET B 198 -1.14 -5.75 -16.84
C MET B 198 -0.80 -4.90 -18.04
N ALA B 199 0.04 -3.87 -17.85
CA ALA B 199 0.47 -3.05 -18.97
C ALA B 199 1.29 -3.86 -19.98
N ALA B 200 2.18 -4.72 -19.48
CA ALA B 200 2.99 -5.54 -20.38
C ALA B 200 2.12 -6.44 -21.22
N GLN B 201 1.01 -6.93 -20.65
CA GLN B 201 0.09 -7.75 -21.43
C GLN B 201 -0.75 -6.90 -22.38
N VAL B 202 -1.15 -5.70 -21.94
CA VAL B 202 -2.07 -4.89 -22.73
C VAL B 202 -1.39 -4.32 -23.96
N VAL B 203 -0.14 -3.90 -23.83
CA VAL B 203 0.54 -3.17 -24.92
C VAL B 203 1.25 -4.15 -25.84
N GLU B 204 0.94 -5.45 -25.72
CA GLU B 204 1.61 -6.45 -26.55
C GLU B 204 1.23 -6.34 -28.02
N SER B 205 0.15 -5.64 -28.34
CA SER B 205 -0.38 -5.61 -29.69
C SER B 205 0.09 -4.42 -30.51
N ARG B 206 0.87 -3.51 -29.92
CA ARG B 206 1.30 -2.30 -30.60
C ARG B 206 2.82 -2.18 -30.54
N LYS B 207 3.39 -1.58 -31.58
CA LYS B 207 4.84 -1.50 -31.69
C LYS B 207 5.43 -0.59 -30.64
N HIS B 208 4.88 0.60 -30.47
CA HIS B 208 5.44 1.62 -29.59
C HIS B 208 4.72 1.64 -28.25
N VAL B 209 5.42 2.12 -27.23
CA VAL B 209 4.88 2.27 -25.89
C VAL B 209 5.20 3.68 -25.40
N LEU B 210 4.23 4.34 -24.78
CA LEU B 210 4.38 5.69 -24.28
C LEU B 210 4.39 5.65 -22.75
N ASN B 211 5.58 5.67 -22.16
CA ASN B 211 5.71 5.72 -20.71
C ASN B 211 5.61 7.17 -20.28
N GLY B 212 4.42 7.57 -19.87
CA GLY B 212 4.16 8.98 -19.61
C GLY B 212 3.77 9.29 -18.19
N ASP B 213 3.93 10.56 -17.81
CA ASP B 213 3.53 11.06 -16.51
C ASP B 213 2.81 12.38 -16.71
N CYS B 214 1.96 12.73 -15.76
CA CYS B 214 1.20 13.98 -15.80
C CYS B 214 1.87 15.00 -14.89
N THR B 215 1.99 16.23 -15.37
CA THR B 215 2.63 17.31 -14.63
C THR B 215 1.57 18.23 -14.04
N LYS B 216 1.84 18.72 -12.84
CA LYS B 216 0.89 19.58 -12.12
C LYS B 216 -0.49 18.93 -12.07
N TYR B 217 -0.51 17.68 -11.61
CA TYR B 217 -1.76 16.91 -11.62
C TYR B 217 -2.80 17.54 -10.70
N ASN B 218 -2.40 17.86 -9.47
CA ASN B 218 -3.37 18.41 -8.52
C ASN B 218 -3.82 19.81 -8.92
N GLU B 219 -2.91 20.60 -9.49
CA GLU B 219 -3.25 21.96 -9.88
C GLU B 219 -4.07 22.01 -11.16
N ALA B 220 -4.01 20.98 -12.00
CA ALA B 220 -4.70 20.97 -13.27
C ALA B 220 -6.09 20.36 -13.19
N ILE B 221 -6.49 19.83 -12.03
CA ILE B 221 -7.78 19.20 -11.84
C ILE B 221 -8.67 20.21 -11.13
N ASP B 222 -9.41 21.00 -11.90
CA ASP B 222 -10.26 22.03 -11.34
C ASP B 222 -11.46 21.41 -10.61
N ALA B 223 -12.09 22.22 -9.76
CA ALA B 223 -13.32 21.79 -9.12
C ALA B 223 -14.41 21.52 -10.14
N ASP B 224 -14.38 22.23 -11.27
CA ASP B 224 -15.39 22.00 -12.30
C ASP B 224 -15.27 20.59 -12.87
N THR B 225 -14.05 20.10 -13.09
CA THR B 225 -13.86 18.74 -13.58
C THR B 225 -14.37 17.72 -12.56
N LEU B 226 -14.06 17.93 -11.28
CA LEU B 226 -14.52 17.02 -10.26
C LEU B 226 -16.04 16.99 -10.19
N LEU B 227 -16.67 18.16 -10.24
CA LEU B 227 -18.14 18.20 -10.20
C LEU B 227 -18.73 17.57 -11.46
N LYS B 228 -18.08 17.75 -12.60
CA LYS B 228 -18.52 17.08 -13.82
C LYS B 228 -18.52 15.57 -13.66
N VAL B 229 -17.42 15.02 -13.15
CA VAL B 229 -17.34 13.58 -12.96
C VAL B 229 -18.39 13.12 -11.94
N TRP B 230 -18.52 13.85 -10.84
CA TRP B 230 -19.47 13.45 -9.80
C TRP B 230 -20.90 13.45 -10.32
N ASP B 231 -21.27 14.47 -11.09
CA ASP B 231 -22.60 14.51 -11.69
C ASP B 231 -22.76 13.38 -12.70
N ALA B 232 -21.68 13.02 -13.41
CA ALA B 232 -21.75 11.87 -14.31
C ALA B 232 -22.07 10.61 -13.53
N ILE B 233 -21.51 10.46 -12.32
CA ILE B 233 -21.76 9.28 -11.50
C ILE B 233 -22.85 9.58 -10.47
N GLY B 234 -23.51 10.74 -10.60
CA GLY B 234 -24.70 11.01 -9.82
C GLY B 234 -24.49 11.20 -8.33
N MET B 235 -23.87 12.32 -7.94
CA MET B 235 -23.62 12.60 -6.53
C MET B 235 -24.59 13.61 -5.93
N GLY B 236 -25.25 14.42 -6.76
CA GLY B 236 -26.23 15.35 -6.22
C GLY B 236 -25.61 16.30 -5.21
N SER B 237 -26.25 16.40 -4.05
CA SER B 237 -25.87 17.44 -3.09
C SER B 237 -24.45 17.24 -2.58
N ILE B 238 -24.03 15.99 -2.39
CA ILE B 238 -22.69 15.75 -1.86
C ILE B 238 -21.63 16.29 -2.82
N GLY B 239 -21.77 15.97 -4.10
CA GLY B 239 -20.82 16.45 -5.08
C GLY B 239 -20.82 17.97 -5.18
N VAL B 240 -22.01 18.58 -5.15
CA VAL B 240 -22.11 20.03 -5.24
C VAL B 240 -21.42 20.68 -4.05
N MET B 241 -21.68 20.17 -2.85
CA MET B 241 -21.07 20.74 -1.65
C MET B 241 -19.55 20.59 -1.69
N LEU B 242 -19.07 19.40 -2.08
CA LEU B 242 -17.63 19.18 -2.14
C LEU B 242 -16.97 20.10 -3.16
N ALA B 243 -17.59 20.26 -4.34
CA ALA B 243 -17.04 21.16 -5.34
C ALA B 243 -17.06 22.60 -4.86
N TYR B 244 -18.12 22.99 -4.16
CA TYR B 244 -18.18 24.35 -3.62
C TYR B 244 -17.04 24.59 -2.63
N MET B 245 -16.80 23.63 -1.74
CA MET B 245 -15.71 23.79 -0.79
C MET B 245 -14.35 23.81 -1.48
N VAL B 246 -14.16 22.95 -2.48
CA VAL B 246 -12.89 22.91 -3.20
C VAL B 246 -12.65 24.23 -3.92
N ARG B 247 -13.67 24.76 -4.58
CA ARG B 247 -13.51 26.00 -5.34
C ARG B 247 -13.18 27.17 -4.42
N ARG B 248 -13.65 27.14 -3.17
CA ARG B 248 -13.44 28.21 -2.22
C ARG B 248 -12.35 27.89 -1.19
N LYS B 249 -11.53 26.89 -1.46
CA LYS B 249 -10.56 26.45 -0.48
C LYS B 249 -9.57 27.55 -0.15
N CYS B 250 -9.19 27.63 1.13
CA CYS B 250 -8.18 28.55 1.61
C CYS B 250 -7.11 27.75 2.35
N VAL B 251 -5.85 28.15 2.16
CA VAL B 251 -4.71 27.50 2.80
C VAL B 251 -4.08 28.47 3.76
N LEU B 252 -3.88 28.04 5.01
CA LEU B 252 -3.24 28.88 6.01
C LEU B 252 -1.74 28.72 5.89
N ILE B 253 -1.05 29.80 5.52
CA ILE B 253 0.40 29.82 5.40
C ILE B 253 0.93 30.79 6.45
N LYS B 254 1.80 30.32 7.32
CA LYS B 254 2.33 31.13 8.39
C LYS B 254 1.18 31.67 9.25
N ASP B 255 0.67 32.87 8.96
CA ASP B 255 -0.42 33.46 9.71
C ASP B 255 -1.46 34.12 8.82
N THR B 256 -1.46 33.81 7.52
CA THR B 256 -2.39 34.42 6.58
C THR B 256 -3.05 33.34 5.73
N LEU B 257 -4.31 33.59 5.36
CA LEU B 257 -5.06 32.66 4.54
C LEU B 257 -4.94 33.07 3.08
N VAL B 258 -4.62 32.11 2.22
CA VAL B 258 -4.40 32.33 0.79
C VAL B 258 -5.45 31.54 0.02
N GLU B 259 -6.13 32.20 -0.89
CA GLU B 259 -7.13 31.53 -1.71
C GLU B 259 -6.46 30.71 -2.80
N CYS B 260 -6.96 29.50 -3.02
CA CYS B 260 -6.46 28.60 -4.06
C CYS B 260 -7.64 28.02 -4.83
N PRO B 261 -8.33 28.85 -5.61
CA PRO B 261 -9.50 28.36 -6.34
C PRO B 261 -9.19 27.24 -7.32
N GLY B 262 -8.01 27.25 -7.94
CA GLY B 262 -7.68 26.26 -8.95
C GLY B 262 -7.11 24.99 -8.36
N GLY B 263 -7.38 23.87 -9.02
CA GLY B 263 -6.83 22.60 -8.63
C GLY B 263 -7.50 22.03 -7.39
N MET B 264 -6.94 20.90 -6.93
CA MET B 264 -7.46 20.21 -5.76
C MET B 264 -6.38 19.99 -4.69
N LEU B 265 -5.24 20.66 -4.80
CA LEU B 265 -4.19 20.57 -3.78
C LEU B 265 -3.69 19.13 -3.62
N MET B 266 -4.37 18.36 -2.78
CA MET B 266 -3.90 17.03 -2.42
C MET B 266 -4.53 15.97 -3.32
N GLY B 267 -4.08 14.74 -3.15
CA GLY B 267 -4.60 13.62 -3.91
C GLY B 267 -5.82 13.00 -3.26
N MET B 268 -6.65 13.83 -2.61
CA MET B 268 -7.85 13.30 -1.98
C MET B 268 -8.83 12.73 -2.99
N PHE B 269 -8.75 13.16 -4.25
CA PHE B 269 -9.66 12.73 -5.31
C PHE B 269 -8.90 12.04 -6.43
N ASN B 270 -7.98 11.15 -6.07
CA ASN B 270 -7.23 10.42 -7.08
C ASN B 270 -8.15 9.55 -7.93
N ALA B 271 -9.11 8.88 -7.29
CA ALA B 271 -10.05 8.05 -8.04
C ALA B 271 -10.89 8.88 -9.00
N THR B 272 -11.38 10.04 -8.54
CA THR B 272 -12.17 10.89 -9.42
C THR B 272 -11.33 11.45 -10.56
N ALA B 273 -10.10 11.86 -10.27
CA ALA B 273 -9.22 12.36 -11.32
C ALA B 273 -8.95 11.28 -12.34
N THR B 274 -8.71 10.04 -11.88
CA THR B 274 -8.50 8.93 -12.81
C THR B 274 -9.74 8.68 -13.65
N LEU B 275 -10.93 8.75 -13.04
CA LEU B 275 -12.16 8.56 -13.78
C LEU B 275 -12.37 9.65 -14.82
N ALA B 276 -11.86 10.84 -14.54
CA ALA B 276 -11.98 11.93 -15.52
C ALA B 276 -11.36 11.54 -16.86
N LEU B 277 -10.35 10.68 -16.85
CA LEU B 277 -9.74 10.18 -18.08
C LEU B 277 -10.30 8.83 -18.51
N GLN B 278 -10.48 7.90 -17.59
CA GLN B 278 -10.98 6.58 -17.93
C GLN B 278 -12.41 6.63 -18.47
N GLY B 279 -13.16 7.67 -18.13
CA GLY B 279 -14.52 7.78 -18.62
C GLY B 279 -14.65 8.25 -20.05
N THR B 280 -13.59 8.87 -20.58
CA THR B 280 -13.62 9.41 -21.94
C THR B 280 -13.04 8.45 -22.97
N THR B 281 -12.08 7.61 -22.59
CA THR B 281 -11.47 6.67 -23.51
C THR B 281 -10.98 5.46 -22.74
N ASP B 282 -10.81 4.35 -23.45
CA ASP B 282 -10.33 3.10 -22.87
C ASP B 282 -8.96 2.71 -23.41
N ARG B 283 -8.24 3.65 -24.02
CA ARG B 283 -6.92 3.37 -24.57
C ARG B 283 -5.81 3.52 -23.54
N PHE B 284 -6.11 4.03 -22.35
CA PHE B 284 -5.11 4.29 -21.33
C PHE B 284 -5.29 3.33 -20.17
N LEU B 285 -4.19 2.68 -19.77
CA LEU B 285 -4.14 1.90 -18.54
C LEU B 285 -3.44 2.79 -17.52
N SER B 286 -4.24 3.56 -16.78
CA SER B 286 -3.70 4.60 -15.92
C SER B 286 -4.43 4.64 -14.59
N PHE B 287 -3.73 5.12 -13.58
CA PHE B 287 -4.32 5.50 -12.31
C PHE B 287 -3.60 6.73 -11.80
N SER B 288 -4.36 7.81 -11.58
CA SER B 288 -3.76 9.08 -11.16
C SER B 288 -2.86 9.60 -12.27
N ASP B 289 -1.67 10.09 -11.92
CA ASP B 289 -0.76 10.67 -12.90
C ASP B 289 0.26 9.63 -13.38
N ASP B 290 -0.27 8.54 -13.94
CA ASP B 290 0.59 7.48 -14.47
C ASP B 290 -0.20 6.68 -15.48
N PHE B 291 0.15 6.80 -16.76
CA PHE B 291 -0.49 6.07 -17.83
C PHE B 291 0.56 5.35 -18.66
N ILE B 292 0.12 4.28 -19.34
CA ILE B 292 1.02 3.40 -20.08
C ILE B 292 0.51 3.14 -21.49
N THR B 293 -0.28 4.05 -22.05
CA THR B 293 -0.88 3.85 -23.37
C THR B 293 0.18 3.49 -24.40
N SER B 294 -0.24 2.83 -25.48
CA SER B 294 0.65 2.43 -26.56
C SER B 294 0.03 2.85 -27.89
N PHE B 295 0.85 2.81 -28.94
CA PHE B 295 0.42 3.27 -30.25
C PHE B 295 1.26 2.58 -31.32
N ASN B 296 0.79 2.69 -32.57
CA ASN B 296 1.43 2.05 -33.71
C ASN B 296 1.99 3.04 -34.72
N SER B 297 1.32 4.16 -34.94
CA SER B 297 1.70 5.16 -35.92
C SER B 297 1.60 6.55 -35.32
N PRO B 298 2.26 7.54 -35.92
CA PRO B 298 2.21 8.90 -35.35
C PRO B 298 0.82 9.45 -35.21
N ALA B 299 -0.11 9.05 -36.08
CA ALA B 299 -1.49 9.51 -35.94
C ALA B 299 -2.09 9.05 -34.63
N GLU B 300 -1.83 7.80 -34.24
CA GLU B 300 -2.33 7.31 -32.97
C GLU B 300 -1.69 8.07 -31.80
N LEU B 301 -0.43 8.44 -31.94
CA LEU B 301 0.23 9.22 -30.89
C LEU B 301 -0.42 10.60 -30.76
N ARG B 302 -0.75 11.23 -31.90
CA ARG B 302 -1.44 12.51 -31.84
C ARG B 302 -2.81 12.36 -31.21
N GLU B 303 -3.52 11.28 -31.53
CA GLU B 303 -4.81 11.02 -30.90
C GLU B 303 -4.64 10.86 -29.39
N ILE B 304 -3.60 10.15 -28.96
CA ILE B 304 -3.33 9.98 -27.54
C ILE B 304 -3.07 11.32 -26.87
N GLU B 305 -2.28 12.17 -27.51
CA GLU B 305 -2.00 13.49 -26.95
C GLU B 305 -3.26 14.32 -26.84
N ASP B 306 -4.12 14.27 -27.87
CA ASP B 306 -5.37 15.00 -27.82
C ASP B 306 -6.27 14.49 -26.68
N LEU B 307 -6.33 13.17 -26.51
CA LEU B 307 -7.14 12.61 -25.43
C LEU B 307 -6.60 13.03 -24.07
N LEU B 308 -5.28 13.02 -23.91
CA LEU B 308 -4.70 13.45 -22.64
C LEU B 308 -5.01 14.92 -22.36
N PHE B 309 -4.88 15.77 -23.39
CA PHE B 309 -5.16 17.19 -23.20
C PHE B 309 -6.63 17.41 -22.84
N ALA B 310 -7.54 16.75 -23.54
CA ALA B 310 -8.96 17.00 -23.35
C ALA B 310 -9.43 16.60 -21.95
N SER B 311 -8.72 15.68 -21.30
CA SER B 311 -9.13 15.17 -20.00
C SER B 311 -8.35 15.78 -18.84
N CYS B 312 -7.73 16.94 -19.04
CA CYS B 312 -6.99 17.62 -17.98
C CYS B 312 -5.92 16.70 -17.39
N HIS B 313 -5.24 15.96 -18.27
CA HIS B 313 -4.18 15.04 -17.87
C HIS B 313 -2.88 15.45 -18.54
N ASN B 314 -2.57 16.74 -18.45
CA ASN B 314 -1.44 17.33 -19.17
C ASN B 314 -0.22 16.43 -19.14
N LEU B 315 0.27 16.08 -20.32
CA LEU B 315 1.44 15.22 -20.43
C LEU B 315 2.66 15.94 -19.86
N SER B 316 3.51 15.18 -19.17
CA SER B 316 4.75 15.72 -18.60
C SER B 316 5.85 15.55 -19.65
N LEU B 317 6.22 16.64 -20.31
CA LEU B 317 7.24 16.56 -21.35
C LEU B 317 8.60 16.23 -20.75
N LYS B 318 8.87 16.69 -19.52
CA LYS B 318 10.15 16.41 -18.90
C LYS B 318 10.36 14.92 -18.66
N LYS B 319 9.35 14.23 -18.15
CA LYS B 319 9.49 12.84 -17.73
C LYS B 319 8.93 11.83 -18.72
N SER B 320 7.89 12.18 -19.47
CA SER B 320 7.30 11.24 -20.41
C SER B 320 8.28 10.91 -21.52
N TYR B 321 8.31 9.65 -21.93
CA TYR B 321 9.16 9.22 -23.02
C TYR B 321 8.48 8.07 -23.76
N ILE B 322 9.10 7.65 -24.86
CA ILE B 322 8.60 6.58 -25.71
C ILE B 322 9.65 5.48 -25.74
N SER B 323 9.21 4.25 -25.54
CA SER B 323 10.09 3.09 -25.57
C SER B 323 9.45 1.99 -26.41
N VAL B 324 10.31 1.16 -27.00
CA VAL B 324 9.86 0.05 -27.82
C VAL B 324 10.27 -1.31 -27.25
N ALA B 325 11.34 -1.36 -26.47
CA ALA B 325 11.85 -2.62 -25.92
C ALA B 325 11.49 -2.80 -24.46
N SER B 326 10.72 -1.89 -23.87
CA SER B 326 10.41 -1.96 -22.45
C SER B 326 9.21 -1.07 -22.16
N LEU B 327 8.78 -1.08 -20.91
CA LEU B 327 7.66 -0.27 -20.48
C LEU B 327 7.72 -0.12 -18.96
N GLU B 328 7.59 1.11 -18.48
CA GLU B 328 7.73 1.39 -17.05
C GLU B 328 6.48 2.09 -16.54
N ILE B 329 5.90 1.55 -15.48
CA ILE B 329 4.78 2.19 -14.79
C ILE B 329 5.00 2.02 -13.29
N ASN B 330 4.72 3.09 -12.53
CA ASN B 330 4.92 3.07 -11.09
C ASN B 330 6.32 2.58 -10.74
N SER B 331 7.31 3.09 -11.49
CA SER B 331 8.73 2.82 -11.28
C SER B 331 9.09 1.36 -11.52
N CYS B 332 8.15 0.54 -11.99
CA CYS B 332 8.41 -0.85 -12.31
C CYS B 332 8.55 -0.98 -13.82
N THR B 333 9.70 -1.48 -14.28
CA THR B 333 10.02 -1.59 -15.69
C THR B 333 10.04 -3.06 -16.09
N LEU B 334 9.30 -3.38 -17.14
CA LEU B 334 9.25 -4.74 -17.67
C LEU B 334 9.55 -4.73 -19.16
N THR B 335 10.14 -5.81 -19.63
CA THR B 335 10.37 -6.00 -21.05
C THR B 335 9.03 -6.28 -21.74
N ARG B 336 9.05 -6.17 -23.07
CA ARG B 336 7.82 -6.39 -23.83
C ARG B 336 7.32 -7.82 -23.75
N ASP B 337 8.17 -8.75 -23.32
CA ASP B 337 7.74 -10.13 -23.13
C ASP B 337 7.30 -10.42 -21.70
N GLY B 338 7.30 -9.42 -20.83
CA GLY B 338 6.84 -9.57 -19.46
C GLY B 338 7.93 -9.77 -18.44
N ASP B 339 9.14 -10.14 -18.88
CA ASP B 339 10.23 -10.35 -17.94
C ASP B 339 10.60 -9.05 -17.25
N LEU B 340 10.90 -9.13 -15.96
CA LEU B 340 11.34 -7.96 -15.22
C LEU B 340 12.68 -7.48 -15.76
N ALA B 341 12.80 -6.17 -15.97
CA ALA B 341 14.03 -5.62 -16.52
C ALA B 341 15.19 -5.88 -15.59
N THR B 342 16.31 -6.35 -16.14
CA THR B 342 17.49 -6.64 -15.34
C THR B 342 18.04 -5.36 -14.73
N GLY B 343 18.52 -5.45 -13.50
CA GLY B 343 19.08 -4.33 -12.79
C GLY B 343 18.48 -4.17 -11.41
N LEU B 344 19.07 -3.25 -10.65
CA LEU B 344 18.61 -3.02 -9.28
C LEU B 344 17.17 -2.54 -9.26
N GLY B 345 16.81 -1.65 -10.17
CA GLY B 345 15.47 -1.10 -10.20
C GLY B 345 15.15 -0.27 -8.98
N CYS B 346 14.09 -0.65 -8.26
CA CYS B 346 13.62 0.11 -7.11
C CYS B 346 14.27 -0.33 -5.80
N THR B 347 15.23 -1.25 -5.85
CA THR B 347 15.88 -1.72 -4.64
C THR B 347 16.50 -0.55 -3.88
N ALA B 348 16.27 -0.51 -2.57
CA ALA B 348 16.70 0.59 -1.72
C ALA B 348 17.54 0.07 -0.58
N GLY B 349 18.41 0.93 -0.05
CA GLY B 349 19.24 0.56 1.06
C GLY B 349 18.52 0.69 2.40
N VAL B 350 19.15 0.14 3.43
CA VAL B 350 18.60 0.11 4.78
C VAL B 350 19.48 0.99 5.67
N PRO B 351 19.04 2.18 6.05
CA PRO B 351 19.85 2.97 6.99
C PRO B 351 19.86 2.35 8.38
N PHE B 352 20.94 2.60 9.11
CA PHE B 352 21.13 2.02 10.43
C PHE B 352 20.11 2.61 11.39
N ARG B 353 19.17 1.77 11.86
CA ARG B 353 18.14 2.20 12.80
C ARG B 353 18.04 1.30 14.01
N GLY B 354 18.96 0.36 14.19
CA GLY B 354 18.95 -0.52 15.33
C GLY B 354 19.73 -1.80 15.09
N PRO B 355 20.23 -2.41 16.16
CA PRO B 355 21.04 -3.64 15.97
C PRO B 355 20.30 -4.73 15.23
N LEU B 356 19.00 -4.88 15.47
CA LEU B 356 18.21 -5.94 14.84
C LEU B 356 17.20 -5.42 13.84
N VAL B 357 16.76 -4.16 13.96
CA VAL B 357 15.89 -3.59 12.94
C VAL B 357 16.61 -3.54 11.60
N THR B 358 17.88 -3.13 11.63
CA THR B 358 18.65 -3.05 10.39
C THR B 358 18.77 -4.42 9.73
N LEU B 359 19.06 -5.46 10.52
CA LEU B 359 19.18 -6.80 9.96
C LEU B 359 17.84 -7.31 9.45
N LYS B 360 16.75 -7.05 10.18
CA LYS B 360 15.43 -7.48 9.72
C LYS B 360 15.06 -6.80 8.42
N GLN B 361 15.29 -5.49 8.32
CA GLN B 361 14.96 -4.77 7.09
C GLN B 361 15.84 -5.22 5.94
N THR B 362 17.11 -5.49 6.20
CA THR B 362 17.98 -6.02 5.16
C THR B 362 17.49 -7.38 4.67
N ALA B 363 17.07 -8.24 5.60
CA ALA B 363 16.54 -9.54 5.21
C ALA B 363 15.29 -9.39 4.38
N ALA B 364 14.39 -8.48 4.77
CA ALA B 364 13.17 -8.27 4.00
C ALA B 364 13.48 -7.77 2.59
N MET B 365 14.39 -6.79 2.49
CA MET B 365 14.75 -6.25 1.19
C MET B 365 15.38 -7.33 0.31
N LEU B 366 16.29 -8.13 0.88
CA LEU B 366 16.96 -9.15 0.10
C LEU B 366 15.99 -10.24 -0.32
N SER B 367 15.03 -10.59 0.54
CA SER B 367 14.01 -11.56 0.15
C SER B 367 13.17 -11.02 -1.01
N GLY B 368 12.74 -9.76 -0.93
CA GLY B 368 12.01 -9.17 -2.02
C GLY B 368 12.81 -9.16 -3.31
N ALA B 369 14.11 -8.90 -3.22
CA ALA B 369 14.94 -8.84 -4.41
C ALA B 369 15.15 -10.23 -5.02
N VAL B 370 15.47 -11.23 -4.19
CA VAL B 370 15.74 -12.56 -4.70
C VAL B 370 14.47 -13.20 -5.26
N ASP B 371 13.31 -12.91 -4.65
CA ASP B 371 12.06 -13.45 -5.19
C ASP B 371 11.94 -13.11 -6.67
N SER B 372 12.21 -11.86 -7.03
CA SER B 372 12.33 -11.47 -8.42
C SER B 372 13.75 -11.73 -8.91
N GLY B 373 14.01 -11.44 -10.18
CA GLY B 373 15.31 -11.68 -10.74
C GLY B 373 16.27 -10.53 -10.54
N VAL B 374 16.14 -9.81 -9.42
CA VAL B 374 16.99 -8.65 -9.17
C VAL B 374 18.44 -9.09 -9.03
N MET B 375 18.68 -10.16 -8.26
CA MET B 375 20.03 -10.67 -8.09
C MET B 375 19.94 -12.14 -7.72
N PRO B 376 20.97 -12.94 -8.02
CA PRO B 376 20.97 -14.33 -7.60
C PRO B 376 21.07 -14.45 -6.08
N PHE B 377 20.71 -15.64 -5.59
CA PHE B 377 20.61 -15.84 -4.15
C PHE B 377 21.97 -15.66 -3.47
N HIS B 378 23.05 -16.14 -4.09
CA HIS B 378 24.36 -16.03 -3.47
C HIS B 378 24.74 -14.57 -3.27
N SER B 379 24.35 -13.70 -4.20
CA SER B 379 24.60 -12.27 -4.01
C SER B 379 23.87 -11.76 -2.77
N ALA B 380 22.63 -12.21 -2.57
CA ALA B 380 21.89 -11.80 -1.37
C ALA B 380 22.56 -12.32 -0.11
N GLU B 381 23.08 -13.55 -0.15
CA GLU B 381 23.80 -14.09 1.01
C GLU B 381 25.01 -13.24 1.32
N ARG B 382 25.78 -12.88 0.29
CA ARG B 382 26.96 -12.05 0.50
C ARG B 382 26.58 -10.68 1.06
N LEU B 383 25.52 -10.08 0.52
CA LEU B 383 25.08 -8.78 1.01
C LEU B 383 24.64 -8.86 2.48
N PHE B 384 23.93 -9.93 2.84
CA PHE B 384 23.51 -10.09 4.22
C PHE B 384 24.71 -10.24 5.14
N GLN B 385 25.72 -11.01 4.70
CA GLN B 385 26.94 -11.13 5.49
C GLN B 385 27.63 -9.79 5.67
N ILE B 386 27.71 -9.00 4.61
CA ILE B 386 28.36 -7.69 4.70
C ILE B 386 27.57 -6.77 5.64
N LYS B 387 26.24 -6.81 5.55
CA LYS B 387 25.42 -5.99 6.44
C LYS B 387 25.60 -6.41 7.88
N GLN B 388 25.71 -7.72 8.14
CA GLN B 388 25.96 -8.18 9.49
C GLN B 388 27.31 -7.70 9.99
N GLN B 389 28.33 -7.71 9.14
CA GLN B 389 29.63 -7.18 9.54
C GLN B 389 29.55 -5.69 9.86
N GLU B 390 28.83 -4.93 9.05
CA GLU B 390 28.68 -3.50 9.33
C GLU B 390 27.95 -3.27 10.64
N CYS B 391 26.89 -4.03 10.89
CA CYS B 391 26.17 -3.90 12.15
C CYS B 391 27.05 -4.28 13.32
N ALA B 392 27.94 -5.26 13.13
CA ALA B 392 28.90 -5.62 14.16
C ALA B 392 29.82 -4.44 14.45
N TYR B 393 30.31 -3.79 13.40
CA TYR B 393 31.17 -2.63 13.60
C TYR B 393 30.44 -1.53 14.36
N ARG B 394 29.17 -1.33 14.06
CA ARG B 394 28.44 -0.17 14.58
C ARG B 394 27.86 -0.37 15.97
N TYR B 395 27.30 -1.55 16.27
CA TYR B 395 26.47 -1.77 17.45
C TYR B 395 27.09 -2.72 18.47
N ASN B 396 28.39 -3.00 18.37
CA ASN B 396 29.04 -3.98 19.24
C ASN B 396 29.78 -3.31 20.38
N ASN B 397 29.22 -2.23 20.93
CA ASN B 397 29.82 -1.49 22.02
C ASN B 397 29.09 -1.77 23.32
N PRO B 398 29.70 -1.47 24.47
CA PRO B 398 29.07 -1.82 25.75
C PRO B 398 27.73 -1.15 25.98
N THR B 399 27.46 -0.02 25.32
CA THR B 399 26.18 0.65 25.49
C THR B 399 25.04 -0.07 24.78
N TYR B 400 25.33 -1.12 24.01
CA TYR B 400 24.32 -1.87 23.30
C TYR B 400 24.25 -3.33 23.69
N THR B 401 25.25 -3.86 24.39
CA THR B 401 25.25 -5.27 24.76
C THR B 401 26.32 -5.52 25.80
N THR B 402 25.95 -6.23 26.86
CA THR B 402 26.89 -6.71 27.86
C THR B 402 27.02 -8.23 27.84
N ARG B 403 26.51 -8.88 26.80
CA ARG B 403 26.46 -10.33 26.73
C ARG B 403 27.64 -10.87 25.93
N ASN B 404 27.85 -12.18 26.05
CA ASN B 404 28.84 -12.88 25.24
C ASN B 404 28.31 -14.23 24.76
N GLU B 405 27.00 -14.42 24.74
CA GLU B 405 26.44 -15.69 24.32
C GLU B 405 26.83 -15.98 22.88
N ASP B 406 27.24 -17.22 22.62
CA ASP B 406 27.73 -17.58 21.29
C ASP B 406 26.64 -17.39 20.23
N PHE B 407 25.41 -17.80 20.54
CA PHE B 407 24.33 -17.75 19.56
C PHE B 407 23.94 -16.33 19.18
N LEU B 408 24.36 -15.33 19.95
CA LEU B 408 23.99 -13.96 19.66
C LEU B 408 24.67 -13.48 18.38
N PRO B 409 24.13 -12.45 17.74
CA PRO B 409 24.80 -11.90 16.57
C PRO B 409 26.11 -11.23 16.95
N THR B 410 27.00 -11.13 15.96
CA THR B 410 28.28 -10.46 16.19
C THR B 410 28.08 -8.99 16.56
N CYS B 411 26.90 -8.43 16.28
CA CYS B 411 26.60 -7.06 16.64
C CYS B 411 26.01 -6.93 18.03
N LEU B 412 25.92 -8.02 18.79
CA LEU B 412 25.45 -7.97 20.16
C LEU B 412 26.34 -8.81 21.07
N GLY B 413 27.60 -8.99 20.69
CA GLY B 413 28.57 -9.69 21.50
C GLY B 413 28.79 -11.15 21.14
N GLY B 414 27.93 -11.72 20.31
CA GLY B 414 28.05 -13.12 19.96
C GLY B 414 29.07 -13.34 18.85
N LYS B 415 29.06 -14.57 18.32
CA LYS B 415 29.97 -14.95 17.24
C LYS B 415 29.23 -15.61 16.08
N THR B 416 27.93 -15.39 15.98
CA THR B 416 27.11 -16.04 14.96
C THR B 416 26.87 -15.07 13.81
N VAL B 417 27.32 -15.44 12.62
CA VAL B 417 27.00 -14.71 11.40
C VAL B 417 26.05 -15.59 10.60
N ILE B 418 24.74 -15.39 10.78
CA ILE B 418 23.76 -16.31 10.24
C ILE B 418 23.75 -16.21 8.72
N SER B 419 23.70 -17.36 8.06
CA SER B 419 23.53 -17.41 6.62
C SER B 419 22.12 -16.97 6.25
N PHE B 420 22.01 -16.25 5.14
CA PHE B 420 20.70 -15.78 4.71
C PHE B 420 19.74 -16.94 4.44
N GLN B 421 20.24 -17.97 3.75
CA GLN B 421 19.41 -19.14 3.50
C GLN B 421 19.02 -19.84 4.80
N SER B 422 19.95 -19.94 5.74
CA SER B 422 19.65 -20.55 7.02
C SER B 422 18.57 -19.76 7.76
N LEU B 423 18.68 -18.43 7.76
CA LEU B 423 17.68 -17.60 8.42
C LEU B 423 16.32 -17.76 7.76
N LEU B 424 16.29 -17.69 6.43
CA LEU B 424 15.00 -17.68 5.73
C LEU B 424 14.23 -18.98 5.97
N THR B 425 14.93 -20.11 5.93
CA THR B 425 14.27 -21.41 6.14
C THR B 425 14.30 -21.82 7.61
N TRP B 426 13.97 -20.88 8.48
CA TRP B 426 13.80 -21.13 9.91
C TRP B 426 14.80 -22.15 10.44
N ASP B 427 16.08 -21.98 10.11
CA ASP B 427 17.14 -22.89 10.50
C ASP B 427 18.13 -22.20 11.43
N CYS B 428 17.62 -21.44 12.39
CA CYS B 428 18.45 -20.61 13.25
C CYS B 428 17.97 -20.74 14.69
N HIS B 429 18.82 -20.31 15.61
CA HIS B 429 18.44 -20.29 17.01
C HIS B 429 17.20 -19.41 17.19
N PRO B 430 16.27 -19.77 18.08
CA PRO B 430 15.04 -18.97 18.21
C PRO B 430 15.28 -17.48 18.42
N PHE B 431 16.48 -17.10 18.86
CA PHE B 431 16.79 -15.69 18.99
C PHE B 431 16.76 -14.99 17.65
N TRP B 432 17.00 -15.72 16.57
CA TRP B 432 17.07 -15.14 15.23
C TRP B 432 15.73 -15.08 14.53
N TYR B 433 14.66 -15.63 15.12
CA TYR B 433 13.35 -15.57 14.49
C TYR B 433 12.91 -14.13 14.29
N GLN B 434 13.14 -13.28 15.29
CA GLN B 434 12.77 -11.87 15.17
C GLN B 434 13.45 -11.23 13.97
N VAL B 435 14.70 -11.61 13.70
CA VAL B 435 15.41 -11.07 12.54
C VAL B 435 14.77 -11.50 11.24
N HIS B 436 14.01 -12.59 11.24
CA HIS B 436 13.38 -13.06 10.01
C HIS B 436 12.37 -12.01 9.53
N PRO B 437 12.20 -11.85 8.21
CA PRO B 437 11.22 -10.87 7.74
C PRO B 437 9.82 -11.12 8.25
N ASP B 438 9.42 -12.39 8.37
CA ASP B 438 8.09 -12.77 8.84
C ASP B 438 8.08 -13.14 10.31
N GLY B 439 9.18 -12.91 11.04
CA GLY B 439 9.22 -13.21 12.44
C GLY B 439 8.58 -12.12 13.27
N PRO B 440 8.59 -12.32 14.59
CA PRO B 440 8.00 -11.34 15.49
C PRO B 440 8.83 -10.07 15.57
N ASP B 441 8.28 -9.08 16.27
CA ASP B 441 8.97 -7.82 16.44
C ASP B 441 10.30 -8.01 17.16
N THR B 442 11.30 -7.26 16.74
CA THR B 442 12.60 -7.31 17.40
C THR B 442 12.56 -6.54 18.72
N ILE B 443 13.60 -6.74 19.52
CA ILE B 443 13.69 -6.02 20.80
C ILE B 443 13.74 -4.53 20.55
N ASP B 444 14.42 -4.11 19.49
CA ASP B 444 14.57 -2.69 19.19
C ASP B 444 13.22 -2.04 18.92
N GLN B 445 12.37 -2.70 18.13
CA GLN B 445 11.06 -2.12 17.82
C GLN B 445 10.23 -1.98 19.09
N LYS B 446 10.26 -2.98 19.97
CA LYS B 446 9.51 -2.90 21.21
C LYS B 446 10.04 -1.76 22.09
N VAL B 447 11.36 -1.63 22.18
CA VAL B 447 11.94 -0.57 23.00
C VAL B 447 11.55 0.80 22.45
N LEU B 448 11.63 0.97 21.13
CA LEU B 448 11.28 2.25 20.52
C LEU B 448 9.81 2.56 20.71
N SER B 449 8.94 1.56 20.56
CA SER B 449 7.51 1.78 20.78
C SER B 449 7.24 2.17 22.23
N VAL B 450 7.90 1.51 23.18
CA VAL B 450 7.72 1.85 24.58
C VAL B 450 8.16 3.29 24.83
N LEU B 451 9.31 3.68 24.27
CA LEU B 451 9.79 5.05 24.45
C LEU B 451 8.82 6.05 23.85
N ALA B 452 8.29 5.75 22.67
CA ALA B 452 7.35 6.66 22.03
C ALA B 452 6.07 6.81 22.85
N SER B 453 5.56 5.69 23.37
CA SER B 453 4.31 5.75 24.14
C SER B 453 4.52 6.37 25.52
N LYS B 454 5.74 6.31 26.05
CA LYS B 454 6.03 6.79 27.39
C LYS B 454 6.23 8.30 27.44
N THR B 455 5.85 9.03 26.40
CA THR B 455 5.99 10.48 26.35
C THR B 455 4.60 11.12 26.32
N ARG B 456 4.42 12.16 27.12
CA ARG B 456 3.15 12.89 27.15
C ARG B 456 3.40 14.40 27.07
N ARG B 459 -2.48 12.06 30.70
CA ARG B 459 -3.42 13.06 31.16
C ARG B 459 -4.59 12.40 31.89
N THR B 460 -5.59 11.97 31.12
CA THR B 460 -6.75 11.27 31.66
C THR B 460 -7.32 10.40 30.55
N ARG B 461 -7.33 9.09 30.78
CA ARG B 461 -7.75 8.13 29.77
C ARG B 461 -9.20 7.72 29.98
N LEU B 462 -9.88 7.44 28.88
CA LEU B 462 -11.23 6.91 28.94
C LEU B 462 -11.20 5.46 29.38
N GLU B 463 -12.33 5.00 29.93
CA GLU B 463 -12.47 3.59 30.28
C GLU B 463 -12.23 2.74 29.04
N ALA B 464 -11.40 1.70 29.19
CA ALA B 464 -11.01 0.90 28.04
C ALA B 464 -12.22 0.16 27.46
N LEU B 465 -12.16 -0.08 26.15
CA LEU B 465 -13.20 -0.81 25.43
C LEU B 465 -12.58 -1.90 24.57
N SER B 466 -11.46 -2.48 25.02
CA SER B 466 -10.77 -3.50 24.26
C SER B 466 -11.41 -4.86 24.51
N ASP B 467 -10.94 -5.87 23.78
CA ASP B 467 -11.42 -7.24 23.91
C ASP B 467 -12.95 -7.28 23.82
N LEU B 468 -13.45 -6.85 22.67
CA LEU B 468 -14.88 -6.84 22.39
C LEU B 468 -15.27 -8.13 21.69
N ASP B 469 -16.58 -8.34 21.60
CA ASP B 469 -17.09 -9.49 20.87
C ASP B 469 -16.66 -9.38 19.40
N PRO B 470 -16.06 -10.42 18.83
CA PRO B 470 -15.67 -10.33 17.41
C PRO B 470 -16.84 -10.18 16.46
N LEU B 471 -18.08 -10.34 16.94
CA LEU B 471 -19.25 -10.22 16.08
C LEU B 471 -19.95 -8.87 16.20
N VAL B 472 -19.75 -8.15 17.31
CA VAL B 472 -20.45 -6.89 17.52
C VAL B 472 -20.00 -5.90 16.45
N PRO B 473 -20.90 -5.35 15.64
CA PRO B 473 -20.49 -4.31 14.70
C PRO B 473 -19.97 -3.09 15.45
N HIS B 474 -18.98 -2.44 14.86
CA HIS B 474 -18.36 -1.28 15.49
C HIS B 474 -19.20 -0.02 15.36
N ARG B 475 -20.32 -0.07 14.63
CA ARG B 475 -21.18 1.10 14.47
C ARG B 475 -22.20 1.26 15.58
N LEU B 476 -22.32 0.27 16.47
CA LEU B 476 -23.29 0.37 17.55
C LEU B 476 -22.89 1.45 18.55
N LEU B 477 -23.89 2.07 19.15
CA LEU B 477 -23.68 3.18 20.07
C LEU B 477 -23.50 2.66 21.50
N VAL B 478 -22.51 3.21 22.19
CA VAL B 478 -22.19 2.85 23.57
C VAL B 478 -22.10 4.12 24.40
N SER B 479 -22.80 4.14 25.52
CA SER B 479 -22.70 5.23 26.49
C SER B 479 -21.66 4.90 27.56
N GLU B 480 -21.42 5.86 28.45
CA GLU B 480 -20.50 5.63 29.55
C GLU B 480 -20.96 4.45 30.40
N SER B 481 -22.24 4.44 30.78
CA SER B 481 -22.76 3.32 31.55
C SER B 481 -22.68 2.02 30.76
N ASP B 482 -22.96 2.08 29.47
CA ASP B 482 -22.87 0.87 28.64
C ASP B 482 -21.44 0.34 28.60
N VAL B 483 -20.46 1.24 28.47
CA VAL B 483 -19.07 0.81 28.45
C VAL B 483 -18.68 0.19 29.79
N SER B 484 -19.10 0.82 30.89
CA SER B 484 -18.80 0.27 32.20
C SER B 484 -19.43 -1.11 32.36
N LYS B 485 -20.69 -1.27 31.93
CA LYS B 485 -21.34 -2.57 32.04
C LYS B 485 -20.65 -3.63 31.19
N ILE B 486 -20.23 -3.25 29.99
CA ILE B 486 -19.52 -4.20 29.13
C ILE B 486 -18.22 -4.64 29.80
N ARG B 487 -17.47 -3.69 30.34
CA ARG B 487 -16.22 -4.04 31.00
C ARG B 487 -16.47 -4.93 32.21
N ALA B 488 -17.50 -4.61 33.00
CA ALA B 488 -17.80 -5.43 34.16
C ALA B 488 -18.20 -6.85 33.75
N ALA B 489 -19.01 -6.97 32.71
CA ALA B 489 -19.43 -8.29 32.25
C ALA B 489 -18.25 -9.10 31.75
N ARG B 490 -17.36 -8.47 30.98
CA ARG B 490 -16.19 -9.19 30.48
C ARG B 490 -15.28 -9.61 31.63
N GLN B 491 -15.07 -8.74 32.60
CA GLN B 491 -14.25 -9.08 33.75
C GLN B 491 -14.87 -10.24 34.53
N ALA B 492 -16.19 -10.21 34.72
CA ALA B 492 -16.86 -11.30 35.43
C ALA B 492 -16.74 -12.61 34.66
N HIS B 493 -16.87 -12.56 33.33
CA HIS B 493 -16.71 -13.77 32.53
C HIS B 493 -15.30 -14.32 32.66
N LEU B 494 -14.28 -13.46 32.62
CA LEU B 494 -12.92 -13.91 32.81
C LEU B 494 -12.72 -14.51 34.19
N LYS B 495 -13.29 -13.88 35.23
CA LYS B 495 -13.16 -14.40 36.58
C LYS B 495 -13.80 -15.77 36.70
N SER B 496 -15.00 -15.94 36.14
CA SER B 496 -15.65 -17.25 36.19
C SER B 496 -14.82 -18.31 35.50
N LEU B 497 -14.05 -17.93 34.50
CA LEU B 497 -13.13 -18.85 33.83
C LEU B 497 -11.80 -18.96 34.58
N GLY B 498 -11.60 -18.17 35.63
CA GLY B 498 -10.34 -18.22 36.37
C GLY B 498 -9.15 -17.82 35.51
N LEU B 499 -9.32 -16.79 34.70
CA LEU B 499 -8.29 -16.35 33.77
C LEU B 499 -8.08 -14.85 33.93
N GLU B 500 -6.82 -14.42 33.80
CA GLU B 500 -6.45 -13.02 33.94
C GLU B 500 -6.80 -12.29 32.64
N GLN B 501 -6.26 -11.09 32.47
CA GLN B 501 -6.47 -10.31 31.25
C GLN B 501 -6.40 -11.22 30.04
N PRO B 502 -7.22 -11.00 29.01
CA PRO B 502 -7.36 -12.00 27.94
C PRO B 502 -6.02 -12.37 27.33
N THR B 503 -5.83 -13.66 27.12
CA THR B 503 -4.59 -14.15 26.52
C THR B 503 -4.53 -13.76 25.05
N ASN B 504 -3.39 -13.23 24.62
CA ASN B 504 -3.24 -12.82 23.23
C ASN B 504 -3.39 -14.02 22.31
N PHE B 505 -3.92 -13.76 21.12
CA PHE B 505 -4.16 -14.80 20.12
C PHE B 505 -3.23 -14.59 18.94
N ASN B 506 -2.50 -15.63 18.56
CA ASN B 506 -1.66 -15.64 17.38
C ASN B 506 -2.22 -16.67 16.40
N TYR B 507 -2.55 -16.23 15.19
CA TYR B 507 -3.11 -17.13 14.20
C TYR B 507 -2.11 -18.22 13.82
N ALA B 508 -0.84 -17.86 13.67
CA ALA B 508 0.15 -18.81 13.20
C ALA B 508 0.29 -19.99 14.16
N ILE B 509 0.45 -19.70 15.46
CA ILE B 509 0.64 -20.78 16.42
C ILE B 509 -0.63 -21.63 16.52
N TYR B 510 -1.80 -20.98 16.54
CA TYR B 510 -3.04 -21.74 16.61
C TYR B 510 -3.17 -22.70 15.43
N LYS B 511 -2.88 -22.21 14.22
CA LYS B 511 -2.95 -23.07 13.06
C LYS B 511 -1.91 -24.19 13.14
N ALA B 512 -0.73 -23.88 13.67
CA ALA B 512 0.32 -24.89 13.79
C ALA B 512 -0.11 -26.02 14.72
N VAL B 513 -0.74 -25.68 15.85
CA VAL B 513 -1.18 -26.70 16.81
C VAL B 513 -2.49 -27.35 16.40
N GLN B 514 -3.20 -26.80 15.41
CA GLN B 514 -4.45 -27.38 14.96
C GLN B 514 -4.23 -28.77 14.36
N SER C 2 -14.87 11.00 34.58
CA SER C 2 -15.93 11.60 33.77
C SER C 2 -15.39 12.10 32.44
N GLN C 3 -14.33 11.45 31.95
CA GLN C 3 -13.73 11.86 30.68
C GLN C 3 -14.73 11.72 29.53
N PHE C 4 -15.68 10.78 29.64
CA PHE C 4 -16.71 10.66 28.62
C PHE C 4 -17.50 11.94 28.46
N GLY C 5 -17.59 12.73 29.53
CA GLY C 5 -18.28 14.01 29.47
C GLY C 5 -17.46 15.15 28.93
N LYS C 6 -16.18 14.92 28.63
CA LYS C 6 -15.31 15.94 28.06
C LYS C 6 -14.88 15.61 26.64
N SER C 7 -14.37 14.40 26.39
CA SER C 7 -13.99 14.03 25.04
C SER C 7 -15.20 14.04 24.11
N PHE C 8 -16.34 13.56 24.60
CA PHE C 8 -17.58 13.49 23.83
C PHE C 8 -18.63 14.44 24.40
N LYS C 9 -18.19 15.64 24.79
CA LYS C 9 -19.10 16.61 25.39
C LYS C 9 -20.27 16.90 24.46
N GLY C 10 -21.47 16.96 25.03
CA GLY C 10 -22.67 17.21 24.27
C GLY C 10 -23.37 15.96 23.76
N ARG C 11 -22.79 14.79 23.96
CA ARG C 11 -23.40 13.54 23.52
C ARG C 11 -23.34 12.53 24.66
N THR C 12 -24.34 11.65 24.69
CA THR C 12 -24.41 10.57 25.67
C THR C 12 -24.09 9.21 25.09
N GLU C 13 -24.18 9.04 23.78
CA GLU C 13 -23.88 7.78 23.13
C GLU C 13 -23.01 8.04 21.90
N VAL C 14 -21.96 7.24 21.73
CA VAL C 14 -21.07 7.33 20.59
C VAL C 14 -20.81 5.93 20.06
N THR C 15 -20.44 5.85 18.79
CA THR C 15 -20.19 4.56 18.16
C THR C 15 -18.96 3.90 18.79
N ILE C 16 -18.89 2.58 18.63
CA ILE C 16 -17.74 1.84 19.15
C ILE C 16 -16.47 2.26 18.42
N THR C 17 -16.59 2.55 17.12
CA THR C 17 -15.42 2.97 16.35
C THR C 17 -14.80 4.24 16.95
N GLU C 18 -15.63 5.24 17.22
CA GLU C 18 -15.12 6.50 17.75
C GLU C 18 -14.48 6.31 19.11
N TYR C 19 -15.15 5.57 20.00
CA TYR C 19 -14.62 5.35 21.33
C TYR C 19 -13.29 4.61 21.27
N ARG C 20 -13.22 3.57 20.44
CA ARG C 20 -11.98 2.81 20.31
C ARG C 20 -10.86 3.68 19.75
N SER C 21 -11.17 4.50 18.75
CA SER C 21 -10.15 5.36 18.15
C SER C 21 -9.67 6.42 19.14
N HIS C 22 -10.53 6.88 20.05
CA HIS C 22 -10.09 7.85 21.03
C HIS C 22 -9.11 7.25 22.03
N THR C 23 -9.28 5.97 22.37
CA THR C 23 -8.39 5.31 23.32
C THR C 23 -7.30 4.55 22.57
N VAL C 24 -6.41 5.31 21.95
CA VAL C 24 -5.27 4.78 21.22
C VAL C 24 -4.02 5.49 21.71
N LYS C 25 -2.93 4.74 21.83
CA LYS C 25 -1.68 5.31 22.33
C LYS C 25 -1.23 6.46 21.44
N ASP C 26 -0.87 7.57 22.07
CA ASP C 26 -0.48 8.79 21.35
C ASP C 26 1.05 8.81 21.27
N VAL C 27 1.57 8.18 20.22
CA VAL C 27 3.01 8.14 20.01
C VAL C 27 3.49 9.51 19.53
N HIS C 28 4.74 9.84 19.86
CA HIS C 28 5.33 11.11 19.50
C HIS C 28 6.66 10.87 18.78
N ARG C 29 7.01 11.80 17.90
CA ARG C 29 8.23 11.73 17.10
C ARG C 29 9.22 12.74 17.65
N SER C 30 10.41 12.26 18.01
CA SER C 30 11.49 13.09 18.50
C SER C 30 12.63 13.10 17.49
N LEU C 31 13.41 14.18 17.51
CA LEU C 31 14.52 14.32 16.57
C LEU C 31 15.64 13.33 16.83
N LEU C 32 15.64 12.66 17.98
CA LEU C 32 16.70 11.71 18.29
C LEU C 32 16.70 10.57 17.29
N THR C 33 17.91 10.13 16.91
CA THR C 33 18.04 8.98 16.03
C THR C 33 17.66 7.71 16.79
N ALA C 34 17.44 6.65 16.02
CA ALA C 34 17.10 5.37 16.64
C ALA C 34 18.23 4.87 17.53
N ASP C 35 19.48 5.03 17.07
CA ASP C 35 20.62 4.55 17.86
C ASP C 35 20.70 5.27 19.19
N LYS C 36 20.56 6.60 19.18
CA LYS C 36 20.63 7.36 20.42
C LYS C 36 19.49 7.00 21.35
N SER C 37 18.29 6.81 20.82
CA SER C 37 17.16 6.40 21.65
C SER C 37 17.42 5.03 22.29
N LEU C 38 17.94 4.08 21.52
CA LEU C 38 18.24 2.77 22.08
C LEU C 38 19.35 2.85 23.12
N ARG C 39 20.29 3.77 22.95
CA ARG C 39 21.35 3.93 23.94
C ARG C 39 20.84 4.63 25.20
N LYS C 40 19.81 5.45 25.07
CA LYS C 40 19.35 6.25 26.21
C LYS C 40 19.01 5.37 27.40
N SER C 41 19.59 5.69 28.55
CA SER C 41 19.32 4.99 29.80
C SER C 41 19.54 3.48 29.68
N PHE C 42 20.33 3.06 28.69
CA PHE C 42 20.58 1.64 28.47
C PHE C 42 19.27 0.87 28.30
N CYS C 43 18.30 1.51 27.65
CA CYS C 43 16.99 0.88 27.51
C CYS C 43 17.10 -0.40 26.69
N PHE C 44 17.80 -0.36 25.55
CA PHE C 44 17.94 -1.56 24.74
C PHE C 44 18.80 -2.60 25.43
N ARG C 45 19.82 -2.17 26.16
CA ARG C 45 20.64 -3.12 26.90
C ARG C 45 19.81 -3.90 27.90
N ASN C 46 19.00 -3.19 28.69
CA ASN C 46 18.15 -3.84 29.66
C ASN C 46 17.09 -4.70 28.98
N ALA C 47 16.55 -4.25 27.86
CA ALA C 47 15.58 -5.05 27.13
C ALA C 47 16.20 -6.34 26.63
N LEU C 48 17.43 -6.27 26.12
CA LEU C 48 18.12 -7.47 25.66
C LEU C 48 18.38 -8.42 26.83
N ASN C 49 18.79 -7.87 27.99
CA ASN C 49 19.01 -8.71 29.16
C ASN C 49 17.72 -9.42 29.56
N GLN C 50 16.61 -8.68 29.58
CA GLN C 50 15.33 -9.29 29.94
C GLN C 50 14.93 -10.36 28.94
N PHE C 51 15.10 -10.08 27.65
CA PHE C 51 14.76 -11.07 26.62
C PHE C 51 15.60 -12.34 26.77
N LEU C 52 16.89 -12.19 27.04
CA LEU C 52 17.76 -13.35 27.15
C LEU C 52 17.54 -14.10 28.47
N ASP C 53 17.00 -13.44 29.49
CA ASP C 53 16.78 -14.08 30.77
C ASP C 53 15.38 -14.63 30.96
N LYS C 54 14.36 -13.97 30.43
CA LYS C 54 12.97 -14.36 30.66
C LYS C 54 12.24 -14.77 29.39
N ASP C 55 12.27 -13.95 28.34
CA ASP C 55 11.42 -14.17 27.19
C ASP C 55 11.97 -15.26 26.27
N LEU C 56 13.29 -15.34 26.11
CA LEU C 56 13.86 -16.26 25.14
C LEU C 56 13.49 -17.72 25.40
N PRO C 57 13.51 -18.22 26.63
CA PRO C 57 13.14 -19.63 26.85
C PRO C 57 11.71 -19.95 26.43
N LEU C 58 10.83 -18.96 26.38
CA LEU C 58 9.42 -19.18 26.06
C LEU C 58 9.12 -19.03 24.57
N LEU C 59 10.11 -19.24 23.71
CA LEU C 59 9.92 -19.10 22.27
C LEU C 59 9.75 -20.48 21.65
N PRO C 60 8.59 -20.81 21.08
CA PRO C 60 8.44 -22.11 20.44
C PRO C 60 9.44 -22.30 19.29
N ILE C 61 9.90 -23.53 19.13
CA ILE C 61 10.87 -23.87 18.10
C ILE C 61 10.11 -24.14 16.81
N ARG C 62 10.23 -23.24 15.85
CA ARG C 62 9.56 -23.40 14.57
C ARG C 62 10.24 -24.48 13.74
N PRO C 63 9.47 -25.22 12.94
CA PRO C 63 10.09 -26.29 12.13
C PRO C 63 10.91 -25.73 10.98
N LYS C 64 11.96 -26.46 10.63
CA LYS C 64 12.79 -26.12 9.49
C LYS C 64 12.09 -26.50 8.19
N LEU C 65 12.43 -25.78 7.12
CA LEU C 65 11.90 -26.09 5.79
C LEU C 65 12.91 -26.91 5.02
N GLU C 66 12.45 -28.03 4.45
CA GLU C 66 13.32 -28.92 3.69
C GLU C 66 12.79 -29.24 2.29
N SER C 67 11.51 -29.05 2.02
CA SER C 67 10.97 -29.38 0.72
C SER C 67 11.49 -28.42 -0.34
N ARG C 68 12.01 -28.96 -1.43
CA ARG C 68 12.55 -28.16 -2.52
C ARG C 68 12.18 -28.80 -3.85
N VAL C 69 12.00 -27.95 -4.87
CA VAL C 69 11.70 -28.41 -6.22
C VAL C 69 12.53 -27.59 -7.19
N ALA C 70 12.74 -28.16 -8.38
CA ALA C 70 13.49 -27.47 -9.42
C ALA C 70 12.68 -26.30 -9.95
N VAL C 71 13.34 -25.14 -10.08
CA VAL C 71 12.69 -23.91 -10.52
C VAL C 71 13.48 -23.33 -11.68
N LYS C 72 12.79 -22.57 -12.53
CA LYS C 72 13.40 -21.91 -13.67
C LYS C 72 12.95 -20.47 -13.71
N LYS C 73 13.84 -19.57 -14.14
CA LYS C 73 13.48 -18.18 -14.29
C LYS C 73 12.40 -18.03 -15.36
N SER C 74 11.40 -17.21 -15.06
CA SER C 74 10.27 -17.01 -15.97
C SER C 74 9.81 -15.56 -15.85
N LYS C 75 8.69 -15.26 -16.50
CA LYS C 75 8.14 -13.91 -16.43
C LYS C 75 7.85 -13.53 -14.99
N LEU C 76 7.60 -12.24 -14.77
CA LEU C 76 7.22 -11.74 -13.46
C LEU C 76 5.76 -12.07 -13.23
N ARG C 77 5.50 -13.11 -12.44
CA ARG C 77 4.15 -13.54 -12.14
C ARG C 77 3.75 -13.08 -10.74
N SER C 78 2.48 -13.27 -10.43
CA SER C 78 1.94 -12.96 -9.11
C SER C 78 1.51 -14.25 -8.43
N GLN C 79 2.25 -14.63 -7.39
CA GLN C 79 1.88 -15.78 -6.57
C GLN C 79 0.65 -15.40 -5.74
N LEU C 80 -0.45 -16.10 -5.97
CA LEU C 80 -1.73 -15.80 -5.35
C LEU C 80 -1.91 -16.72 -4.14
N SER C 81 -1.70 -16.17 -2.95
CA SER C 81 -1.90 -16.92 -1.72
C SER C 81 -3.29 -16.60 -1.17
N PHE C 82 -3.97 -17.65 -0.70
CA PHE C 82 -5.34 -17.54 -0.23
C PHE C 82 -5.44 -17.93 1.24
N ARG C 83 -4.54 -17.40 2.06
CA ARG C 83 -4.51 -17.77 3.46
C ARG C 83 -5.86 -17.48 4.10
N PRO C 84 -6.47 -18.43 4.80
CA PRO C 84 -7.81 -18.21 5.36
C PRO C 84 -7.76 -17.62 6.76
N GLY C 85 -8.93 -17.16 7.21
CA GLY C 85 -9.10 -16.65 8.55
C GLY C 85 -9.97 -17.56 9.40
N LEU C 86 -10.06 -17.21 10.68
CA LEU C 86 -10.92 -17.95 11.60
C LEU C 86 -12.37 -17.90 11.12
N THR C 87 -13.02 -19.05 11.15
CA THR C 87 -14.43 -19.10 10.77
C THR C 87 -15.30 -18.58 11.92
N GLN C 88 -16.53 -18.21 11.57
CA GLN C 88 -17.42 -17.56 12.53
C GLN C 88 -17.54 -18.38 13.80
N GLU C 89 -17.87 -19.67 13.67
CA GLU C 89 -18.00 -20.51 14.85
C GLU C 89 -16.68 -20.61 15.61
N GLU C 90 -15.57 -20.71 14.88
CA GLU C 90 -14.27 -20.75 15.51
C GLU C 90 -13.99 -19.46 16.27
N ALA C 91 -14.36 -18.32 15.67
CA ALA C 91 -14.18 -17.05 16.35
C ALA C 91 -15.00 -16.99 17.63
N ILE C 92 -16.25 -17.46 17.59
CA ILE C 92 -17.08 -17.48 18.78
C ILE C 92 -16.44 -18.35 19.85
N ASP C 93 -15.98 -19.54 19.46
CA ASP C 93 -15.38 -20.45 20.44
C ASP C 93 -14.14 -19.84 21.07
N LEU C 94 -13.27 -19.22 20.25
CA LEU C 94 -12.07 -18.60 20.80
C LEU C 94 -12.41 -17.45 21.72
N TYR C 95 -13.38 -16.61 21.35
CA TYR C 95 -13.75 -15.49 22.19
C TYR C 95 -14.31 -15.95 23.52
N ASN C 96 -15.16 -16.98 23.50
CA ASN C 96 -15.74 -17.48 24.74
C ASN C 96 -14.71 -18.17 25.63
N LYS C 97 -13.55 -18.55 25.08
CA LYS C 97 -12.50 -19.18 25.86
C LYS C 97 -11.61 -18.17 26.58
N GLY C 98 -11.83 -16.87 26.38
CA GLY C 98 -11.03 -15.86 27.02
C GLY C 98 -9.92 -15.27 26.17
N TYR C 99 -9.86 -15.61 24.89
CA TYR C 99 -8.83 -15.05 24.02
C TYR C 99 -9.12 -13.57 23.74
N ASP C 100 -8.08 -12.86 23.32
CA ASP C 100 -8.21 -11.43 23.05
C ASP C 100 -9.23 -11.19 21.95
N GLY C 101 -10.17 -10.29 22.21
CA GLY C 101 -11.19 -9.99 21.21
C GLY C 101 -10.63 -9.32 19.97
N ASP C 102 -9.72 -8.35 20.17
CA ASP C 102 -9.19 -7.61 19.03
C ASP C 102 -8.38 -8.50 18.11
N SER C 103 -7.51 -9.34 18.68
CA SER C 103 -6.70 -10.23 17.86
C SER C 103 -7.57 -11.24 17.11
N VAL C 104 -8.57 -11.80 17.79
CA VAL C 104 -9.45 -12.76 17.14
C VAL C 104 -10.21 -12.10 16.00
N SER C 105 -10.74 -10.89 16.25
CA SER C 105 -11.47 -10.20 15.20
C SER C 105 -10.57 -9.87 14.02
N GLY C 106 -9.34 -9.45 14.29
CA GLY C 106 -8.41 -9.20 13.20
C GLY C 106 -8.11 -10.45 12.41
N ALA C 107 -7.99 -11.59 13.09
CA ALA C 107 -7.80 -12.87 12.40
C ALA C 107 -9.05 -13.35 11.69
N LEU C 108 -10.22 -12.78 11.99
CA LEU C 108 -11.47 -13.18 11.35
C LEU C 108 -11.64 -12.38 10.05
N GLN C 109 -10.87 -12.78 9.05
CA GLN C 109 -10.93 -12.14 7.74
C GLN C 109 -10.27 -13.07 6.72
N ASP C 110 -11.03 -13.47 5.71
CA ASP C 110 -10.49 -14.28 4.61
C ASP C 110 -9.91 -13.35 3.57
N ARG C 111 -8.58 -13.29 3.51
CA ARG C 111 -7.87 -12.34 2.68
C ARG C 111 -7.14 -13.06 1.55
N VAL C 112 -7.11 -12.42 0.38
CA VAL C 112 -6.38 -12.90 -0.78
C VAL C 112 -5.19 -11.96 -1.00
N VAL C 113 -3.99 -12.53 -1.07
CA VAL C 113 -2.78 -11.73 -1.20
C VAL C 113 -2.03 -12.16 -2.45
N ASN C 114 -1.28 -11.21 -3.02
CA ASN C 114 -0.48 -11.44 -4.21
C ASN C 114 0.96 -11.03 -3.92
N GLU C 115 1.91 -11.87 -4.32
CA GLU C 115 3.32 -11.60 -4.14
C GLU C 115 4.02 -11.64 -5.49
N PRO C 116 4.70 -10.58 -5.92
CA PRO C 116 5.42 -10.64 -7.20
C PRO C 116 6.62 -11.58 -7.10
N VAL C 117 6.58 -12.65 -7.88
CA VAL C 117 7.67 -13.62 -7.94
C VAL C 117 7.90 -13.99 -9.39
N ALA C 118 9.17 -14.10 -9.77
CA ALA C 118 9.56 -14.52 -11.12
C ALA C 118 10.34 -15.82 -11.00
N TYR C 119 9.61 -16.94 -10.87
CA TYR C 119 10.20 -18.27 -10.79
C TYR C 119 9.10 -19.31 -10.93
N SER C 120 9.28 -20.28 -11.82
CA SER C 120 8.27 -21.28 -12.11
C SER C 120 8.87 -22.66 -12.07
N SER C 121 8.15 -23.59 -11.46
CA SER C 121 8.56 -24.99 -11.36
C SER C 121 7.72 -25.84 -12.30
N ALA C 122 8.07 -27.12 -12.37
CA ALA C 122 7.40 -28.02 -13.30
C ALA C 122 5.91 -28.13 -13.00
N ASP C 123 5.57 -28.29 -11.71
CA ASP C 123 4.18 -28.41 -11.30
C ASP C 123 3.53 -27.06 -11.00
N ASN C 124 4.27 -25.96 -11.13
CA ASN C 124 3.74 -24.62 -10.91
C ASN C 124 3.20 -24.49 -9.48
N ASP C 125 4.11 -24.67 -8.52
CA ASP C 125 3.76 -24.65 -7.11
C ASP C 125 3.84 -23.23 -6.57
N LYS C 126 3.74 -23.10 -5.25
CA LYS C 126 3.88 -21.81 -4.56
C LYS C 126 5.06 -21.89 -3.61
N PHE C 127 5.89 -20.86 -3.61
CA PHE C 127 7.12 -20.83 -2.83
C PHE C 127 6.99 -19.88 -1.65
N HIS C 128 7.86 -20.08 -0.67
CA HIS C 128 7.87 -19.24 0.52
C HIS C 128 8.37 -17.84 0.18
N ARG C 129 8.24 -16.93 1.14
CA ARG C 129 8.71 -15.56 0.96
C ARG C 129 10.23 -15.51 1.06
N GLY C 130 10.88 -15.10 -0.02
CA GLY C 130 12.32 -14.99 -0.06
C GLY C 130 13.04 -16.22 -0.55
N LEU C 131 12.34 -17.34 -0.76
CA LEU C 131 12.97 -18.60 -1.16
C LEU C 131 12.47 -19.08 -2.52
N ALA C 132 11.82 -18.21 -3.29
CA ALA C 132 11.38 -18.61 -4.63
C ALA C 132 12.56 -18.99 -5.50
N ALA C 133 13.72 -18.36 -5.29
CA ALA C 133 14.89 -18.69 -6.09
C ALA C 133 15.35 -20.12 -5.83
N LEU C 134 15.28 -20.57 -4.58
CA LEU C 134 15.71 -21.90 -4.20
C LEU C 134 14.61 -22.94 -4.37
N GLY C 135 13.40 -22.53 -4.76
CA GLY C 135 12.32 -23.47 -4.96
C GLY C 135 11.82 -24.15 -3.72
N TYR C 136 11.67 -23.41 -2.62
CA TYR C 136 11.13 -23.95 -1.37
C TYR C 136 9.61 -23.87 -1.44
N THR C 137 8.97 -24.97 -1.81
CA THR C 137 7.52 -24.98 -1.97
C THR C 137 6.83 -24.97 -0.62
N LEU C 138 5.58 -24.47 -0.62
CA LEU C 138 4.77 -24.52 0.59
C LEU C 138 4.33 -25.94 0.91
N ALA C 139 4.09 -26.76 -0.12
CA ALA C 139 3.57 -28.10 0.08
C ALA C 139 4.59 -28.97 0.80
N ASP C 140 4.11 -29.78 1.74
CA ASP C 140 4.93 -30.77 2.41
C ASP C 140 4.83 -32.10 1.69
N ARG C 141 5.82 -32.96 1.94
CA ARG C 141 5.85 -34.26 1.27
C ARG C 141 4.59 -35.05 1.57
N ALA C 142 3.98 -35.59 0.52
CA ALA C 142 2.74 -36.36 0.66
C ALA C 142 3.04 -37.75 1.18
N PHE C 143 2.13 -38.24 2.04
CA PHE C 143 2.29 -39.58 2.60
C PHE C 143 1.85 -40.65 1.61
N ASP C 144 0.58 -40.60 1.21
CA ASP C 144 0.04 -41.55 0.24
C ASP C 144 0.17 -40.99 -1.17
N THR C 145 0.49 -41.87 -2.11
CA THR C 145 0.81 -41.42 -3.47
C THR C 145 -0.38 -40.76 -4.15
N CYS C 146 -1.56 -41.35 -4.02
CA CYS C 146 -2.67 -40.89 -4.86
C CYS C 146 -3.28 -39.62 -4.28
N GLU C 147 -2.91 -39.27 -3.05
CA GLU C 147 -3.18 -37.91 -2.57
C GLU C 147 -2.44 -36.89 -3.42
N SER C 148 -1.13 -37.08 -3.59
CA SER C 148 -0.37 -36.22 -4.48
C SER C 148 -0.93 -36.28 -5.90
N GLY C 149 -1.42 -37.45 -6.31
CA GLY C 149 -2.12 -37.52 -7.58
C GLY C 149 -3.35 -36.65 -7.64
N PHE C 150 -4.12 -36.62 -6.56
CA PHE C 150 -5.29 -35.75 -6.48
C PHE C 150 -4.90 -34.29 -6.61
N VAL C 151 -3.86 -33.86 -5.89
CA VAL C 151 -3.43 -32.47 -5.97
C VAL C 151 -2.77 -32.14 -7.30
N ARG C 152 -2.42 -33.14 -8.10
CA ARG C 152 -1.72 -32.95 -9.35
C ARG C 152 -2.70 -33.04 -10.52
N ALA C 153 -2.47 -32.19 -11.53
CA ALA C 153 -3.37 -32.18 -12.68
C ALA C 153 -3.32 -33.49 -13.45
N ILE C 154 -2.12 -34.01 -13.68
CA ILE C 154 -1.93 -35.26 -14.43
C ILE C 154 -1.25 -36.27 -13.52
N PRO C 155 -2.00 -37.12 -12.82
CA PRO C 155 -1.37 -38.08 -11.91
C PRO C 155 -0.43 -39.02 -12.66
N THR C 156 0.68 -39.36 -12.00
CA THR C 156 1.65 -40.27 -12.60
C THR C 156 1.11 -41.69 -12.66
N THR C 157 0.54 -42.19 -11.57
CA THR C 157 0.01 -43.55 -11.48
C THR C 157 -1.45 -43.49 -11.07
N PRO C 158 -2.39 -43.79 -11.96
CA PRO C 158 -3.81 -43.77 -11.58
C PRO C 158 -4.19 -45.03 -10.81
N CYS C 159 -4.82 -44.85 -9.66
CA CYS C 159 -5.38 -45.98 -8.91
C CYS C 159 -6.79 -46.34 -9.38
N GLY C 160 -7.18 -45.87 -10.56
CA GLY C 160 -8.46 -46.26 -11.14
C GLY C 160 -9.66 -45.57 -10.53
N PHE C 161 -9.45 -44.58 -9.69
CA PHE C 161 -10.53 -43.93 -8.95
C PHE C 161 -10.49 -42.42 -9.22
N ILE C 162 -11.57 -41.75 -8.84
CA ILE C 162 -11.80 -40.37 -9.25
C ILE C 162 -10.70 -39.42 -8.78
N CYS C 163 -10.04 -39.73 -7.67
CA CYS C 163 -9.05 -38.80 -7.14
C CYS C 163 -7.95 -38.52 -8.15
N CYS C 164 -7.46 -39.56 -8.82
CA CYS C 164 -6.38 -39.43 -9.80
C CYS C 164 -6.62 -40.26 -11.04
N GLY C 165 -7.86 -40.40 -11.49
CA GLY C 165 -8.16 -41.12 -12.71
C GLY C 165 -9.66 -41.30 -12.88
N PRO C 166 -10.09 -41.70 -14.07
CA PRO C 166 -11.52 -41.94 -14.30
C PRO C 166 -11.99 -43.15 -13.50
N GLY C 167 -12.93 -42.91 -12.59
CA GLY C 167 -13.41 -43.96 -11.72
C GLY C 167 -14.31 -43.41 -10.64
N SER C 168 -14.57 -44.26 -9.65
CA SER C 168 -15.48 -43.93 -8.55
C SER C 168 -14.69 -43.31 -7.40
N PHE C 169 -15.33 -43.18 -6.25
CA PHE C 169 -14.75 -42.51 -5.09
C PHE C 169 -14.14 -43.53 -4.13
N LYS C 170 -13.22 -43.04 -3.30
CA LYS C 170 -12.59 -43.83 -2.26
C LYS C 170 -13.28 -43.58 -0.92
N ASP C 171 -12.73 -44.17 0.14
CA ASP C 171 -13.20 -43.87 1.48
C ASP C 171 -12.66 -42.52 1.97
N SER C 172 -11.57 -42.05 1.38
CA SER C 172 -10.93 -40.81 1.80
C SER C 172 -11.44 -39.59 1.03
N LEU C 173 -12.33 -39.78 0.05
CA LEU C 173 -12.86 -38.70 -0.75
C LEU C 173 -14.33 -38.45 -0.41
N GLY C 174 -14.73 -37.19 -0.47
CA GLY C 174 -16.12 -36.82 -0.35
C GLY C 174 -16.52 -35.95 -1.53
N PHE C 175 -17.81 -35.65 -1.61
CA PHE C 175 -18.30 -34.76 -2.66
C PHE C 175 -19.51 -33.98 -2.16
N VAL C 176 -19.58 -32.72 -2.59
CA VAL C 176 -20.73 -31.86 -2.33
C VAL C 176 -21.34 -31.49 -3.68
N ILE C 177 -22.63 -31.75 -3.82
CA ILE C 177 -23.34 -31.56 -5.09
C ILE C 177 -24.67 -30.90 -4.82
N LYS C 178 -25.05 -29.96 -5.68
CA LYS C 178 -26.32 -29.26 -5.54
C LYS C 178 -27.41 -30.05 -6.27
N ILE C 179 -28.38 -30.52 -5.51
CA ILE C 179 -29.54 -31.24 -6.06
C ILE C 179 -30.78 -30.44 -5.74
N GLY C 180 -31.53 -30.08 -6.77
CA GLY C 180 -32.74 -29.29 -6.55
C GLY C 180 -32.39 -27.99 -5.85
N GLU C 181 -32.95 -27.81 -4.65
CA GLU C 181 -32.73 -26.61 -3.85
C GLU C 181 -31.91 -26.91 -2.60
N PHE C 182 -31.16 -28.01 -2.58
CA PHE C 182 -30.38 -28.42 -1.43
C PHE C 182 -28.97 -28.77 -1.87
N TRP C 183 -28.06 -28.78 -0.90
CA TRP C 183 -26.67 -29.16 -1.12
C TRP C 183 -26.42 -30.45 -0.38
N HIS C 184 -26.20 -31.54 -1.11
CA HIS C 184 -25.96 -32.85 -0.53
C HIS C 184 -24.47 -33.09 -0.41
N MET C 185 -24.03 -33.46 0.79
CA MET C 185 -22.63 -33.77 1.07
C MET C 185 -22.54 -35.24 1.44
N TYR C 186 -21.68 -35.97 0.74
CA TYR C 186 -21.46 -37.38 1.03
C TYR C 186 -19.97 -37.63 1.23
N ASP C 187 -19.64 -38.52 2.16
CA ASP C 187 -18.25 -38.76 2.53
C ASP C 187 -17.95 -40.25 2.39
N GLY C 188 -18.93 -41.08 2.70
CA GLY C 188 -18.75 -42.53 2.68
C GLY C 188 -19.47 -43.19 3.83
N PHE C 189 -19.66 -42.43 4.91
CA PHE C 189 -20.41 -42.88 6.08
C PHE C 189 -21.66 -42.03 6.30
N GLN C 190 -21.51 -40.71 6.32
CA GLN C 190 -22.60 -39.79 6.65
C GLN C 190 -23.00 -39.00 5.42
N HIS C 191 -24.30 -38.92 5.16
CA HIS C 191 -24.85 -38.11 4.09
C HIS C 191 -25.68 -36.99 4.72
N PHE C 192 -25.30 -35.76 4.44
CA PHE C 192 -25.95 -34.59 5.03
C PHE C 192 -26.52 -33.70 3.93
N VAL C 193 -27.52 -32.90 4.31
CA VAL C 193 -28.15 -31.96 3.40
C VAL C 193 -28.13 -30.59 4.06
N ALA C 194 -27.71 -29.57 3.30
CA ALA C 194 -27.65 -28.21 3.80
C ALA C 194 -28.43 -27.28 2.87
N VAL C 195 -28.84 -26.15 3.41
CA VAL C 195 -29.60 -25.15 2.67
C VAL C 195 -29.02 -23.77 2.94
N GLU C 196 -29.21 -22.87 1.99
CA GLU C 196 -28.74 -21.48 2.12
C GLU C 196 -29.88 -20.65 2.67
N ASP C 197 -29.77 -20.26 3.94
CA ASP C 197 -30.82 -19.55 4.66
C ASP C 197 -30.30 -18.16 5.05
N ALA C 198 -30.54 -17.19 4.18
CA ALA C 198 -30.34 -15.77 4.49
C ALA C 198 -28.98 -15.54 5.15
N LYS C 199 -27.94 -15.74 4.35
CA LYS C 199 -26.53 -15.52 4.69
C LYS C 199 -25.98 -16.64 5.58
N PHE C 200 -26.81 -17.58 6.02
CA PHE C 200 -26.36 -18.70 6.84
C PHE C 200 -26.41 -19.98 6.02
N LEU C 201 -25.65 -20.98 6.46
CA LEU C 201 -25.68 -22.32 5.90
C LEU C 201 -26.32 -23.23 6.94
N ALA C 202 -27.62 -23.48 6.80
CA ALA C 202 -28.34 -24.30 7.74
C ALA C 202 -28.11 -25.78 7.42
N SER C 203 -27.63 -26.52 8.41
CA SER C 203 -27.33 -27.93 8.24
C SER C 203 -27.57 -28.66 9.56
N LYS C 204 -27.69 -29.99 9.48
CA LYS C 204 -27.93 -30.77 10.68
C LYS C 204 -26.77 -30.65 11.66
N SER C 205 -25.55 -30.73 11.16
CA SER C 205 -24.36 -30.66 11.99
C SER C 205 -23.26 -29.89 11.25
N PRO C 206 -23.06 -28.60 11.56
CA PRO C 206 -22.04 -27.83 10.82
C PRO C 206 -20.63 -28.35 10.96
N SER C 207 -20.34 -29.12 12.02
CA SER C 207 -18.98 -29.58 12.26
C SER C 207 -18.47 -30.54 11.18
N PHE C 208 -19.36 -31.07 10.33
CA PHE C 208 -18.94 -31.96 9.27
C PHE C 208 -17.92 -31.27 8.37
N TRP C 209 -16.84 -31.99 8.05
CA TRP C 209 -15.76 -31.38 7.28
C TRP C 209 -16.25 -30.91 5.91
N LEU C 210 -17.04 -31.74 5.23
CA LEU C 210 -17.60 -31.31 3.94
C LEU C 210 -18.52 -30.12 4.12
N ALA C 211 -19.26 -30.07 5.24
CA ALA C 211 -20.12 -28.92 5.50
C ALA C 211 -19.30 -27.65 5.67
N LYS C 212 -18.18 -27.72 6.39
CA LYS C 212 -17.32 -26.56 6.54
C LYS C 212 -16.75 -26.13 5.20
N ARG C 213 -16.33 -27.10 4.39
CA ARG C 213 -15.79 -26.77 3.07
C ARG C 213 -16.84 -26.09 2.20
N LEU C 214 -18.08 -26.60 2.21
CA LEU C 214 -19.13 -25.98 1.44
C LEU C 214 -19.44 -24.58 1.95
N ALA C 215 -19.42 -24.39 3.27
CA ALA C 215 -19.65 -23.07 3.83
C ALA C 215 -18.58 -22.09 3.37
N LYS C 216 -17.33 -22.53 3.36
CA LYS C 216 -16.25 -21.66 2.88
C LYS C 216 -16.41 -21.37 1.39
N ARG C 217 -16.78 -22.37 0.59
CA ARG C 217 -16.95 -22.16 -0.84
C ARG C 217 -18.07 -21.19 -1.14
N LEU C 218 -19.21 -21.33 -0.44
CA LEU C 218 -20.37 -20.48 -0.69
C LEU C 218 -20.29 -19.15 0.03
N ASN C 219 -19.28 -18.93 0.87
CA ASN C 219 -19.15 -17.69 1.63
C ASN C 219 -20.36 -17.52 2.55
N LEU C 220 -20.71 -18.59 3.27
CA LEU C 220 -21.84 -18.60 4.17
C LEU C 220 -21.39 -19.05 5.55
N VAL C 221 -22.14 -18.63 6.56
CA VAL C 221 -21.83 -18.95 7.95
C VAL C 221 -22.52 -20.27 8.30
N PRO C 222 -21.77 -21.29 8.73
CA PRO C 222 -22.43 -22.54 9.13
C PRO C 222 -23.39 -22.32 10.30
N LYS C 223 -24.51 -23.05 10.27
CA LYS C 223 -25.51 -22.93 11.32
C LYS C 223 -26.20 -24.28 11.48
N GLU C 224 -26.74 -24.51 12.68
CA GLU C 224 -27.44 -25.74 13.00
C GLU C 224 -28.94 -25.57 12.79
N ASP C 225 -29.53 -26.53 12.07
CA ASP C 225 -30.97 -26.47 11.76
C ASP C 225 -31.45 -27.90 11.57
N PRO C 226 -32.06 -28.50 12.59
CA PRO C 226 -32.55 -29.88 12.44
C PRO C 226 -33.60 -30.04 11.36
N SER C 227 -34.43 -29.02 11.12
CA SER C 227 -35.54 -29.12 10.18
C SER C 227 -35.05 -28.90 8.74
N VAL C 228 -34.12 -29.75 8.33
CA VAL C 228 -33.59 -29.76 6.98
C VAL C 228 -33.57 -31.19 6.47
N ALA C 229 -34.16 -31.43 5.30
CA ALA C 229 -34.22 -32.77 4.74
C ALA C 229 -34.44 -32.65 3.24
N ALA C 230 -34.20 -33.76 2.54
CA ALA C 230 -34.34 -33.82 1.09
C ALA C 230 -35.25 -34.98 0.71
N ALA C 231 -35.93 -34.82 -0.43
CA ALA C 231 -36.86 -35.84 -0.89
C ALA C 231 -36.13 -36.98 -1.59
N GLU C 232 -35.41 -36.66 -2.67
CA GLU C 232 -34.66 -37.64 -3.44
C GLU C 232 -33.17 -37.47 -3.16
N CYS C 233 -32.50 -38.57 -2.85
CA CYS C 233 -31.08 -38.58 -2.52
C CYS C 233 -30.37 -39.59 -3.42
N PRO C 234 -29.94 -39.18 -4.61
CA PRO C 234 -29.20 -40.09 -5.48
C PRO C 234 -27.73 -40.20 -5.11
N CYS C 235 -27.39 -39.76 -3.89
CA CYS C 235 -25.98 -39.71 -3.49
C CYS C 235 -25.34 -41.09 -3.53
N LYS C 236 -26.10 -42.13 -3.18
CA LYS C 236 -25.53 -43.48 -3.21
C LYS C 236 -25.15 -43.89 -4.62
N LYS C 237 -26.07 -43.73 -5.57
CA LYS C 237 -25.80 -44.15 -6.94
C LYS C 237 -24.66 -43.34 -7.54
N VAL C 238 -24.65 -42.03 -7.33
CA VAL C 238 -23.58 -41.19 -7.89
C VAL C 238 -22.25 -41.54 -7.23
N TRP C 239 -22.27 -41.88 -5.94
CA TRP C 239 -21.05 -42.32 -5.27
C TRP C 239 -20.52 -43.60 -5.88
N GLU C 240 -21.41 -44.55 -6.17
CA GLU C 240 -20.99 -45.84 -6.72
C GLU C 240 -20.65 -45.76 -8.20
N ALA C 241 -20.99 -44.68 -8.89
CA ALA C 241 -20.73 -44.57 -10.32
C ALA C 241 -19.29 -44.13 -10.59
N SER C 242 -18.94 -44.11 -11.86
CA SER C 242 -17.61 -43.71 -12.32
C SER C 242 -17.73 -42.43 -13.14
N PHE C 243 -16.79 -41.51 -12.93
CA PHE C 243 -16.81 -40.20 -13.58
C PHE C 243 -15.47 -39.93 -14.23
N ALA C 244 -15.49 -39.10 -15.27
CA ALA C 244 -14.28 -38.68 -15.94
C ALA C 244 -13.59 -37.57 -15.15
N ARG C 245 -12.28 -37.68 -15.02
CA ARG C 245 -11.48 -36.72 -14.27
C ARG C 245 -10.84 -35.75 -15.26
N ALA C 246 -11.32 -34.51 -15.28
CA ALA C 246 -10.72 -33.49 -16.13
C ALA C 246 -9.36 -33.10 -15.57
N PRO C 247 -8.31 -33.00 -16.40
CA PRO C 247 -6.99 -32.68 -15.86
C PRO C 247 -6.84 -31.21 -15.51
N THR C 248 -6.89 -30.90 -14.22
CA THR C 248 -6.77 -29.53 -13.74
C THR C 248 -6.25 -29.54 -12.32
N ALA C 249 -5.55 -28.48 -11.95
CA ALA C 249 -5.13 -28.32 -10.57
C ALA C 249 -6.34 -28.00 -9.69
N LEU C 250 -6.21 -28.31 -8.40
CA LEU C 250 -7.31 -28.07 -7.48
C LEU C 250 -7.65 -26.58 -7.44
N ASP C 251 -8.94 -26.28 -7.32
CA ASP C 251 -9.37 -24.90 -7.18
C ASP C 251 -8.87 -24.34 -5.85
N PRO C 252 -8.77 -23.01 -5.74
CA PRO C 252 -8.28 -22.41 -4.48
C PRO C 252 -8.96 -22.97 -3.25
N PHE C 253 -10.17 -23.51 -3.42
CA PHE C 253 -10.88 -24.14 -2.32
C PHE C 253 -10.42 -25.56 -2.05
N GLY C 254 -9.59 -26.14 -2.90
CA GLY C 254 -9.06 -27.46 -2.66
C GLY C 254 -9.89 -28.61 -3.21
N GLY C 255 -10.80 -28.33 -4.16
CA GLY C 255 -11.63 -29.36 -4.74
C GLY C 255 -11.61 -29.29 -6.26
N ARG C 256 -12.11 -30.35 -6.88
CA ARG C 256 -12.18 -30.46 -8.33
C ARG C 256 -13.62 -30.73 -8.75
N ALA C 257 -14.02 -30.15 -9.87
CA ALA C 257 -15.37 -30.31 -10.38
C ALA C 257 -15.47 -31.60 -11.18
N PHE C 258 -16.51 -32.40 -10.88
CA PHE C 258 -16.75 -33.65 -11.59
C PHE C 258 -18.09 -33.69 -12.31
N CYS C 259 -19.03 -32.81 -11.97
CA CYS C 259 -20.32 -32.74 -12.63
C CYS C 259 -20.93 -31.38 -12.32
N ASP C 260 -22.10 -31.12 -12.92
CA ASP C 260 -22.75 -29.82 -12.75
C ASP C 260 -22.95 -29.51 -11.28
N GLN C 261 -22.29 -28.44 -10.82
CA GLN C 261 -22.39 -28.01 -9.43
C GLN C 261 -22.03 -29.15 -8.47
N GLY C 262 -20.97 -29.88 -8.80
CA GLY C 262 -20.48 -30.94 -7.94
C GLY C 262 -18.98 -30.90 -7.79
N TRP C 263 -18.49 -30.89 -6.54
CA TRP C 263 -17.08 -30.76 -6.25
C TRP C 263 -16.63 -31.87 -5.32
N VAL C 264 -15.51 -32.52 -5.67
CA VAL C 264 -14.92 -33.59 -4.86
C VAL C 264 -13.84 -32.99 -3.97
N TYR C 265 -13.79 -33.45 -2.73
CA TYR C 265 -12.85 -32.95 -1.73
C TYR C 265 -12.10 -34.11 -1.10
N HIS C 266 -10.87 -33.84 -0.68
CA HIS C 266 -10.02 -34.81 -0.02
C HIS C 266 -9.89 -34.43 1.45
N ARG C 267 -10.03 -35.43 2.33
CA ARG C 267 -10.00 -35.15 3.76
C ARG C 267 -8.67 -34.56 4.20
N ASP C 268 -7.56 -35.12 3.72
CA ASP C 268 -6.25 -34.71 4.19
C ASP C 268 -5.78 -33.39 3.60
N VAL C 269 -6.24 -33.04 2.40
CA VAL C 269 -5.80 -31.83 1.71
C VAL C 269 -6.72 -30.69 2.09
N GLY C 270 -6.15 -29.66 2.72
CA GLY C 270 -6.92 -28.51 3.17
C GLY C 270 -7.21 -27.51 2.07
N TYR C 271 -6.16 -26.95 1.49
CA TYR C 271 -6.31 -25.96 0.42
C TYR C 271 -5.25 -26.22 -0.64
N ALA C 272 -5.55 -25.80 -1.86
CA ALA C 272 -4.62 -25.97 -2.97
C ALA C 272 -3.33 -25.19 -2.69
N THR C 273 -2.20 -25.83 -2.95
CA THR C 273 -0.89 -25.24 -2.74
C THR C 273 -0.24 -24.73 -4.02
N ALA C 274 -0.83 -25.05 -5.18
CA ALA C 274 -0.30 -24.62 -6.47
C ALA C 274 -1.26 -23.62 -7.11
N ASN C 275 -0.69 -22.69 -7.88
CA ASN C 275 -1.50 -21.70 -8.56
C ASN C 275 -2.53 -22.38 -9.47
N HIS C 276 -3.81 -22.24 -9.13
CA HIS C 276 -4.84 -22.92 -9.88
C HIS C 276 -4.89 -22.42 -11.32
N ILE C 277 -4.82 -21.11 -11.52
CA ILE C 277 -4.95 -20.48 -12.83
C ILE C 277 -3.59 -19.93 -13.24
N SER C 278 -3.15 -20.29 -14.45
CA SER C 278 -1.89 -19.80 -15.00
C SER C 278 -2.09 -19.58 -16.49
N GLN C 279 -1.04 -19.04 -17.13
CA GLN C 279 -1.14 -18.75 -18.56
C GLN C 279 -1.33 -20.03 -19.37
N GLU C 280 -0.62 -21.10 -19.01
CA GLU C 280 -0.67 -22.32 -19.78
C GLU C 280 -1.85 -23.22 -19.43
N THR C 281 -2.63 -22.87 -18.40
CA THR C 281 -3.75 -23.69 -17.97
C THR C 281 -5.06 -22.93 -17.90
N LEU C 282 -5.08 -21.63 -18.21
CA LEU C 282 -6.32 -20.87 -18.12
C LEU C 282 -7.37 -21.42 -19.07
N PHE C 283 -6.98 -21.68 -20.32
CA PHE C 283 -7.95 -22.11 -21.32
C PHE C 283 -8.38 -23.56 -21.09
N GLN C 284 -7.45 -24.42 -20.65
CA GLN C 284 -7.85 -25.77 -20.28
C GLN C 284 -8.81 -25.75 -19.11
N GLN C 285 -8.57 -24.88 -18.12
CA GLN C 285 -9.49 -24.74 -17.01
C GLN C 285 -10.86 -24.28 -17.50
N ALA C 286 -10.88 -23.31 -18.42
CA ALA C 286 -12.15 -22.85 -18.97
C ALA C 286 -12.90 -23.98 -19.67
N LEU C 287 -12.18 -24.77 -20.47
CA LEU C 287 -12.83 -25.87 -21.18
C LEU C 287 -13.36 -26.91 -20.21
N SER C 288 -12.63 -27.18 -19.12
CA SER C 288 -13.05 -28.22 -18.19
C SER C 288 -14.37 -27.88 -17.51
N VAL C 289 -14.62 -26.59 -17.26
CA VAL C 289 -15.85 -26.16 -16.57
C VAL C 289 -16.82 -25.60 -17.60
N ARG C 290 -16.70 -26.07 -18.84
CA ARG C 290 -17.52 -25.53 -19.93
C ARG C 290 -19.00 -25.52 -19.55
N ASN C 291 -19.49 -26.63 -19.01
CA ASN C 291 -20.90 -26.79 -18.66
C ASN C 291 -21.05 -27.39 -17.27
N LEU C 292 -20.31 -26.84 -16.31
CA LEU C 292 -20.39 -27.27 -14.92
C LEU C 292 -20.88 -26.17 -14.00
N GLY C 293 -21.61 -25.19 -14.54
CA GLY C 293 -22.17 -24.13 -13.74
C GLY C 293 -21.09 -23.23 -13.18
N PRO C 294 -21.49 -22.25 -12.36
CA PRO C 294 -20.48 -21.37 -11.75
C PRO C 294 -19.52 -22.15 -10.88
N GLN C 295 -18.26 -21.74 -10.91
CA GLN C 295 -17.21 -22.37 -10.11
C GLN C 295 -16.60 -21.42 -9.10
N GLY C 296 -16.42 -20.15 -9.45
CA GLY C 296 -15.86 -19.19 -8.50
C GLY C 296 -14.46 -19.54 -8.05
N SER C 297 -13.61 -19.97 -8.98
CA SER C 297 -12.24 -20.36 -8.67
C SER C 297 -11.22 -19.32 -9.11
N ALA C 298 -11.61 -18.35 -9.94
CA ALA C 298 -10.69 -17.34 -10.45
C ALA C 298 -11.23 -15.96 -10.12
N ASN C 299 -10.44 -15.19 -9.36
CA ASN C 299 -10.79 -13.81 -9.06
C ASN C 299 -10.53 -12.94 -10.28
N VAL C 300 -11.52 -12.13 -10.65
CA VAL C 300 -11.42 -11.23 -11.78
C VAL C 300 -11.32 -9.80 -11.25
N SER C 301 -10.34 -9.05 -11.74
CA SER C 301 -10.12 -7.70 -11.26
C SER C 301 -11.27 -6.81 -11.71
N GLY C 302 -11.79 -6.01 -10.77
CA GLY C 302 -12.89 -5.12 -11.07
C GLY C 302 -14.23 -5.67 -10.65
N SER C 303 -15.24 -5.48 -11.50
CA SER C 303 -16.60 -5.92 -11.22
C SER C 303 -16.89 -7.22 -11.95
N ILE C 304 -17.43 -8.20 -11.23
CA ILE C 304 -17.78 -9.48 -11.86
C ILE C 304 -18.93 -9.28 -12.85
N HIS C 305 -19.86 -8.37 -12.53
CA HIS C 305 -20.96 -8.11 -13.45
C HIS C 305 -20.45 -7.54 -14.77
N THR C 306 -19.49 -6.62 -14.72
CA THR C 306 -18.92 -6.07 -15.95
C THR C 306 -18.19 -7.14 -16.74
N ALA C 307 -17.43 -8.00 -16.06
CA ALA C 307 -16.74 -9.08 -16.75
C ALA C 307 -17.73 -10.00 -17.44
N LEU C 308 -18.82 -10.34 -16.76
CA LEU C 308 -19.83 -11.20 -17.37
C LEU C 308 -20.51 -10.50 -18.53
N ASP C 309 -20.73 -9.19 -18.42
CA ASP C 309 -21.31 -8.45 -19.53
C ASP C 309 -20.40 -8.48 -20.76
N ARG C 310 -19.11 -8.27 -20.55
CA ARG C 310 -18.17 -8.35 -21.68
C ARG C 310 -18.13 -9.75 -22.25
N LEU C 311 -18.15 -10.77 -21.39
CA LEU C 311 -18.15 -12.14 -21.87
C LEU C 311 -19.39 -12.44 -22.69
N ARG C 312 -20.55 -11.95 -22.25
CA ARG C 312 -21.78 -12.14 -23.02
C ARG C 312 -21.72 -11.41 -24.35
N ALA C 313 -21.21 -10.18 -24.35
CA ALA C 313 -21.12 -9.42 -25.59
C ALA C 313 -20.22 -10.13 -26.59
N ALA C 314 -19.08 -10.64 -26.13
CA ALA C 314 -18.23 -11.45 -27.01
C ALA C 314 -18.92 -12.76 -27.38
N TYR C 315 -19.84 -13.22 -26.55
CA TYR C 315 -20.54 -14.47 -26.80
C TYR C 315 -21.60 -14.34 -27.88
N SER C 316 -22.02 -13.11 -28.19
CA SER C 316 -23.06 -12.92 -29.20
C SER C 316 -22.62 -13.45 -30.55
N ARG C 317 -21.35 -13.23 -30.91
CA ARG C 317 -20.80 -13.70 -32.17
C ARG C 317 -19.63 -14.62 -31.88
N GLY C 318 -19.32 -15.48 -32.83
CA GLY C 318 -18.18 -16.37 -32.72
C GLY C 318 -18.56 -17.81 -33.01
N THR C 319 -17.55 -18.63 -33.26
CA THR C 319 -17.77 -20.03 -33.56
C THR C 319 -18.15 -20.80 -32.29
N PRO C 320 -18.72 -21.99 -32.44
CA PRO C 320 -19.14 -22.73 -31.24
C PRO C 320 -18.02 -22.96 -30.25
N ALA C 321 -16.80 -23.23 -30.71
CA ALA C 321 -15.68 -23.41 -29.79
C ALA C 321 -15.41 -22.15 -29.00
N SER C 322 -15.45 -20.99 -29.66
CA SER C 322 -15.25 -19.73 -28.96
C SER C 322 -16.35 -19.50 -27.93
N ARG C 323 -17.60 -19.82 -28.28
CA ARG C 323 -18.69 -19.69 -27.33
C ARG C 323 -18.47 -20.59 -26.12
N SER C 324 -18.01 -21.82 -26.36
CA SER C 324 -17.73 -22.73 -25.26
C SER C 324 -16.62 -22.19 -24.36
N ILE C 325 -15.56 -21.64 -24.96
CA ILE C 325 -14.47 -21.08 -24.16
C ILE C 325 -14.96 -19.92 -23.31
N LEU C 326 -15.77 -19.04 -23.90
CA LEU C 326 -16.29 -17.90 -23.16
C LEU C 326 -17.21 -18.35 -22.04
N GLN C 327 -18.04 -19.36 -22.30
CA GLN C 327 -18.91 -19.89 -21.25
C GLN C 327 -18.08 -20.48 -20.11
N GLY C 328 -17.00 -21.19 -20.46
CA GLY C 328 -16.12 -21.72 -19.42
C GLY C 328 -15.47 -20.63 -18.60
N LEU C 329 -15.02 -19.57 -19.24
CA LEU C 329 -14.44 -18.45 -18.49
C LEU C 329 -15.47 -17.82 -17.57
N ALA C 330 -16.69 -17.62 -18.07
CA ALA C 330 -17.74 -17.07 -17.23
C ALA C 330 -18.03 -17.96 -16.04
N ASN C 331 -18.05 -19.27 -16.25
CA ASN C 331 -18.22 -20.20 -15.13
C ASN C 331 -17.06 -20.07 -14.14
N LEU C 332 -15.84 -19.93 -14.65
CA LEU C 332 -14.68 -19.81 -13.77
C LEU C 332 -14.79 -18.58 -12.88
N ILE C 333 -15.18 -17.44 -13.45
CA ILE C 333 -15.13 -16.20 -12.68
C ILE C 333 -16.34 -15.98 -11.79
N THR C 334 -17.47 -16.66 -12.06
CA THR C 334 -18.69 -16.40 -11.32
C THR C 334 -18.69 -17.16 -10.00
N PRO C 335 -18.89 -16.49 -8.85
CA PRO C 335 -19.01 -17.23 -7.59
C PRO C 335 -20.21 -18.15 -7.59
N VAL C 336 -20.23 -19.05 -6.61
CA VAL C 336 -21.29 -20.05 -6.47
C VAL C 336 -22.29 -19.58 -5.42
N GLY C 337 -23.57 -19.62 -5.77
CA GLY C 337 -24.63 -19.33 -4.82
C GLY C 337 -25.03 -17.87 -4.74
N GLU C 338 -24.31 -16.97 -5.40
CA GLU C 338 -24.64 -15.56 -5.39
C GLU C 338 -25.57 -15.23 -6.56
N ASN C 339 -26.14 -14.02 -6.50
CA ASN C 339 -27.11 -13.58 -7.51
C ASN C 339 -26.36 -13.16 -8.78
N PHE C 340 -25.77 -14.17 -9.42
CA PHE C 340 -25.03 -13.98 -10.67
C PHE C 340 -25.60 -14.90 -11.75
N GLU C 341 -25.74 -14.35 -12.94
CA GLU C 341 -26.20 -15.11 -14.11
C GLU C 341 -24.98 -15.47 -14.94
N CYS C 342 -24.29 -16.53 -14.52
CA CYS C 342 -23.08 -16.94 -15.24
C CYS C 342 -23.43 -17.51 -16.60
N ASP C 343 -24.56 -18.19 -16.72
CA ASP C 343 -24.96 -18.79 -17.99
C ASP C 343 -25.12 -17.70 -19.04
N LEU C 344 -24.25 -17.69 -20.05
CA LEU C 344 -24.29 -16.64 -21.05
C LEU C 344 -25.48 -16.77 -21.99
N ASP C 345 -26.04 -17.97 -22.16
CA ASP C 345 -27.21 -18.12 -23.00
C ASP C 345 -28.39 -17.35 -22.43
N LYS C 346 -28.59 -17.42 -21.11
CA LYS C 346 -29.69 -16.71 -20.47
C LYS C 346 -29.36 -15.26 -20.13
N ARG C 347 -28.09 -14.87 -20.20
CA ARG C 347 -27.72 -13.50 -19.85
C ARG C 347 -28.30 -12.51 -20.85
N LYS C 348 -28.83 -11.41 -20.33
CA LYS C 348 -29.38 -10.37 -21.19
C LYS C 348 -28.24 -9.57 -21.82
N LEU C 349 -28.28 -9.43 -23.14
CA LEU C 349 -27.24 -8.69 -23.86
C LEU C 349 -27.22 -7.24 -23.39
N ASN C 350 -26.01 -6.73 -23.15
CA ASN C 350 -25.80 -5.36 -22.70
C ASN C 350 -25.18 -4.56 -23.85
N ILE C 351 -25.97 -3.66 -24.43
CA ILE C 351 -25.47 -2.88 -25.57
C ILE C 351 -24.33 -1.97 -25.14
N LYS C 352 -24.41 -1.42 -23.92
CA LYS C 352 -23.37 -0.49 -23.47
C LYS C 352 -22.02 -1.19 -23.42
N ALA C 353 -21.98 -2.42 -22.94
CA ALA C 353 -20.75 -3.21 -22.97
C ALA C 353 -20.47 -3.80 -24.34
N LEU C 354 -21.40 -3.66 -25.29
CA LEU C 354 -21.23 -4.18 -26.64
C LEU C 354 -20.56 -3.17 -27.56
N ARG C 355 -20.80 -1.87 -27.33
CA ARG C 355 -20.26 -0.85 -28.22
C ARG C 355 -18.77 -0.63 -28.02
N SER C 356 -18.21 -1.10 -26.91
CA SER C 356 -16.78 -0.89 -26.67
C SER C 356 -15.97 -1.56 -27.78
N PRO C 357 -14.90 -0.93 -28.26
CA PRO C 357 -14.16 -1.52 -29.37
C PRO C 357 -13.37 -2.76 -28.98
N GLU C 358 -12.90 -2.86 -27.74
CA GLU C 358 -12.12 -3.99 -27.27
C GLU C 358 -12.68 -4.48 -25.95
N ARG C 359 -12.73 -5.79 -25.78
CA ARG C 359 -13.27 -6.42 -24.57
C ARG C 359 -12.12 -7.13 -23.85
N TYR C 360 -11.59 -6.49 -22.82
CA TYR C 360 -10.51 -7.03 -22.00
C TYR C 360 -11.05 -7.46 -20.66
N ILE C 361 -10.64 -8.64 -20.20
CA ILE C 361 -10.98 -9.11 -18.86
C ILE C 361 -9.71 -9.66 -18.21
N THR C 362 -9.51 -9.32 -16.94
CA THR C 362 -8.31 -9.73 -16.21
C THR C 362 -8.69 -10.87 -15.27
N ILE C 363 -8.25 -12.08 -15.61
CA ILE C 363 -8.49 -13.27 -14.81
C ILE C 363 -7.18 -13.62 -14.11
N GLU C 364 -7.14 -13.46 -12.79
CA GLU C 364 -5.97 -13.78 -11.99
C GLU C 364 -4.73 -13.05 -12.51
N GLY C 365 -4.91 -11.79 -12.89
CA GLY C 365 -3.82 -11.00 -13.41
C GLY C 365 -3.48 -11.22 -14.86
N LEU C 366 -4.21 -12.10 -15.55
CA LEU C 366 -3.99 -12.37 -16.97
C LEU C 366 -5.01 -11.58 -17.78
N VAL C 367 -4.52 -10.69 -18.62
CA VAL C 367 -5.39 -9.83 -19.44
C VAL C 367 -5.70 -10.58 -20.72
N VAL C 368 -6.96 -11.00 -20.87
CA VAL C 368 -7.43 -11.73 -22.03
C VAL C 368 -8.36 -10.83 -22.83
N ASN C 369 -8.10 -10.74 -24.13
CA ASN C 369 -8.95 -9.97 -25.04
C ASN C 369 -9.98 -10.91 -25.63
N LEU C 370 -11.23 -10.78 -25.17
CA LEU C 370 -12.27 -11.68 -25.65
C LEU C 370 -12.50 -11.53 -27.14
N ASP C 371 -12.29 -10.32 -27.67
CA ASP C 371 -12.41 -10.12 -29.12
C ASP C 371 -11.40 -10.97 -29.87
N ASP C 372 -10.17 -11.05 -29.35
CA ASP C 372 -9.17 -11.91 -29.97
C ASP C 372 -9.51 -13.38 -29.80
N VAL C 373 -10.02 -13.75 -28.62
CA VAL C 373 -10.39 -15.14 -28.37
C VAL C 373 -11.46 -15.60 -29.35
N VAL C 374 -12.42 -14.72 -29.64
CA VAL C 374 -13.50 -15.08 -30.55
C VAL C 374 -12.96 -15.42 -31.93
N ARG C 375 -12.03 -14.60 -32.43
CA ARG C 375 -11.47 -14.80 -33.76
C ARG C 375 -10.36 -15.84 -33.79
N GLY C 376 -10.22 -16.64 -32.73
CA GLY C 376 -9.25 -17.71 -32.73
C GLY C 376 -7.81 -17.23 -32.71
N PHE C 377 -7.41 -16.60 -31.60
CA PHE C 377 -6.03 -16.13 -31.44
C PHE C 377 -5.28 -16.90 -30.35
N TYR C 378 -5.85 -16.98 -29.14
CA TYR C 378 -5.15 -17.65 -28.05
C TYR C 378 -5.10 -19.16 -28.23
N LEU C 379 -5.82 -19.72 -29.21
CA LEU C 379 -5.91 -21.16 -29.37
C LEU C 379 -5.51 -21.61 -30.77
N ASP C 380 -5.79 -20.80 -31.78
CA ASP C 380 -5.60 -21.19 -33.18
C ASP C 380 -4.31 -20.63 -33.77
N LYS C 381 -4.16 -19.30 -33.77
CA LYS C 381 -3.02 -18.66 -34.42
C LYS C 381 -2.46 -17.58 -33.50
N ALA C 382 -1.14 -17.43 -33.54
CA ALA C 382 -0.46 -16.45 -32.70
C ALA C 382 -0.57 -15.06 -33.30
N LYS C 383 -0.38 -14.05 -32.44
CA LYS C 383 -0.40 -12.65 -32.84
C LYS C 383 1.03 -12.13 -32.92
N VAL C 384 1.38 -11.53 -34.05
CA VAL C 384 2.74 -11.07 -34.32
C VAL C 384 2.70 -9.56 -34.52
N THR C 385 3.56 -8.84 -33.79
CA THR C 385 3.73 -7.41 -33.96
C THR C 385 5.22 -7.13 -34.10
N VAL C 386 5.58 -6.37 -35.14
CA VAL C 386 6.99 -6.09 -35.42
C VAL C 386 7.45 -4.94 -34.53
N LEU C 387 8.50 -5.19 -33.76
CA LEU C 387 9.04 -4.16 -32.87
C LEU C 387 10.07 -3.28 -33.57
N SER C 388 10.92 -3.87 -34.40
CA SER C 388 11.95 -3.11 -35.10
C SER C 388 12.48 -3.96 -36.25
N ARG C 389 13.23 -3.31 -37.14
CA ARG C 389 13.86 -3.98 -38.27
C ARG C 389 15.34 -4.30 -38.02
N SER C 390 15.84 -4.01 -36.83
CA SER C 390 17.26 -4.19 -36.50
C SER C 390 17.40 -5.28 -35.45
N LYS C 391 18.33 -6.21 -35.67
CA LYS C 391 18.57 -7.27 -34.71
C LYS C 391 19.02 -6.68 -33.37
N TRP C 392 18.45 -7.21 -32.29
CA TRP C 392 18.80 -6.81 -30.94
C TRP C 392 19.69 -7.87 -30.29
N MET C 393 20.49 -7.43 -29.32
CA MET C 393 21.42 -8.33 -28.66
C MET C 393 20.73 -9.13 -27.56
N GLY C 394 21.08 -10.42 -27.48
CA GLY C 394 20.58 -11.26 -26.42
C GLY C 394 19.17 -11.79 -26.59
N TYR C 395 18.71 -11.95 -27.82
CA TYR C 395 17.38 -12.47 -28.11
C TYR C 395 17.48 -13.68 -29.01
N GLU C 396 16.79 -14.76 -28.64
CA GLU C 396 16.86 -16.00 -29.39
C GLU C 396 16.14 -15.88 -30.72
N ASP C 397 16.52 -16.76 -31.65
CA ASP C 397 15.87 -16.80 -32.95
C ASP C 397 14.41 -17.25 -32.81
N LEU C 398 13.60 -16.84 -33.77
CA LEU C 398 12.19 -17.20 -33.77
C LEU C 398 12.03 -18.68 -34.10
N PRO C 399 11.44 -19.50 -33.24
CA PRO C 399 11.21 -20.92 -33.59
C PRO C 399 10.14 -21.05 -34.66
N GLN C 400 9.94 -22.29 -35.09
CA GLN C 400 8.94 -22.56 -36.12
C GLN C 400 7.52 -22.41 -35.57
N LYS C 401 7.32 -22.71 -34.29
CA LYS C 401 6.04 -22.55 -33.62
C LYS C 401 6.30 -21.73 -32.36
N PRO C 402 6.51 -20.42 -32.50
CA PRO C 402 6.99 -19.62 -31.38
C PRO C 402 5.96 -19.56 -30.26
N PRO C 403 6.40 -19.57 -28.99
CA PRO C 403 5.49 -19.21 -27.90
C PRO C 403 5.48 -17.71 -27.67
N ASN C 404 4.76 -17.25 -26.65
CA ASN C 404 4.73 -15.82 -26.34
C ASN C 404 6.13 -15.34 -26.00
N GLY C 405 6.46 -14.14 -26.49
CA GLY C 405 7.73 -13.53 -26.16
C GLY C 405 8.37 -12.78 -27.32
N THR C 406 9.52 -12.17 -27.07
CA THR C 406 10.26 -11.42 -28.09
C THR C 406 11.30 -12.31 -28.73
N PHE C 407 11.29 -12.34 -30.06
CA PHE C 407 12.21 -13.19 -30.82
C PHE C 407 12.71 -12.42 -32.03
N TYR C 408 13.73 -12.99 -32.68
CA TYR C 408 14.30 -12.43 -33.90
C TYR C 408 13.96 -13.36 -35.05
N CYS C 409 13.49 -12.78 -36.16
CA CYS C 409 13.04 -13.53 -37.32
C CYS C 409 13.97 -13.21 -38.49
N ARG C 410 14.58 -14.25 -39.07
CA ARG C 410 15.52 -14.06 -40.15
C ARG C 410 14.85 -14.03 -41.51
N LYS C 411 13.81 -14.85 -41.71
CA LYS C 411 13.11 -14.83 -43.00
C LYS C 411 12.59 -13.44 -43.33
N ARG C 412 12.19 -12.68 -42.31
CA ARG C 412 11.76 -11.30 -42.48
C ARG C 412 12.78 -10.29 -41.98
N LYS C 413 13.81 -10.74 -41.25
CA LYS C 413 14.86 -9.85 -40.76
C LYS C 413 14.28 -8.74 -39.89
N ALA C 414 13.64 -9.14 -38.79
CA ALA C 414 13.00 -8.17 -37.92
C ALA C 414 12.81 -8.78 -36.53
N MET C 415 12.63 -7.92 -35.55
CA MET C 415 12.31 -8.34 -34.19
C MET C 415 10.80 -8.42 -34.04
N LEU C 416 10.30 -9.59 -33.67
CA LEU C 416 8.88 -9.84 -33.50
C LEU C 416 8.57 -10.04 -32.02
N LEU C 417 7.34 -9.72 -31.65
CA LEU C 417 6.82 -9.93 -30.30
C LEU C 417 5.58 -10.80 -30.42
N ILE C 418 5.76 -12.11 -30.34
CA ILE C 418 4.64 -13.03 -30.48
C ILE C 418 3.77 -12.94 -29.24
N SER C 419 2.48 -12.70 -29.44
CA SER C 419 1.52 -12.55 -28.37
C SER C 419 0.32 -13.46 -28.60
N CYS C 420 -0.29 -13.89 -27.50
CA CYS C 420 -1.46 -14.77 -27.57
C CYS C 420 -1.16 -16.01 -28.39
N SER C 421 0.06 -16.52 -28.25
CA SER C 421 0.49 -17.65 -29.05
C SER C 421 -0.23 -18.93 -28.60
N PRO C 422 -0.72 -19.75 -29.52
CA PRO C 422 -1.28 -21.05 -29.09
C PRO C 422 -0.27 -21.91 -28.36
N GLY C 423 1.01 -21.79 -28.69
CA GLY C 423 2.03 -22.60 -28.04
C GLY C 423 2.21 -22.32 -26.57
N THR C 424 1.63 -21.24 -26.05
CA THR C 424 1.71 -20.91 -24.63
C THR C 424 0.43 -21.26 -23.89
N TYR C 425 -0.73 -20.87 -24.43
CA TYR C 425 -2.00 -21.17 -23.79
C TYR C 425 -2.47 -22.59 -24.11
N ALA C 426 -2.65 -22.88 -25.39
CA ALA C 426 -3.09 -24.20 -25.83
C ALA C 426 -1.87 -25.06 -26.17
N LYS C 427 -1.19 -25.49 -25.12
CA LYS C 427 0.03 -26.28 -25.25
C LYS C 427 -0.31 -27.77 -25.30
N LYS C 428 -0.87 -28.19 -26.43
CA LYS C 428 -1.24 -29.58 -26.62
C LYS C 428 0.00 -30.47 -26.65
#